data_7Z4H
#
_entry.id   7Z4H
#
_cell.length_a   1.00
_cell.length_b   1.00
_cell.length_c   1.00
_cell.angle_alpha   90.00
_cell.angle_beta   90.00
_cell.angle_gamma   90.00
#
_symmetry.space_group_name_H-M   'P 1'
#
loop_
_entity.id
_entity.type
_entity.pdbx_description
1 polymer sgRNA
2 polymer 'Target strand of 14-nucleotide complementary DNA substrate'
3 polymer 'Non-target strand of 14-nucleotide complementary DNA substrate'
4 polymer 'CRISPR-associated endonuclease Cas9/Csn1'
#
loop_
_entity_poly.entity_id
_entity_poly.type
_entity_poly.pdbx_seq_one_letter_code
_entity_poly.pdbx_strand_id
1 'polyribonucleotide'
;GGGACGCAUAAAGAUGAGACGCGUUUUAGAGCUAGAAAUAGCAAGUUAAAAUAAGGCUAGUCCGUUAUCAACUUGAAAAA
GUGGCACCGAGUCGGUGCUUUU
;
A
2 'polydeoxyribonucleotide'
;(DC)(DG)(DT)(DG)(DA)(DT)(DT)(DC)(DC)(DA)(DG)(DC)(DG)(DT)(DC)(DT)(DC)(DA)(DT)(DC)
(DT)(DT)(DT)(DA)(DA)(DC)(DA)(DT)(DA)(DG)(DC)(DT)(DC)(DG)
;
C
3 'polydeoxyribonucleotide'
;(DC)(DG)(DA)(DG)(DC)(DT)(DA)(DT)(DG)(DT)(DC)(DG)(DG)(DG)(DA)(DC)(DG)(DC)(DT)(DA)
(DT)(DT)(DA)(DT)(DT)(DG)(DG)(DA)(DA)(DT)(DC)(DA)(DC)(DG)
;
D
4 'polypeptide(L)'
;MDKKYSIGLAIGTNSVGWAVITDEYKVPSKKFKVLGNTDRHSIKKNLIGALLFDSGETAEATRLKRTARRRYTRRKNRIC
YLQEIFSNEMAKVDDSFFHRLEESFLVEEDKKHERHPIFGNIVDEVAYHEKYPTIYHLRKKLVDSTDKADLRLIYLALAH
MIKFRGHFLIEGDLNPDNSDVDKLFIQLVQTYNQLFEENPINASGVDAKAILSARLSKSRRLENLIAQLPGEKKNGLFGN
LIALSLGLTPNFKSNFDLAEDAKLQLSKDTYDDDLDNLLAQIGDQYADLFLAAKNLSDAILLSDILRVNTEITKAPLSAS
MIKRYDEHHQDLTLLKALVRQQLPEKYKEIFFDQSKNGYAGYIDGGASQEEFYKFIKPILEKMDGTEELLVKLNREDLLR
KQRTFDNGSIPHQIHLGELHAILRRQEDFYPFLKDNREKIEKILTFRIPYYVGPLARGNSRFAWMTRKSEETITPWNFEE
VVDKGASAQSFIERMTNFDKNLPNEKVLPKHSLLYEYFTVYNELTKVKYVTEGMRKPAFLSGEQKKAIVDLLFKTNRKVT
VKQLKEDYFKKIECFDSVEISGVEDRFNASLGTYHDLLKIIKDKDFLDNEENEDILEDIVLTLTLFEDREMIEERLKTYA
HLFDDKVMKQLKRRRYTGWGRLSRKLINGIRDKQSGKTILDFLKSDGFANRNFMQLIHDDSLTFKEDIQKAQVSGQGDSL
HEHIANLAGSPAIKKGILQTVKVVDELVKVMGRHKPENIVIEMARENQTTQKGQKNSRERMKRIEEGIKELGSQILKEHP
VENTQLQNEKLYLYYLQNGRDMYVDQELDINRLSDYDVDAIVPQSFLKDDSIDNKVLTRSDKNRGKSDNVPSEEVVKKMK
NYWRQLLNAKLITQRKFDNLTKAERGGLSELDKAGFIKRQLVETRQITKHVAQILDSRMNTKYDENDKLIREVKVITLKS
KLVSDFRKDFQFYKVREINNYHHAHDAYLNAVVGTALIKKYPKLESEFVYGDYKVYDVRKMIAKSEQEIGKATAKYFFYS
NIMNFFKTEITLANGEIRKRPLIETNGETGEIVWDKGRDFATVRKVLSMPQVNIVKKTEVQTGGFSKESILPKRNSDKLI
ARKKDWDPKKYGGFDSPTVAYSVLVVAKVEKGKSKKLKSVKELLGITIMERSSFEKNPIDFLEAKGYKEVKKDLIIKLPK
YSLFELENGRKRMLASAGELQKGNELALPSKYVNFLYLASHYEKLKGSPEDNEQKQLFVEQHKHYLDEIIEQISEFSKRV
ILADANLDKVLSAYNKHRDKPIREQAENIIHLFTLTNLGAPAAFKYFDTTIDRKRYTSTKEVLDATLIHQSITGLYETRI
DLSQLGGD
;
B
#
loop_
_chem_comp.id
_chem_comp.type
_chem_comp.name
_chem_comp.formula
A RNA linking ADENOSINE-5'-MONOPHOSPHATE 'C10 H14 N5 O7 P'
C RNA linking CYTIDINE-5'-MONOPHOSPHATE 'C9 H14 N3 O8 P'
DA DNA linking 2'-DEOXYADENOSINE-5'-MONOPHOSPHATE 'C10 H14 N5 O6 P'
DC DNA linking 2'-DEOXYCYTIDINE-5'-MONOPHOSPHATE 'C9 H14 N3 O7 P'
DG DNA linking 2'-DEOXYGUANOSINE-5'-MONOPHOSPHATE 'C10 H14 N5 O7 P'
DT DNA linking THYMIDINE-5'-MONOPHOSPHATE 'C10 H15 N2 O8 P'
G RNA linking GUANOSINE-5'-MONOPHOSPHATE 'C10 H14 N5 O8 P'
U RNA linking URIDINE-5'-MONOPHOSPHATE 'C9 H13 N2 O9 P'
#
# COMPACT_ATOMS: atom_id res chain seq x y z
N ASP D 2 30.94 33.57 -15.83
CA ASP D 2 30.23 32.60 -15.01
C ASP D 2 30.78 31.19 -15.22
N LYS D 3 30.79 30.41 -14.14
CA LYS D 3 31.26 29.03 -14.19
C LYS D 3 30.06 28.11 -14.31
N LYS D 4 29.94 27.44 -15.45
CA LYS D 4 28.86 26.48 -15.64
C LYS D 4 29.02 25.30 -14.70
N TYR D 5 27.93 24.93 -14.04
CA TYR D 5 27.99 23.91 -13.00
C TYR D 5 26.93 22.83 -13.22
N SER D 6 26.90 21.83 -12.34
CA SER D 6 25.95 20.74 -12.42
C SER D 6 25.45 20.44 -11.02
N ILE D 7 24.20 19.98 -10.94
CA ILE D 7 23.56 19.68 -9.67
C ILE D 7 23.22 18.20 -9.64
N GLY D 8 23.68 17.51 -8.62
CA GLY D 8 23.33 16.11 -8.38
C GLY D 8 22.36 16.01 -7.22
N LEU D 9 21.38 15.12 -7.36
CA LEU D 9 20.34 14.93 -6.36
C LEU D 9 20.09 13.44 -6.13
N ALA D 10 19.86 13.10 -4.86
CA ALA D 10 19.61 11.73 -4.42
C ALA D 10 18.35 11.77 -3.57
N ILE D 11 17.27 11.31 -4.14
CA ILE D 11 15.95 11.37 -3.51
C ILE D 11 15.69 10.09 -2.74
N GLY D 12 15.02 10.22 -1.59
CA GLY D 12 14.70 9.08 -0.76
C GLY D 12 13.51 9.38 0.11
N THR D 13 13.10 8.38 0.89
CA THR D 13 11.89 8.50 1.69
C THR D 13 12.04 9.56 2.77
N ASN D 14 13.18 9.61 3.44
CA ASN D 14 13.38 10.53 4.55
C ASN D 14 14.53 11.50 4.33
N SER D 15 15.08 11.57 3.12
CA SER D 15 16.23 12.41 2.88
C SER D 15 16.27 12.83 1.42
N VAL D 16 16.78 14.04 1.18
CA VAL D 16 17.02 14.55 -0.16
C VAL D 16 18.42 15.12 -0.17
N GLY D 17 19.35 14.42 -0.80
CA GLY D 17 20.72 14.89 -0.89
C GLY D 17 20.94 15.71 -2.15
N TRP D 18 21.66 16.82 -1.98
CA TRP D 18 21.93 17.73 -3.08
C TRP D 18 23.40 18.09 -3.08
N ALA D 19 23.95 18.30 -4.27
CA ALA D 19 25.34 18.68 -4.40
C ALA D 19 25.52 19.53 -5.66
N VAL D 20 26.44 20.48 -5.57
CA VAL D 20 26.77 21.38 -6.67
C VAL D 20 28.23 21.17 -7.03
N ILE D 21 28.49 20.84 -8.29
CA ILE D 21 29.84 20.55 -8.74
C ILE D 21 30.16 21.46 -9.93
N THR D 22 31.32 22.08 -9.89
CA THR D 22 31.85 22.80 -11.05
C THR D 22 32.73 21.85 -11.86
N ASP D 23 33.50 22.40 -12.78
CA ASP D 23 34.49 21.61 -13.51
C ASP D 23 35.45 20.95 -12.53
N GLU D 24 36.11 19.89 -13.00
CA GLU D 24 37.05 19.08 -12.22
C GLU D 24 36.37 18.39 -11.05
N TYR D 25 35.04 18.37 -11.02
CA TYR D 25 34.29 17.68 -9.97
C TYR D 25 34.66 18.21 -8.59
N LYS D 26 34.67 19.54 -8.46
CA LYS D 26 35.04 20.22 -7.23
C LYS D 26 33.84 20.94 -6.66
N VAL D 27 33.58 20.75 -5.37
CA VAL D 27 32.48 21.41 -4.71
C VAL D 27 32.88 22.83 -4.40
N PRO D 28 32.16 23.84 -4.89
CA PRO D 28 32.49 25.22 -4.56
C PRO D 28 32.23 25.51 -3.09
N SER D 29 32.93 26.52 -2.60
CA SER D 29 32.74 27.05 -1.25
C SER D 29 32.48 28.54 -1.35
N LYS D 30 31.32 28.97 -0.88
CA LYS D 30 30.91 30.36 -1.01
C LYS D 30 30.62 30.98 0.35
N LYS D 31 30.79 32.29 0.42
CA LYS D 31 30.46 33.05 1.62
C LYS D 31 29.01 33.53 1.51
N PHE D 32 28.22 33.25 2.55
CA PHE D 32 26.83 33.65 2.58
C PHE D 32 26.58 34.62 3.73
N LYS D 33 25.81 35.67 3.43
CA LYS D 33 25.44 36.64 4.45
C LYS D 33 24.49 36.00 5.47
N VAL D 34 24.64 36.43 6.73
CA VAL D 34 23.83 35.91 7.83
C VAL D 34 22.98 37.05 8.36
N LEU D 35 21.67 36.95 8.16
CA LEU D 35 20.77 37.96 8.69
C LEU D 35 20.54 37.74 10.18
N GLY D 36 19.92 38.73 10.81
CA GLY D 36 19.59 38.68 12.22
C GLY D 36 20.33 39.73 13.00
N ASN D 37 20.23 39.63 14.33
CA ASN D 37 20.79 40.60 15.24
C ASN D 37 22.08 40.10 15.91
N THR D 38 22.69 39.07 15.35
CA THR D 38 23.95 38.57 15.88
C THR D 38 25.10 39.42 15.33
N ASP D 39 26.33 38.96 15.52
CA ASP D 39 27.49 39.70 15.07
C ASP D 39 28.09 39.16 13.77
N ARG D 40 27.80 37.93 13.41
CA ARG D 40 28.31 37.37 12.17
C ARG D 40 27.67 38.07 10.97
N HIS D 41 28.49 38.31 9.94
CA HIS D 41 28.01 38.90 8.70
C HIS D 41 28.24 38.03 7.48
N SER D 42 29.10 37.01 7.57
CA SER D 42 29.38 36.14 6.44
C SER D 42 29.93 34.83 6.97
N ILE D 43 29.40 33.72 6.46
CA ILE D 43 29.81 32.39 6.88
C ILE D 43 30.18 31.58 5.64
N LYS D 44 31.26 30.81 5.74
CA LYS D 44 31.70 29.95 4.66
C LYS D 44 30.86 28.68 4.63
N LYS D 45 30.40 28.31 3.43
CA LYS D 45 29.56 27.12 3.27
C LYS D 45 29.97 26.40 2.00
N ASN D 46 30.11 25.08 2.09
CA ASN D 46 30.25 24.27 0.90
C ASN D 46 28.92 24.10 0.20
N LEU D 47 28.97 23.73 -1.08
CA LEU D 47 27.78 23.61 -1.91
C LEU D 47 27.25 22.19 -1.99
N ILE D 48 27.41 21.40 -0.92
CA ILE D 48 26.88 20.05 -0.85
C ILE D 48 26.18 19.88 0.50
N GLY D 49 25.03 19.23 0.50
CA GLY D 49 24.31 19.02 1.73
C GLY D 49 23.15 18.07 1.54
N ALA D 50 22.32 17.99 2.59
CA ALA D 50 21.15 17.11 2.54
C ALA D 50 20.05 17.72 3.39
N LEU D 51 18.82 17.35 3.05
CA LEU D 51 17.63 17.79 3.76
C LEU D 51 16.96 16.57 4.39
N LEU D 52 16.65 16.68 5.67
CA LEU D 52 16.07 15.59 6.44
C LEU D 52 14.69 15.96 6.93
N PHE D 53 13.76 15.02 6.80
CA PHE D 53 12.36 15.25 7.13
C PHE D 53 11.71 13.92 7.47
N ASP D 54 10.61 13.99 8.20
CA ASP D 54 9.84 12.78 8.48
C ASP D 54 9.15 12.31 7.22
N SER D 55 9.07 10.98 7.07
CA SER D 55 8.45 10.40 5.89
C SER D 55 6.98 10.77 5.80
N GLY D 56 6.50 10.96 4.58
CA GLY D 56 5.10 11.28 4.39
C GLY D 56 4.19 10.14 4.81
N GLU D 57 3.00 10.49 5.24
CA GLU D 57 2.02 9.53 5.73
C GLU D 57 0.85 9.44 4.77
N THR D 58 0.42 8.22 4.48
CA THR D 58 -0.77 8.02 3.67
C THR D 58 -2.01 8.45 4.44
N ALA D 59 -3.04 8.83 3.71
CA ALA D 59 -4.29 9.28 4.32
C ALA D 59 -5.16 8.13 4.82
N GLU D 60 -4.62 6.91 4.84
CA GLU D 60 -5.43 5.75 5.20
C GLU D 60 -5.98 5.86 6.61
N ALA D 61 -5.11 6.25 7.57
CA ALA D 61 -5.57 6.41 8.93
C ALA D 61 -6.62 7.50 9.04
N THR D 62 -6.42 8.62 8.33
CA THR D 62 -7.40 9.69 8.35
C THR D 62 -8.71 9.23 7.72
N ARG D 63 -8.64 8.45 6.64
CA ARG D 63 -9.86 7.93 6.04
C ARG D 63 -10.61 7.02 7.00
N LEU D 64 -9.89 6.17 7.72
CA LEU D 64 -10.53 5.31 8.70
C LEU D 64 -11.18 6.13 9.81
N LYS D 65 -10.49 7.16 10.30
CA LYS D 65 -11.07 8.00 11.34
C LYS D 65 -12.31 8.72 10.85
N ARG D 66 -12.28 9.20 9.61
CA ARG D 66 -13.43 9.90 9.04
C ARG D 66 -14.63 8.96 8.91
N THR D 67 -14.39 7.74 8.41
CA THR D 67 -15.47 6.76 8.32
C THR D 67 -16.01 6.41 9.70
N ALA D 68 -15.13 6.30 10.70
CA ALA D 68 -15.59 6.00 12.05
C ALA D 68 -16.48 7.12 12.59
N ARG D 69 -16.09 8.38 12.35
CA ARG D 69 -16.92 9.49 12.78
C ARG D 69 -18.28 9.45 12.10
N ARG D 70 -18.31 9.16 10.80
CA ARG D 70 -19.59 9.08 10.11
C ARG D 70 -20.45 7.96 10.67
N ARG D 71 -19.84 6.80 10.96
CA ARG D 71 -20.60 5.69 11.51
C ARG D 71 -21.19 6.04 12.87
N TYR D 72 -20.40 6.70 13.72
CA TYR D 72 -20.91 7.06 15.04
C TYR D 72 -22.02 8.10 14.94
N THR D 73 -21.89 9.06 14.05
CA THR D 73 -22.96 10.05 13.87
C THR D 73 -24.23 9.37 13.37
N ARG D 74 -24.09 8.42 12.45
CA ARG D 74 -25.28 7.75 11.94
C ARG D 74 -25.92 6.85 12.98
N ARG D 75 -25.12 6.21 13.83
CA ARG D 75 -25.69 5.43 14.94
C ARG D 75 -26.44 6.33 15.90
N LYS D 76 -25.86 7.47 16.26
CA LYS D 76 -26.55 8.39 17.16
C LYS D 76 -27.84 8.90 16.54
N ASN D 77 -27.82 9.18 15.24
CA ASN D 77 -29.04 9.61 14.57
C ASN D 77 -30.09 8.50 14.57
N ARG D 78 -29.67 7.25 14.39
CA ARG D 78 -30.61 6.14 14.47
C ARG D 78 -31.26 6.06 15.84
N ILE D 79 -30.46 6.20 16.89
CA ILE D 79 -31.01 6.17 18.24
C ILE D 79 -31.97 7.34 18.44
N CYS D 80 -31.63 8.52 17.89
CA CYS D 80 -32.51 9.67 18.01
C CYS D 80 -33.84 9.42 17.29
N TYR D 81 -33.79 8.80 16.11
CA TYR D 81 -35.02 8.46 15.41
C TYR D 81 -35.87 7.50 16.22
N LEU D 82 -35.24 6.48 16.81
CA LEU D 82 -36.00 5.54 17.63
C LEU D 82 -36.64 6.23 18.82
N GLN D 83 -35.90 7.12 19.49
CA GLN D 83 -36.47 7.86 20.60
C GLN D 83 -37.63 8.74 20.14
N GLU D 84 -37.50 9.37 18.98
CA GLU D 84 -38.57 10.19 18.44
C GLU D 84 -39.81 9.37 18.15
N ILE D 85 -39.63 8.11 17.76
CA ILE D 85 -40.79 7.23 17.57
C ILE D 85 -41.52 7.02 18.89
N PHE D 86 -40.77 6.89 19.98
CA PHE D 86 -41.34 6.59 21.29
C PHE D 86 -41.66 7.85 22.09
N SER D 87 -41.56 9.03 21.49
CA SER D 87 -41.60 10.28 22.26
C SER D 87 -42.87 10.38 23.10
N ASN D 88 -44.03 10.43 22.44
CA ASN D 88 -45.27 10.71 23.15
C ASN D 88 -45.61 9.59 24.14
N GLU D 89 -45.49 8.33 23.70
CA GLU D 89 -45.87 7.23 24.56
C GLU D 89 -44.97 7.11 25.77
N MET D 90 -43.64 7.22 25.57
CA MET D 90 -42.73 7.16 26.70
C MET D 90 -42.96 8.34 27.64
N ALA D 91 -43.19 9.54 27.08
CA ALA D 91 -43.46 10.70 27.91
C ALA D 91 -44.72 10.48 28.75
N LYS D 92 -45.74 9.85 28.18
CA LYS D 92 -46.92 9.50 28.95
C LYS D 92 -46.58 8.50 30.05
N VAL D 93 -45.69 7.55 29.76
CA VAL D 93 -45.34 6.54 30.75
C VAL D 93 -44.29 7.08 31.71
N ASP D 94 -43.11 7.44 31.20
CA ASP D 94 -42.02 7.96 32.02
C ASP D 94 -41.51 9.24 31.38
N ASP D 95 -41.73 10.37 32.05
CA ASP D 95 -41.42 11.67 31.48
C ASP D 95 -39.92 11.83 31.22
N SER D 96 -39.08 11.38 32.16
CA SER D 96 -37.65 11.69 32.12
C SER D 96 -36.81 10.43 31.91
N PHE D 97 -37.42 9.40 31.31
CA PHE D 97 -36.67 8.18 31.01
C PHE D 97 -35.54 8.46 30.03
N PHE D 98 -35.85 9.16 28.95
CA PHE D 98 -34.81 9.53 27.98
C PHE D 98 -33.78 10.44 28.62
N HIS D 99 -34.22 11.37 29.47
CA HIS D 99 -33.27 12.27 30.14
C HIS D 99 -32.33 11.49 31.04
N ARG D 100 -32.85 10.52 31.78
CA ARG D 100 -31.98 9.70 32.61
C ARG D 100 -31.01 8.87 31.77
N LEU D 101 -31.48 8.37 30.62
CA LEU D 101 -30.58 7.64 29.74
C LEU D 101 -29.46 8.53 29.21
N GLU D 102 -29.79 9.79 28.91
CA GLU D 102 -28.80 10.67 28.31
C GLU D 102 -27.69 11.04 29.30
N GLU D 103 -28.05 11.30 30.56
CA GLU D 103 -27.09 11.72 31.57
C GLU D 103 -26.58 10.57 32.41
N SER D 104 -26.62 9.34 31.88
CA SER D 104 -26.16 8.20 32.64
C SER D 104 -24.66 8.24 32.90
N PHE D 105 -23.90 8.93 32.04
CA PHE D 105 -22.45 8.96 32.21
C PHE D 105 -22.01 9.89 33.33
N LEU D 106 -22.78 10.94 33.61
CA LEU D 106 -22.40 11.88 34.65
C LEU D 106 -22.41 11.23 36.02
N VAL D 107 -21.59 11.77 36.93
CA VAL D 107 -21.61 11.31 38.30
C VAL D 107 -22.91 11.74 38.98
N GLU D 108 -23.18 11.14 40.13
CA GLU D 108 -24.42 11.44 40.85
C GLU D 108 -24.50 12.90 41.27
N GLU D 109 -23.35 13.53 41.51
CA GLU D 109 -23.35 14.92 41.93
C GLU D 109 -23.85 15.84 40.82
N ASP D 110 -23.64 15.47 39.56
CA ASP D 110 -24.03 16.31 38.44
C ASP D 110 -25.30 15.85 37.75
N LYS D 111 -25.83 14.67 38.10
CA LYS D 111 -27.10 14.24 37.52
C LYS D 111 -28.23 15.15 37.97
N LYS D 112 -29.11 15.50 37.04
CA LYS D 112 -30.30 16.26 37.35
C LYS D 112 -31.52 15.37 37.60
N HIS D 113 -31.36 14.06 37.49
CA HIS D 113 -32.44 13.12 37.78
C HIS D 113 -31.92 12.01 38.69
N GLU D 114 -32.72 10.96 38.89
CA GLU D 114 -32.28 9.85 39.73
C GLU D 114 -31.15 9.08 39.04
N ARG D 115 -30.26 8.53 39.86
CA ARG D 115 -29.09 7.82 39.33
C ARG D 115 -29.46 6.51 38.66
N HIS D 116 -30.63 5.95 38.94
CA HIS D 116 -31.04 4.70 38.29
C HIS D 116 -31.72 5.04 36.98
N PRO D 117 -31.17 4.66 35.84
CA PRO D 117 -31.72 5.12 34.55
C PRO D 117 -33.07 4.51 34.23
N ILE D 118 -33.16 3.19 34.32
CA ILE D 118 -34.28 2.47 33.70
C ILE D 118 -35.59 2.78 34.40
N PHE D 119 -35.60 2.76 35.73
CA PHE D 119 -36.82 2.94 36.49
C PHE D 119 -36.84 4.15 37.40
N GLY D 120 -35.69 4.75 37.69
CA GLY D 120 -35.67 5.91 38.56
C GLY D 120 -35.78 5.60 40.03
N ASN D 121 -35.63 4.35 40.44
CA ASN D 121 -35.62 4.02 41.85
C ASN D 121 -34.79 2.76 42.07
N ILE D 122 -34.30 2.60 43.30
CA ILE D 122 -33.38 1.51 43.61
C ILE D 122 -34.10 0.16 43.54
N VAL D 123 -35.31 0.08 44.10
CA VAL D 123 -35.98 -1.20 44.26
C VAL D 123 -36.30 -1.81 42.90
N ASP D 124 -36.89 -1.02 42.01
CA ASP D 124 -37.28 -1.55 40.71
C ASP D 124 -36.06 -1.92 39.89
N GLU D 125 -34.99 -1.13 39.97
CA GLU D 125 -33.76 -1.46 39.26
C GLU D 125 -33.20 -2.79 39.74
N VAL D 126 -33.14 -2.99 41.06
CA VAL D 126 -32.63 -4.25 41.59
C VAL D 126 -33.50 -5.41 41.16
N ALA D 127 -34.82 -5.23 41.24
CA ALA D 127 -35.73 -6.31 40.84
C ALA D 127 -35.56 -6.66 39.36
N TYR D 128 -35.43 -5.64 38.51
CA TYR D 128 -35.27 -5.88 37.09
C TYR D 128 -33.97 -6.62 36.80
N HIS D 129 -32.87 -6.17 37.40
CA HIS D 129 -31.59 -6.84 37.13
C HIS D 129 -31.58 -8.25 37.70
N GLU D 130 -32.28 -8.49 38.80
CA GLU D 130 -32.43 -9.85 39.30
C GLU D 130 -33.23 -10.70 38.32
N LYS D 131 -34.30 -10.13 37.75
CA LYS D 131 -35.11 -10.88 36.80
C LYS D 131 -34.36 -11.11 35.49
N TYR D 132 -33.71 -10.07 34.97
CA TYR D 132 -32.96 -10.16 33.71
C TYR D 132 -31.51 -9.84 33.97
N PRO D 133 -30.64 -10.86 34.11
CA PRO D 133 -29.21 -10.57 34.30
C PRO D 133 -28.59 -9.82 33.15
N THR D 134 -29.02 -10.08 31.91
CA THR D 134 -28.49 -9.42 30.74
C THR D 134 -29.65 -8.90 29.88
N ILE D 135 -29.30 -8.08 28.89
CA ILE D 135 -30.32 -7.61 27.97
C ILE D 135 -30.85 -8.75 27.11
N TYR D 136 -30.04 -9.79 26.90
CA TYR D 136 -30.49 -10.91 26.09
C TYR D 136 -31.63 -11.66 26.76
N HIS D 137 -31.62 -11.75 28.10
CA HIS D 137 -32.76 -12.33 28.79
C HIS D 137 -34.02 -11.51 28.53
N LEU D 138 -33.91 -10.19 28.55
CA LEU D 138 -35.06 -9.35 28.24
C LEU D 138 -35.54 -9.58 26.82
N ARG D 139 -34.62 -9.68 25.87
CA ARG D 139 -35.02 -9.91 24.48
C ARG D 139 -35.71 -11.25 24.31
N LYS D 140 -35.17 -12.30 24.92
CA LYS D 140 -35.79 -13.61 24.84
C LYS D 140 -37.16 -13.61 25.48
N LYS D 141 -37.30 -12.95 26.63
CA LYS D 141 -38.60 -12.86 27.29
C LYS D 141 -39.61 -12.13 26.42
N LEU D 142 -39.21 -11.01 25.83
CA LEU D 142 -40.13 -10.26 24.99
C LEU D 142 -40.54 -11.06 23.76
N VAL D 143 -39.61 -11.81 23.18
CA VAL D 143 -39.94 -12.63 22.02
C VAL D 143 -40.91 -13.74 22.41
N ASP D 144 -40.64 -14.42 23.50
CA ASP D 144 -41.42 -15.60 23.84
C ASP D 144 -42.69 -15.25 24.60
N SER D 145 -42.58 -14.46 25.66
CA SER D 145 -43.74 -14.16 26.49
C SER D 145 -44.76 -13.33 25.72
N THR D 146 -46.03 -13.56 26.04
CA THR D 146 -47.13 -12.85 25.40
C THR D 146 -47.76 -11.79 26.28
N ASP D 147 -47.41 -11.76 27.57
CA ASP D 147 -47.95 -10.75 28.47
C ASP D 147 -47.43 -9.38 28.10
N LYS D 148 -48.29 -8.37 28.28
CA LYS D 148 -47.89 -7.00 28.03
C LYS D 148 -46.76 -6.60 28.96
N ALA D 149 -45.73 -5.98 28.39
CA ALA D 149 -44.56 -5.55 29.14
C ALA D 149 -44.50 -4.04 29.20
N ASP D 150 -43.71 -3.53 30.14
CA ASP D 150 -43.51 -2.09 30.25
C ASP D 150 -42.85 -1.57 28.98
N LEU D 151 -43.25 -0.36 28.59
CA LEU D 151 -42.72 0.23 27.36
C LEU D 151 -41.22 0.45 27.45
N ARG D 152 -40.69 0.71 28.66
CA ARG D 152 -39.27 0.95 28.81
C ARG D 152 -38.44 -0.27 28.44
N LEU D 153 -38.88 -1.45 28.84
CA LEU D 153 -38.16 -2.67 28.47
C LEU D 153 -38.18 -2.87 26.96
N ILE D 154 -39.32 -2.63 26.33
CA ILE D 154 -39.42 -2.75 24.88
C ILE D 154 -38.45 -1.78 24.21
N TYR D 155 -38.41 -0.55 24.69
CA TYR D 155 -37.49 0.43 24.12
C TYR D 155 -36.05 -0.01 24.30
N LEU D 156 -35.71 -0.54 25.48
CA LEU D 156 -34.34 -0.97 25.71
C LEU D 156 -33.95 -2.10 24.76
N ALA D 157 -34.85 -3.07 24.57
CA ALA D 157 -34.55 -4.17 23.65
C ALA D 157 -34.37 -3.65 22.23
N LEU D 158 -35.28 -2.77 21.79
CA LEU D 158 -35.18 -2.24 20.43
C LEU D 158 -33.93 -1.41 20.25
N ALA D 159 -33.56 -0.63 21.26
CA ALA D 159 -32.35 0.17 21.18
C ALA D 159 -31.10 -0.71 21.12
N HIS D 160 -31.08 -1.78 21.91
CA HIS D 160 -29.95 -2.69 21.84
C HIS D 160 -29.86 -3.38 20.49
N MET D 161 -31.00 -3.67 19.86
CA MET D 161 -30.97 -4.27 18.54
C MET D 161 -30.50 -3.27 17.49
N ILE D 162 -31.01 -2.04 17.54
CA ILE D 162 -30.69 -1.04 16.53
C ILE D 162 -29.24 -0.61 16.63
N LYS D 163 -28.78 -0.33 17.85
CA LYS D 163 -27.43 0.19 18.04
C LYS D 163 -26.39 -0.81 17.56
N PHE D 164 -26.62 -2.09 17.82
CA PHE D 164 -25.73 -3.17 17.40
C PHE D 164 -26.55 -4.12 16.54
N ARG D 165 -26.44 -4.00 15.22
CA ARG D 165 -27.30 -4.74 14.31
C ARG D 165 -26.58 -5.80 13.50
N GLY D 166 -25.27 -5.94 13.64
CA GLY D 166 -24.54 -6.94 12.88
C GLY D 166 -24.26 -6.49 11.46
N HIS D 167 -23.52 -7.33 10.74
CA HIS D 167 -23.10 -6.97 9.40
C HIS D 167 -24.21 -7.24 8.39
N PHE D 168 -24.01 -6.72 7.17
CA PHE D 168 -24.95 -6.88 6.07
C PHE D 168 -24.36 -7.72 4.95
N LEU D 169 -23.40 -8.58 5.26
CA LEU D 169 -22.71 -9.34 4.23
C LEU D 169 -23.59 -10.40 3.58
N ILE D 170 -24.77 -10.67 4.14
CA ILE D 170 -25.72 -11.61 3.57
C ILE D 170 -27.00 -10.83 3.25
N GLU D 171 -27.46 -10.93 2.01
CA GLU D 171 -28.63 -10.21 1.56
C GLU D 171 -29.78 -11.18 1.30
N GLY D 172 -31.00 -10.66 1.43
CA GLY D 172 -32.20 -11.47 1.30
C GLY D 172 -32.73 -11.92 2.64
N ASP D 173 -33.50 -13.00 2.66
CA ASP D 173 -34.08 -13.54 3.87
C ASP D 173 -33.31 -14.78 4.30
N LEU D 174 -32.93 -14.83 5.58
CA LEU D 174 -32.09 -15.91 6.07
C LEU D 174 -32.88 -17.06 6.68
N ASN D 175 -34.11 -16.81 7.15
CA ASN D 175 -34.94 -17.85 7.75
C ASN D 175 -34.21 -18.57 8.87
N PRO D 176 -34.04 -17.93 10.04
CA PRO D 176 -33.25 -18.55 11.11
C PRO D 176 -33.82 -19.87 11.60
N ASP D 177 -35.11 -20.14 11.37
CA ASP D 177 -35.69 -21.41 11.76
C ASP D 177 -35.05 -22.59 11.06
N ASN D 178 -34.50 -22.38 9.86
CA ASN D 178 -33.85 -23.45 9.10
C ASN D 178 -32.43 -23.64 9.63
N SER D 179 -32.35 -24.24 10.82
CA SER D 179 -31.09 -24.48 11.49
C SER D 179 -30.71 -25.96 11.52
N ASP D 180 -31.32 -26.77 10.66
CA ASP D 180 -31.03 -28.21 10.60
C ASP D 180 -29.76 -28.40 9.79
N VAL D 181 -28.64 -28.61 10.47
CA VAL D 181 -27.37 -28.77 9.77
C VAL D 181 -27.35 -30.05 8.96
N ASP D 182 -27.96 -31.12 9.47
CA ASP D 182 -27.98 -32.41 8.80
C ASP D 182 -29.32 -32.75 8.17
N LYS D 183 -30.43 -32.41 8.84
CA LYS D 183 -31.75 -32.74 8.30
C LYS D 183 -31.99 -32.05 6.97
N LEU D 184 -31.61 -30.77 6.86
CA LEU D 184 -31.70 -30.09 5.58
C LEU D 184 -30.77 -30.73 4.56
N PHE D 185 -29.57 -31.13 4.99
CA PHE D 185 -28.65 -31.83 4.11
C PHE D 185 -29.26 -33.14 3.62
N ILE D 186 -29.91 -33.88 4.53
CA ILE D 186 -30.54 -35.14 4.14
C ILE D 186 -31.67 -34.89 3.16
N GLN D 187 -32.47 -33.84 3.39
CA GLN D 187 -33.54 -33.52 2.47
C GLN D 187 -33.00 -33.14 1.09
N LEU D 188 -31.91 -32.37 1.06
CA LEU D 188 -31.28 -32.02 -0.21
C LEU D 188 -30.78 -33.26 -0.94
N VAL D 189 -30.16 -34.18 -0.21
CA VAL D 189 -29.67 -35.42 -0.82
C VAL D 189 -30.83 -36.23 -1.37
N GLN D 190 -31.94 -36.30 -0.61
CA GLN D 190 -33.11 -37.05 -1.07
C GLN D 190 -33.69 -36.44 -2.34
N THR D 191 -33.79 -35.12 -2.38
CA THR D 191 -34.30 -34.45 -3.58
C THR D 191 -33.38 -34.71 -4.78
N TYR D 192 -32.07 -34.62 -4.57
CA TYR D 192 -31.13 -34.87 -5.66
C TYR D 192 -31.26 -36.31 -6.15
N ASN D 193 -31.40 -37.26 -5.23
CA ASN D 193 -31.56 -38.65 -5.63
C ASN D 193 -32.86 -38.86 -6.39
N GLN D 194 -33.94 -38.20 -5.97
CA GLN D 194 -35.19 -38.30 -6.70
C GLN D 194 -35.04 -37.75 -8.11
N LEU D 195 -34.34 -36.62 -8.26
CA LEU D 195 -34.10 -36.08 -9.59
C LEU D 195 -33.09 -36.91 -10.37
N PHE D 196 -32.22 -37.65 -9.67
CA PHE D 196 -31.13 -38.40 -10.30
C PHE D 196 -31.12 -39.84 -9.80
N GLU D 197 -32.28 -40.50 -9.90
CA GLU D 197 -32.39 -41.89 -9.46
C GLU D 197 -31.41 -42.79 -10.17
N GLU D 198 -31.00 -42.42 -11.39
CA GLU D 198 -30.00 -43.21 -12.10
C GLU D 198 -28.63 -43.14 -11.42
N ASN D 199 -28.34 -42.03 -10.75
CA ASN D 199 -27.06 -41.84 -10.07
C ASN D 199 -27.31 -41.46 -8.61
N PRO D 200 -27.63 -42.42 -7.77
CA PRO D 200 -27.83 -42.12 -6.35
C PRO D 200 -26.50 -41.83 -5.65
N ILE D 201 -26.60 -41.19 -4.50
CA ILE D 201 -25.44 -40.81 -3.71
C ILE D 201 -25.56 -41.49 -2.34
N ASN D 202 -24.48 -42.15 -1.93
CA ASN D 202 -24.44 -42.83 -0.64
C ASN D 202 -24.08 -41.82 0.43
N ALA D 203 -25.09 -41.28 1.10
CA ALA D 203 -24.89 -40.30 2.15
C ALA D 203 -24.79 -40.93 3.53
N SER D 204 -24.90 -42.25 3.62
CA SER D 204 -24.81 -42.93 4.90
C SER D 204 -23.37 -42.98 5.40
N GLY D 205 -23.20 -42.83 6.70
CA GLY D 205 -21.88 -42.87 7.32
C GLY D 205 -21.11 -41.57 7.27
N VAL D 206 -21.71 -40.49 6.77
CA VAL D 206 -21.06 -39.20 6.66
C VAL D 206 -21.77 -38.22 7.59
N ASP D 207 -21.02 -37.60 8.49
CA ASP D 207 -21.57 -36.63 9.43
C ASP D 207 -21.58 -35.26 8.75
N ALA D 208 -22.77 -34.82 8.35
CA ALA D 208 -22.89 -33.50 7.72
C ALA D 208 -22.53 -32.39 8.69
N LYS D 209 -22.96 -32.51 9.95
CA LYS D 209 -22.75 -31.44 10.92
C LYS D 209 -21.27 -31.19 11.15
N ALA D 210 -20.50 -32.24 11.44
CA ALA D 210 -19.10 -32.06 11.76
C ALA D 210 -18.31 -31.50 10.57
N ILE D 211 -18.59 -32.01 9.37
CA ILE D 211 -17.83 -31.57 8.20
C ILE D 211 -18.20 -30.15 7.82
N LEU D 212 -19.50 -29.83 7.81
CA LEU D 212 -19.92 -28.53 7.32
C LEU D 212 -19.77 -27.43 8.36
N SER D 213 -19.91 -27.76 9.64
CA SER D 213 -19.80 -26.78 10.71
C SER D 213 -18.41 -26.74 11.32
N ALA D 214 -17.43 -27.37 10.69
CA ALA D 214 -16.06 -27.32 11.18
C ALA D 214 -15.51 -25.90 11.08
N ARG D 215 -14.65 -25.55 12.03
CA ARG D 215 -14.04 -24.22 12.08
C ARG D 215 -12.84 -24.17 11.12
N LEU D 216 -13.12 -24.49 9.86
CA LEU D 216 -12.08 -24.59 8.83
C LEU D 216 -12.55 -23.85 7.59
N SER D 217 -11.67 -23.79 6.58
CA SER D 217 -12.00 -23.12 5.34
C SER D 217 -13.03 -23.89 4.55
N LYS D 218 -13.72 -23.18 3.66
CA LYS D 218 -14.77 -23.80 2.85
C LYS D 218 -14.21 -24.89 1.96
N SER D 219 -13.06 -24.64 1.32
CA SER D 219 -12.47 -25.62 0.43
C SER D 219 -12.06 -26.88 1.18
N ARG D 220 -11.46 -26.72 2.37
CA ARG D 220 -11.04 -27.88 3.15
C ARG D 220 -12.23 -28.73 3.56
N ARG D 221 -13.31 -28.10 4.02
CA ARG D 221 -14.50 -28.86 4.41
C ARG D 221 -15.16 -29.51 3.21
N LEU D 222 -15.16 -28.83 2.06
CA LEU D 222 -15.68 -29.43 0.84
C LEU D 222 -14.88 -30.66 0.45
N GLU D 223 -13.55 -30.57 0.52
CA GLU D 223 -12.72 -31.73 0.20
C GLU D 223 -12.94 -32.86 1.19
N ASN D 224 -13.13 -32.54 2.47
CA ASN D 224 -13.42 -33.56 3.46
C ASN D 224 -14.74 -34.25 3.17
N LEU D 225 -15.76 -33.48 2.79
CA LEU D 225 -17.05 -34.08 2.44
C LEU D 225 -16.93 -34.96 1.21
N ILE D 226 -16.16 -34.51 0.22
CA ILE D 226 -15.99 -35.30 -1.01
C ILE D 226 -15.23 -36.59 -0.72
N ALA D 227 -14.24 -36.52 0.17
CA ALA D 227 -13.41 -37.69 0.45
C ALA D 227 -14.24 -38.86 0.98
N GLN D 228 -15.33 -38.58 1.70
CA GLN D 228 -16.22 -39.62 2.17
C GLN D 228 -17.21 -40.07 1.10
N LEU D 229 -17.17 -39.47 -0.08
CA LEU D 229 -18.04 -39.84 -1.20
C LEU D 229 -17.13 -40.18 -2.38
N PRO D 230 -16.64 -41.42 -2.46
CA PRO D 230 -15.74 -41.79 -3.57
C PRO D 230 -16.37 -41.64 -4.94
N GLY D 231 -17.68 -41.85 -5.05
CA GLY D 231 -18.37 -41.73 -6.32
C GLY D 231 -18.74 -40.32 -6.72
N GLU D 232 -18.39 -39.33 -5.91
CA GLU D 232 -18.69 -37.94 -6.21
C GLU D 232 -17.41 -37.11 -6.10
N LYS D 233 -17.30 -36.11 -6.96
CA LYS D 233 -16.14 -35.23 -6.98
C LYS D 233 -16.54 -33.82 -6.55
N LYS D 234 -15.54 -33.02 -6.22
CA LYS D 234 -15.80 -31.63 -5.82
C LYS D 234 -16.35 -30.81 -6.98
N ASN D 235 -15.99 -31.15 -8.21
CA ASN D 235 -16.48 -30.44 -9.39
C ASN D 235 -17.74 -31.06 -9.96
N GLY D 236 -18.28 -32.10 -9.33
CA GLY D 236 -19.51 -32.69 -9.78
C GLY D 236 -20.70 -31.80 -9.47
N LEU D 237 -21.86 -32.21 -9.98
CA LEU D 237 -23.08 -31.43 -9.79
C LEU D 237 -23.43 -31.32 -8.32
N PHE D 238 -23.38 -32.45 -7.60
CA PHE D 238 -23.59 -32.40 -6.16
C PHE D 238 -22.48 -31.62 -5.48
N GLY D 239 -21.24 -31.80 -5.94
CA GLY D 239 -20.14 -31.02 -5.38
C GLY D 239 -20.30 -29.54 -5.63
N ASN D 240 -20.82 -29.16 -6.80
CA ASN D 240 -21.08 -27.75 -7.07
C ASN D 240 -22.23 -27.21 -6.23
N LEU D 241 -23.24 -28.03 -5.97
CA LEU D 241 -24.31 -27.61 -5.06
C LEU D 241 -23.75 -27.40 -3.65
N ILE D 242 -22.86 -28.29 -3.21
CA ILE D 242 -22.24 -28.13 -1.89
C ILE D 242 -21.40 -26.86 -1.85
N ALA D 243 -20.67 -26.58 -2.93
CA ALA D 243 -19.88 -25.36 -2.99
C ALA D 243 -20.77 -24.12 -2.93
N LEU D 244 -21.91 -24.16 -3.64
CA LEU D 244 -22.85 -23.04 -3.58
C LEU D 244 -23.39 -22.86 -2.17
N SER D 245 -23.72 -23.96 -1.50
CA SER D 245 -24.20 -23.87 -0.13
C SER D 245 -23.13 -23.30 0.80
N LEU D 246 -21.87 -23.66 0.55
CA LEU D 246 -20.77 -23.12 1.35
C LEU D 246 -20.50 -21.65 1.06
N GLY D 247 -21.09 -21.10 0.01
CA GLY D 247 -20.85 -19.72 -0.36
C GLY D 247 -19.82 -19.52 -1.45
N LEU D 248 -19.37 -20.60 -2.10
CA LEU D 248 -18.40 -20.49 -3.18
C LEU D 248 -19.13 -20.05 -4.46
N THR D 249 -18.43 -20.15 -5.59
CA THR D 249 -18.99 -19.76 -6.89
C THR D 249 -18.88 -20.95 -7.83
N PRO D 250 -19.79 -21.92 -7.70
CA PRO D 250 -19.76 -23.09 -8.58
C PRO D 250 -20.13 -22.72 -10.01
N ASN D 251 -19.65 -23.55 -10.94
CA ASN D 251 -19.89 -23.36 -12.37
C ASN D 251 -20.86 -24.43 -12.82
N PHE D 252 -22.12 -24.04 -12.99
CA PHE D 252 -23.16 -24.95 -13.45
C PHE D 252 -23.19 -25.09 -14.97
N LYS D 253 -22.35 -24.35 -15.68
CA LYS D 253 -22.32 -24.46 -17.14
C LYS D 253 -21.91 -25.86 -17.58
N SER D 254 -20.91 -26.45 -16.91
CA SER D 254 -20.43 -27.77 -17.32
C SER D 254 -21.43 -28.86 -16.94
N ASN D 255 -22.01 -28.78 -15.74
CA ASN D 255 -22.90 -29.84 -15.30
C ASN D 255 -24.19 -29.87 -16.11
N PHE D 256 -24.72 -28.69 -16.45
CA PHE D 256 -25.97 -28.59 -17.20
C PHE D 256 -25.74 -28.42 -18.70
N ASP D 257 -24.48 -28.51 -19.15
CA ASP D 257 -24.13 -28.40 -20.57
C ASP D 257 -24.67 -27.09 -21.17
N LEU D 258 -24.58 -26.02 -20.39
CA LEU D 258 -25.06 -24.72 -20.82
C LEU D 258 -23.96 -23.94 -21.53
N ALA D 259 -24.36 -23.17 -22.55
CA ALA D 259 -23.41 -22.29 -23.21
C ALA D 259 -23.08 -21.09 -22.34
N GLU D 260 -24.10 -20.53 -21.66
CA GLU D 260 -23.88 -19.44 -20.74
C GLU D 260 -23.12 -19.92 -19.51
N ASP D 261 -22.18 -19.10 -19.04
CA ASP D 261 -21.41 -19.40 -17.84
C ASP D 261 -22.32 -19.24 -16.62
N ALA D 262 -22.83 -20.36 -16.10
CA ALA D 262 -23.78 -20.34 -15.00
C ALA D 262 -23.02 -20.22 -13.68
N LYS D 263 -22.57 -19.00 -13.40
CA LYS D 263 -21.90 -18.67 -12.15
C LYS D 263 -22.94 -18.08 -11.19
N LEU D 264 -23.23 -18.81 -10.12
CA LEU D 264 -24.20 -18.39 -9.12
C LEU D 264 -23.58 -18.36 -7.74
N GLN D 265 -23.83 -17.28 -7.01
CA GLN D 265 -23.44 -17.16 -5.62
C GLN D 265 -24.63 -16.67 -4.82
N LEU D 266 -24.93 -17.34 -3.71
CA LEU D 266 -26.12 -17.02 -2.92
C LEU D 266 -25.99 -15.65 -2.25
N SER D 267 -24.77 -15.24 -1.89
CA SER D 267 -24.59 -13.98 -1.18
C SER D 267 -25.02 -12.80 -2.03
N LYS D 268 -24.70 -12.81 -3.32
CA LYS D 268 -25.03 -11.71 -4.20
C LYS D 268 -26.55 -11.55 -4.31
N ASP D 269 -27.00 -10.29 -4.36
CA ASP D 269 -28.42 -10.03 -4.52
C ASP D 269 -28.93 -10.44 -5.89
N THR D 270 -28.05 -10.61 -6.87
CA THR D 270 -28.44 -11.05 -8.20
C THR D 270 -28.67 -12.55 -8.28
N TYR D 271 -28.50 -13.27 -7.17
CA TYR D 271 -28.67 -14.73 -7.16
C TYR D 271 -30.04 -15.14 -7.69
N ASP D 272 -31.09 -14.44 -7.25
CA ASP D 272 -32.45 -14.77 -7.67
C ASP D 272 -32.60 -14.64 -9.19
N ASP D 273 -32.05 -13.58 -9.77
CA ASP D 273 -32.11 -13.41 -11.21
C ASP D 273 -31.37 -14.55 -11.92
N ASP D 274 -30.23 -14.96 -11.38
CA ASP D 274 -29.51 -16.11 -11.93
C ASP D 274 -30.34 -17.38 -11.82
N LEU D 275 -31.06 -17.55 -10.72
CA LEU D 275 -31.96 -18.69 -10.61
C LEU D 275 -33.06 -18.63 -11.66
N ASP D 276 -33.58 -17.44 -11.92
CA ASP D 276 -34.56 -17.27 -12.98
C ASP D 276 -33.97 -17.66 -14.33
N ASN D 277 -32.71 -17.28 -14.58
CA ASN D 277 -32.04 -17.66 -15.82
C ASN D 277 -31.94 -19.18 -15.94
N LEU D 278 -31.61 -19.86 -14.84
CA LEU D 278 -31.63 -21.32 -14.86
C LEU D 278 -33.04 -21.90 -15.01
N LEU D 279 -34.07 -21.13 -14.64
CA LEU D 279 -35.45 -21.55 -14.79
C LEU D 279 -35.95 -21.41 -16.23
N ALA D 280 -35.05 -21.12 -17.16
CA ALA D 280 -35.40 -20.96 -18.56
C ALA D 280 -34.59 -21.84 -19.49
N GLN D 281 -33.61 -22.58 -18.98
CA GLN D 281 -32.74 -23.42 -19.80
C GLN D 281 -32.94 -24.90 -19.54
N ILE D 282 -32.82 -25.33 -18.28
CA ILE D 282 -32.93 -26.76 -18.00
C ILE D 282 -34.34 -27.14 -17.55
N GLY D 283 -35.05 -26.26 -16.87
CA GLY D 283 -36.40 -26.51 -16.41
C GLY D 283 -36.56 -26.20 -14.93
N ASP D 284 -37.81 -26.32 -14.49
CA ASP D 284 -38.17 -26.00 -13.12
C ASP D 284 -37.97 -27.18 -12.16
N GLN D 285 -37.65 -28.37 -12.67
CA GLN D 285 -37.57 -29.55 -11.82
C GLN D 285 -36.44 -29.47 -10.79
N TYR D 286 -35.44 -28.63 -11.05
CA TYR D 286 -34.33 -28.44 -10.13
C TYR D 286 -34.55 -27.30 -9.15
N ALA D 287 -35.62 -26.50 -9.33
CA ALA D 287 -35.77 -25.29 -8.55
C ALA D 287 -35.88 -25.59 -7.06
N ASP D 288 -36.75 -26.54 -6.69
CA ASP D 288 -36.83 -26.94 -5.29
C ASP D 288 -35.49 -27.46 -4.81
N LEU D 289 -34.77 -28.18 -5.66
CA LEU D 289 -33.44 -28.64 -5.29
C LEU D 289 -32.59 -27.47 -4.83
N PHE D 290 -32.56 -26.40 -5.62
CA PHE D 290 -31.77 -25.23 -5.27
C PHE D 290 -32.29 -24.61 -3.99
N LEU D 291 -33.61 -24.57 -3.82
CA LEU D 291 -34.19 -24.07 -2.59
C LEU D 291 -33.62 -24.83 -1.40
N ALA D 292 -33.56 -26.15 -1.52
CA ALA D 292 -33.05 -26.93 -0.40
C ALA D 292 -31.61 -26.56 -0.13
N ALA D 293 -30.81 -26.38 -1.19
CA ALA D 293 -29.43 -25.96 -0.97
C ALA D 293 -29.40 -24.62 -0.25
N LYS D 294 -30.29 -23.70 -0.63
CA LYS D 294 -30.33 -22.42 0.07
C LYS D 294 -30.59 -22.65 1.56
N ASN D 295 -31.57 -23.50 1.88
CA ASN D 295 -31.83 -23.78 3.28
C ASN D 295 -30.58 -24.38 3.93
N LEU D 296 -29.91 -25.29 3.22
CA LEU D 296 -28.71 -25.89 3.76
C LEU D 296 -27.65 -24.83 4.04
N SER D 297 -27.48 -23.90 3.08
CA SER D 297 -26.52 -22.83 3.26
C SER D 297 -26.87 -22.04 4.50
N ASP D 298 -28.16 -21.74 4.69
CA ASP D 298 -28.56 -20.99 5.86
C ASP D 298 -28.16 -21.74 7.12
N ALA D 299 -28.41 -23.05 7.15
CA ALA D 299 -28.05 -23.83 8.32
C ALA D 299 -26.56 -23.72 8.60
N ILE D 300 -25.74 -23.81 7.55
CA ILE D 300 -24.30 -23.72 7.73
C ILE D 300 -23.95 -22.37 8.33
N LEU D 301 -24.56 -21.31 7.81
CA LEU D 301 -24.31 -19.98 8.34
C LEU D 301 -24.72 -19.90 9.80
N LEU D 302 -25.83 -20.56 10.14
CA LEU D 302 -26.29 -20.56 11.52
C LEU D 302 -25.52 -21.54 12.39
N SER D 303 -24.75 -22.44 11.79
CA SER D 303 -24.13 -23.51 12.56
C SER D 303 -23.15 -22.97 13.58
N ASP D 304 -22.19 -22.16 13.12
CA ASP D 304 -21.15 -21.66 14.02
C ASP D 304 -21.68 -20.57 14.94
N ILE D 305 -22.47 -19.64 14.42
CA ILE D 305 -22.88 -18.49 15.20
C ILE D 305 -23.90 -18.89 16.26
N LEU D 306 -24.81 -19.81 15.95
CA LEU D 306 -25.91 -20.16 16.82
C LEU D 306 -25.80 -21.61 17.24
N ARG D 307 -25.84 -21.85 18.55
CA ARG D 307 -25.82 -23.19 19.13
C ARG D 307 -26.96 -23.29 20.15
N VAL D 308 -28.16 -23.56 19.67
CA VAL D 308 -29.33 -23.72 20.53
C VAL D 308 -30.42 -24.42 19.73
N ASN D 309 -31.37 -25.04 20.43
CA ASN D 309 -32.52 -25.63 19.77
C ASN D 309 -33.40 -24.54 19.16
N THR D 310 -34.00 -24.85 18.01
CA THR D 310 -34.83 -23.89 17.30
C THR D 310 -36.30 -23.99 17.66
N GLU D 311 -36.76 -25.16 18.11
CA GLU D 311 -38.17 -25.32 18.43
C GLU D 311 -38.56 -24.58 19.70
N ILE D 312 -37.61 -24.38 20.61
CA ILE D 312 -37.94 -23.79 21.90
C ILE D 312 -38.40 -22.34 21.74
N THR D 313 -37.77 -21.60 20.84
CA THR D 313 -38.11 -20.18 20.67
C THR D 313 -37.75 -19.74 19.26
N LYS D 314 -38.29 -18.60 18.86
CA LYS D 314 -37.99 -17.97 17.58
C LYS D 314 -36.93 -16.89 17.71
N ALA D 315 -36.18 -16.88 18.81
CA ALA D 315 -35.08 -15.93 19.02
C ALA D 315 -33.82 -16.73 19.36
N PRO D 316 -33.25 -17.41 18.37
CA PRO D 316 -32.09 -18.26 18.67
C PRO D 316 -30.89 -17.52 19.21
N LEU D 317 -30.68 -16.26 18.80
CA LEU D 317 -29.52 -15.52 19.28
C LEU D 317 -29.62 -15.28 20.78
N SER D 318 -30.78 -14.80 21.25
CA SER D 318 -30.96 -14.57 22.67
C SER D 318 -30.85 -15.86 23.46
N ALA D 319 -31.42 -16.95 22.94
CA ALA D 319 -31.34 -18.23 23.63
C ALA D 319 -29.91 -18.71 23.72
N SER D 320 -29.13 -18.56 22.65
CA SER D 320 -27.73 -18.96 22.68
C SER D 320 -26.95 -18.11 23.67
N MET D 321 -27.22 -16.81 23.72
CA MET D 321 -26.53 -15.95 24.68
C MET D 321 -26.87 -16.36 26.11
N ILE D 322 -28.13 -16.67 26.38
CA ILE D 322 -28.53 -17.08 27.72
C ILE D 322 -27.89 -18.41 28.08
N LYS D 323 -27.83 -19.34 27.12
CA LYS D 323 -27.16 -20.61 27.37
C LYS D 323 -25.70 -20.42 27.69
N ARG D 324 -25.02 -19.54 26.94
CA ARG D 324 -23.63 -19.23 27.23
C ARG D 324 -23.47 -18.61 28.61
N TYR D 325 -24.40 -17.72 28.99
CA TYR D 325 -24.35 -17.11 30.31
C TYR D 325 -24.51 -18.14 31.42
N ASP D 326 -25.44 -19.08 31.25
CA ASP D 326 -25.63 -20.12 32.25
C ASP D 326 -24.42 -21.03 32.33
N GLU D 327 -23.82 -21.36 31.18
CA GLU D 327 -22.58 -22.13 31.20
C GLU D 327 -21.49 -21.37 31.95
N HIS D 328 -21.41 -20.05 31.74
CA HIS D 328 -20.44 -19.24 32.46
C HIS D 328 -20.68 -19.31 33.95
N HIS D 329 -21.95 -19.22 34.37
CA HIS D 329 -22.26 -19.29 35.80
C HIS D 329 -21.85 -20.63 36.39
N GLN D 330 -22.20 -21.72 35.70
CA GLN D 330 -21.86 -23.05 36.19
C GLN D 330 -20.35 -23.23 36.28
N ASP D 331 -19.64 -22.81 35.23
CA ASP D 331 -18.19 -22.98 35.21
C ASP D 331 -17.52 -22.13 36.28
N LEU D 332 -18.02 -20.92 36.51
CA LEU D 332 -17.45 -20.10 37.58
C LEU D 332 -17.67 -20.74 38.94
N THR D 333 -18.87 -21.27 39.17
CA THR D 333 -19.13 -21.92 40.46
C THR D 333 -18.21 -23.12 40.66
N LEU D 334 -18.09 -23.96 39.63
CA LEU D 334 -17.24 -25.14 39.74
C LEU D 334 -15.78 -24.75 39.94
N LEU D 335 -15.31 -23.75 39.19
CA LEU D 335 -13.93 -23.31 39.31
C LEU D 335 -13.64 -22.77 40.70
N LYS D 336 -14.55 -21.95 41.24
CA LYS D 336 -14.36 -21.44 42.59
C LYS D 336 -14.30 -22.57 43.60
N ALA D 337 -15.21 -23.54 43.47
CA ALA D 337 -15.21 -24.67 44.40
C ALA D 337 -13.90 -25.44 44.33
N LEU D 338 -13.44 -25.73 43.11
CA LEU D 338 -12.22 -26.53 42.96
C LEU D 338 -10.99 -25.78 43.44
N VAL D 339 -10.90 -24.48 43.15
CA VAL D 339 -9.76 -23.70 43.62
C VAL D 339 -9.74 -23.64 45.13
N ARG D 340 -10.89 -23.40 45.75
CA ARG D 340 -10.95 -23.36 47.21
C ARG D 340 -10.57 -24.72 47.80
N GLN D 341 -11.03 -25.80 47.17
CA GLN D 341 -10.75 -27.13 47.70
C GLN D 341 -9.28 -27.49 47.58
N GLN D 342 -8.65 -27.17 46.46
CA GLN D 342 -7.33 -27.70 46.15
C GLN D 342 -6.21 -26.68 46.28
N LEU D 343 -6.39 -25.45 45.80
CA LEU D 343 -5.34 -24.44 45.79
C LEU D 343 -5.85 -23.16 46.43
N PRO D 344 -5.98 -23.14 47.76
CA PRO D 344 -6.47 -21.93 48.43
C PRO D 344 -5.54 -20.74 48.30
N GLU D 345 -4.25 -20.97 48.04
CA GLU D 345 -3.29 -19.87 48.03
C GLU D 345 -3.39 -19.03 46.76
N LYS D 346 -3.75 -19.63 45.64
CA LYS D 346 -3.89 -18.89 44.39
C LYS D 346 -5.26 -18.26 44.23
N TYR D 347 -6.21 -18.57 45.12
CA TYR D 347 -7.57 -18.10 44.96
C TYR D 347 -7.64 -16.59 44.95
N LYS D 348 -7.00 -15.96 45.93
CA LYS D 348 -6.94 -14.51 45.96
C LYS D 348 -6.25 -13.95 44.72
N GLU D 349 -5.28 -14.69 44.18
CA GLU D 349 -4.65 -14.27 42.94
C GLU D 349 -5.63 -14.29 41.77
N ILE D 350 -6.54 -15.25 41.75
CA ILE D 350 -7.40 -15.43 40.59
C ILE D 350 -8.61 -14.51 40.66
N PHE D 351 -9.30 -14.48 41.80
CA PHE D 351 -10.58 -13.79 41.91
C PHE D 351 -10.50 -12.42 42.57
N PHE D 352 -9.29 -11.91 42.85
CA PHE D 352 -9.16 -10.58 43.43
C PHE D 352 -8.04 -9.73 42.82
N ASP D 353 -7.10 -10.32 42.10
CA ASP D 353 -5.97 -9.57 41.55
C ASP D 353 -6.35 -9.12 40.14
N GLN D 354 -6.84 -7.88 40.03
CA GLN D 354 -7.14 -7.34 38.71
C GLN D 354 -5.89 -7.13 37.89
N SER D 355 -4.76 -6.84 38.56
CA SER D 355 -3.52 -6.60 37.83
C SER D 355 -3.02 -7.85 37.11
N LYS D 356 -3.32 -9.03 37.66
CA LYS D 356 -2.93 -10.26 37.01
C LYS D 356 -3.90 -10.58 35.87
N ASN D 357 -3.66 -11.71 35.19
CA ASN D 357 -4.51 -12.18 34.12
C ASN D 357 -5.48 -13.25 34.60
N GLY D 358 -5.91 -13.18 35.85
CA GLY D 358 -6.89 -14.09 36.39
C GLY D 358 -8.30 -13.67 36.04
N TYR D 359 -9.25 -14.31 36.74
CA TYR D 359 -10.66 -14.01 36.50
C TYR D 359 -10.99 -12.56 36.83
N ALA D 360 -10.43 -12.04 37.91
CA ALA D 360 -10.70 -10.65 38.29
C ALA D 360 -10.22 -9.68 37.21
N GLY D 361 -9.01 -9.90 36.69
CA GLY D 361 -8.55 -9.07 35.59
C GLY D 361 -9.28 -9.35 34.30
N TYR D 362 -9.81 -10.57 34.15
CA TYR D 362 -10.58 -10.90 32.95
C TYR D 362 -11.90 -10.16 32.93
N ILE D 363 -12.50 -9.93 34.09
CA ILE D 363 -13.80 -9.26 34.15
C ILE D 363 -13.60 -7.78 34.45
N ASP D 364 -13.02 -7.47 35.61
CA ASP D 364 -12.92 -6.09 36.06
C ASP D 364 -11.72 -5.35 35.48
N GLY D 365 -10.59 -6.03 35.33
CA GLY D 365 -9.39 -5.41 34.80
C GLY D 365 -9.34 -5.48 33.29
N GLY D 366 -8.15 -5.23 32.76
CA GLY D 366 -7.97 -5.31 31.32
C GLY D 366 -7.28 -6.60 30.92
N ALA D 367 -8.05 -7.54 30.38
CA ALA D 367 -7.51 -8.83 30.00
C ALA D 367 -8.43 -9.46 28.98
N SER D 368 -7.85 -9.96 27.89
CA SER D 368 -8.64 -10.60 26.85
C SER D 368 -8.91 -12.05 27.21
N GLN D 369 -9.80 -12.67 26.41
CA GLN D 369 -10.12 -14.08 26.62
C GLN D 369 -8.89 -14.95 26.41
N GLU D 370 -8.10 -14.67 25.38
CA GLU D 370 -6.91 -15.47 25.12
C GLU D 370 -5.90 -15.34 26.26
N GLU D 371 -5.72 -14.13 26.78
CA GLU D 371 -4.81 -13.93 27.91
C GLU D 371 -5.31 -14.70 29.13
N PHE D 372 -6.61 -14.64 29.38
CA PHE D 372 -7.17 -15.35 30.52
C PHE D 372 -6.97 -16.86 30.38
N TYR D 373 -7.18 -17.40 29.18
CA TYR D 373 -6.96 -18.82 28.95
C TYR D 373 -5.50 -19.18 29.16
N LYS D 374 -4.58 -18.34 28.66
CA LYS D 374 -3.17 -18.62 28.85
C LYS D 374 -2.80 -18.63 30.33
N PHE D 375 -3.35 -17.70 31.09
CA PHE D 375 -3.03 -17.66 32.52
C PHE D 375 -3.65 -18.82 33.29
N ILE D 376 -4.84 -19.28 32.87
CA ILE D 376 -5.58 -20.26 33.68
C ILE D 376 -5.31 -21.70 33.28
N LYS D 377 -4.78 -21.94 32.08
CA LYS D 377 -4.57 -23.32 31.64
C LYS D 377 -3.62 -24.11 32.55
N PRO D 378 -2.42 -23.61 32.88
CA PRO D 378 -1.58 -24.38 33.81
C PRO D 378 -2.23 -24.56 35.17
N ILE D 379 -2.99 -23.57 35.63
CA ILE D 379 -3.68 -23.70 36.91
C ILE D 379 -4.70 -24.83 36.84
N LEU D 380 -5.45 -24.90 35.73
CA LEU D 380 -6.43 -25.97 35.57
C LEU D 380 -5.74 -27.33 35.49
N GLU D 381 -4.61 -27.42 34.78
CA GLU D 381 -3.90 -28.68 34.67
C GLU D 381 -3.38 -29.13 36.02
N LYS D 382 -2.89 -28.19 36.84
CA LYS D 382 -2.35 -28.54 38.15
C LYS D 382 -3.42 -29.15 39.06
N MET D 383 -4.63 -28.59 39.03
CA MET D 383 -5.69 -29.09 39.88
C MET D 383 -6.18 -30.44 39.39
N ASP D 384 -7.08 -31.04 40.18
CA ASP D 384 -7.64 -32.34 39.88
C ASP D 384 -9.16 -32.23 39.75
N GLY D 385 -9.75 -33.16 39.01
CA GLY D 385 -11.18 -33.10 38.76
C GLY D 385 -11.60 -32.01 37.82
N THR D 386 -10.68 -31.50 37.00
CA THR D 386 -10.96 -30.44 36.04
C THR D 386 -10.89 -31.07 34.65
N GLU D 387 -12.04 -31.49 34.13
CA GLU D 387 -12.12 -32.09 32.81
C GLU D 387 -13.03 -31.31 31.87
N GLU D 388 -14.24 -30.98 32.31
CA GLU D 388 -15.13 -30.19 31.47
C GLU D 388 -14.55 -28.82 31.19
N LEU D 389 -13.94 -28.20 32.20
CA LEU D 389 -13.31 -26.90 32.00
C LEU D 389 -12.18 -26.98 30.98
N LEU D 390 -11.37 -28.05 31.05
CA LEU D 390 -10.31 -28.22 30.07
C LEU D 390 -10.88 -28.42 28.68
N VAL D 391 -11.94 -29.21 28.56
CA VAL D 391 -12.57 -29.43 27.25
C VAL D 391 -13.08 -28.12 26.67
N LYS D 392 -13.73 -27.31 27.50
CA LYS D 392 -14.21 -26.01 27.03
C LYS D 392 -13.06 -25.10 26.63
N LEU D 393 -11.97 -25.12 27.42
CA LEU D 393 -10.82 -24.28 27.09
C LEU D 393 -10.22 -24.68 25.76
N ASN D 394 -10.11 -25.99 25.51
CA ASN D 394 -9.66 -26.43 24.19
C ASN D 394 -10.61 -25.99 23.10
N ARG D 395 -11.89 -25.82 23.43
CA ARG D 395 -12.89 -25.36 22.48
C ARG D 395 -13.03 -23.84 22.46
N GLU D 396 -12.26 -23.12 23.27
CA GLU D 396 -12.36 -21.67 23.39
C GLU D 396 -13.78 -21.25 23.77
N ASP D 397 -14.40 -22.02 24.64
CA ASP D 397 -15.79 -21.80 25.05
C ASP D 397 -15.92 -21.94 26.55
N LEU D 398 -14.97 -21.35 27.28
CA LEU D 398 -14.95 -21.41 28.75
C LEU D 398 -15.12 -20.01 29.30
N LEU D 399 -16.15 -19.83 30.14
CA LEU D 399 -16.42 -18.54 30.77
C LEU D 399 -16.55 -17.42 29.75
N ARG D 400 -17.15 -17.74 28.61
CA ARG D 400 -17.30 -16.75 27.55
C ARG D 400 -18.27 -15.65 27.99
N LYS D 401 -18.06 -14.45 27.46
CA LYS D 401 -18.95 -13.33 27.69
C LYS D 401 -19.97 -13.25 26.57
N GLN D 402 -21.04 -12.49 26.83
CA GLN D 402 -22.03 -12.25 25.78
C GLN D 402 -21.48 -11.32 24.71
N ARG D 403 -20.79 -10.27 25.12
CA ARG D 403 -20.19 -9.31 24.19
C ARG D 403 -18.74 -9.71 23.95
N THR D 404 -18.52 -10.49 22.90
CA THR D 404 -17.20 -10.97 22.56
C THR D 404 -16.74 -10.37 21.23
N PHE D 405 -15.47 -10.59 20.91
CA PHE D 405 -14.90 -10.08 19.68
C PHE D 405 -15.39 -10.83 18.44
N ASP D 406 -15.87 -12.07 18.60
CA ASP D 406 -16.31 -12.87 17.48
C ASP D 406 -17.81 -12.75 17.21
N ASN D 407 -18.43 -11.64 17.65
CA ASN D 407 -19.83 -11.40 17.36
C ASN D 407 -20.03 -10.70 16.03
N GLY D 408 -18.96 -10.41 15.31
CA GLY D 408 -19.09 -9.77 14.00
C GLY D 408 -19.62 -10.66 12.91
N SER D 409 -19.71 -11.97 13.17
CA SER D 409 -20.25 -12.91 12.21
C SER D 409 -21.78 -12.94 12.20
N ILE D 410 -22.41 -12.21 13.12
CA ILE D 410 -23.87 -12.24 13.25
C ILE D 410 -24.50 -11.43 12.13
N PRO D 411 -25.33 -12.05 11.29
CA PRO D 411 -26.03 -11.28 10.25
C PRO D 411 -27.14 -10.43 10.83
N HIS D 412 -27.44 -9.33 10.13
CA HIS D 412 -28.49 -8.43 10.57
C HIS D 412 -29.88 -9.05 10.44
N GLN D 413 -30.00 -10.13 9.67
CA GLN D 413 -31.30 -10.80 9.56
C GLN D 413 -31.76 -11.35 10.91
N ILE D 414 -30.83 -11.82 11.73
CA ILE D 414 -31.20 -12.36 13.04
C ILE D 414 -31.83 -11.28 13.90
N HIS D 415 -31.16 -10.13 14.01
CA HIS D 415 -31.70 -9.03 14.80
C HIS D 415 -33.00 -8.51 14.21
N LEU D 416 -33.09 -8.45 12.88
CA LEU D 416 -34.32 -8.00 12.25
C LEU D 416 -35.47 -8.94 12.59
N GLY D 417 -35.23 -10.25 12.54
CA GLY D 417 -36.28 -11.20 12.88
C GLY D 417 -36.69 -11.10 14.33
N GLU D 418 -35.72 -10.93 15.24
CA GLU D 418 -36.06 -10.78 16.65
C GLU D 418 -36.91 -9.53 16.87
N LEU D 419 -36.52 -8.42 16.25
CA LEU D 419 -37.29 -7.19 16.39
C LEU D 419 -38.70 -7.34 15.81
N HIS D 420 -38.81 -7.99 14.66
CA HIS D 420 -40.12 -8.20 14.06
C HIS D 420 -41.00 -9.06 14.96
N ALA D 421 -40.41 -10.11 15.55
CA ALA D 421 -41.17 -10.95 16.48
C ALA D 421 -41.63 -10.15 17.69
N ILE D 422 -40.75 -9.31 18.24
CA ILE D 422 -41.13 -8.51 19.39
C ILE D 422 -42.27 -7.57 19.05
N LEU D 423 -42.18 -6.91 17.88
CA LEU D 423 -43.23 -6.00 17.48
C LEU D 423 -44.55 -6.73 17.27
N ARG D 424 -44.49 -7.92 16.67
CA ARG D 424 -45.70 -8.71 16.51
C ARG D 424 -46.31 -9.08 17.85
N ARG D 425 -45.47 -9.45 18.82
CA ARG D 425 -45.98 -9.84 20.13
C ARG D 425 -46.62 -8.64 20.86
N GLN D 426 -45.98 -7.48 20.79
CA GLN D 426 -46.37 -6.35 21.63
C GLN D 426 -47.26 -5.34 20.91
N GLU D 427 -47.59 -5.56 19.65
CA GLU D 427 -48.43 -4.59 18.95
C GLU D 427 -49.87 -4.61 19.43
N ASP D 428 -50.31 -5.72 20.03
CA ASP D 428 -51.68 -5.82 20.52
C ASP D 428 -51.93 -4.97 21.75
N PHE D 429 -50.87 -4.49 22.40
CA PHE D 429 -51.01 -3.66 23.58
C PHE D 429 -50.64 -2.20 23.35
N TYR D 430 -49.89 -1.91 22.29
CA TYR D 430 -49.50 -0.54 21.97
C TYR D 430 -49.81 -0.27 20.50
N PRO D 431 -50.79 0.59 20.20
CA PRO D 431 -51.15 0.82 18.79
C PRO D 431 -50.03 1.39 17.95
N PHE D 432 -49.20 2.26 18.53
CA PHE D 432 -48.17 2.92 17.74
C PHE D 432 -47.10 1.94 17.28
N LEU D 433 -46.84 0.90 18.07
CA LEU D 433 -45.90 -0.13 17.65
C LEU D 433 -46.40 -0.84 16.41
N LYS D 434 -47.69 -1.16 16.36
CA LYS D 434 -48.27 -1.72 15.15
C LYS D 434 -48.19 -0.74 14.00
N ASP D 435 -48.44 0.54 14.28
CA ASP D 435 -48.48 1.53 13.21
C ASP D 435 -47.09 1.83 12.66
N ASN D 436 -46.04 1.72 13.48
CA ASN D 436 -44.70 2.11 13.08
C ASN D 436 -43.75 0.91 13.01
N ARG D 437 -44.28 -0.30 12.87
CA ARG D 437 -43.41 -1.47 12.76
C ARG D 437 -42.52 -1.38 11.53
N GLU D 438 -43.10 -0.94 10.40
CA GLU D 438 -42.30 -0.79 9.19
C GLU D 438 -41.20 0.24 9.37
N LYS D 439 -41.51 1.34 10.07
CA LYS D 439 -40.51 2.38 10.30
C LYS D 439 -39.32 1.83 11.07
N ILE D 440 -39.59 1.07 12.14
CA ILE D 440 -38.51 0.55 12.98
C ILE D 440 -37.72 -0.51 12.22
N GLU D 441 -38.40 -1.37 11.47
CA GLU D 441 -37.70 -2.36 10.65
C GLU D 441 -36.79 -1.67 9.64
N LYS D 442 -37.29 -0.60 9.00
CA LYS D 442 -36.48 0.13 8.04
C LYS D 442 -35.28 0.77 8.73
N ILE D 443 -35.48 1.36 9.91
CA ILE D 443 -34.38 1.97 10.64
C ILE D 443 -33.30 0.94 10.92
N LEU D 444 -33.70 -0.26 11.35
CA LEU D 444 -32.71 -1.32 11.58
C LEU D 444 -32.00 -1.68 10.29
N THR D 445 -32.74 -1.84 9.21
CA THR D 445 -32.19 -2.40 7.99
C THR D 445 -31.66 -1.36 7.01
N PHE D 446 -31.77 -0.07 7.33
CA PHE D 446 -31.38 0.97 6.38
C PHE D 446 -29.87 1.11 6.32
N ARG D 447 -29.32 1.06 5.11
CA ARG D 447 -27.93 1.38 4.86
C ARG D 447 -27.82 2.42 3.76
N ILE D 448 -26.83 3.29 3.87
CA ILE D 448 -26.52 4.21 2.79
C ILE D 448 -25.73 3.42 1.74
N PRO D 449 -26.20 3.34 0.50
CA PRO D 449 -25.47 2.59 -0.51
C PRO D 449 -24.10 3.17 -0.75
N TYR D 450 -23.14 2.29 -1.05
CA TYR D 450 -21.75 2.72 -1.19
C TYR D 450 -21.59 3.70 -2.35
N TYR D 451 -22.46 3.65 -3.34
CA TYR D 451 -22.38 4.55 -4.48
C TYR D 451 -23.09 5.87 -4.24
N VAL D 452 -23.74 6.05 -3.09
CA VAL D 452 -24.37 7.32 -2.79
C VAL D 452 -23.42 8.24 -2.03
N GLY D 453 -22.64 7.68 -1.12
CA GLY D 453 -21.68 8.45 -0.36
C GLY D 453 -22.35 9.28 0.72
N PRO D 454 -21.58 10.18 1.35
CA PRO D 454 -22.14 11.01 2.40
C PRO D 454 -23.29 11.87 1.90
N LEU D 455 -24.31 12.02 2.74
CA LEU D 455 -25.49 12.81 2.39
C LEU D 455 -25.25 14.28 2.73
N ALA D 456 -24.27 14.87 2.06
CA ALA D 456 -23.91 16.25 2.29
C ALA D 456 -24.81 17.18 1.47
N ARG D 457 -24.55 18.47 1.57
CA ARG D 457 -25.31 19.47 0.83
C ARG D 457 -24.36 20.49 0.22
N GLY D 458 -23.26 20.02 -0.36
CA GLY D 458 -22.32 20.89 -1.01
C GLY D 458 -21.28 21.52 -0.12
N ASN D 459 -20.89 20.86 0.98
CA ASN D 459 -19.87 21.39 1.88
C ASN D 459 -18.84 20.33 2.23
N SER D 460 -18.70 19.28 1.42
CA SER D 460 -17.73 18.24 1.63
C SER D 460 -16.90 18.04 0.37
N ARG D 461 -15.63 17.74 0.55
CA ARG D 461 -14.75 17.44 -0.59
C ARG D 461 -14.79 15.97 -0.96
N PHE D 462 -15.65 15.18 -0.32
CA PHE D 462 -15.83 13.77 -0.65
C PHE D 462 -17.22 13.46 -1.16
N ALA D 463 -18.14 14.42 -1.17
CA ALA D 463 -19.53 14.16 -1.49
C ALA D 463 -19.78 14.28 -2.99
N TRP D 464 -20.70 13.46 -3.48
CA TRP D 464 -21.14 13.52 -4.87
C TRP D 464 -22.63 13.31 -5.02
N MET D 465 -23.40 13.30 -3.94
CA MET D 465 -24.81 12.99 -4.01
C MET D 465 -25.59 14.11 -4.68
N THR D 466 -26.58 13.73 -5.48
CA THR D 466 -27.51 14.66 -6.10
C THR D 466 -28.90 14.44 -5.52
N ARG D 467 -29.53 15.53 -5.07
CA ARG D 467 -30.82 15.45 -4.40
C ARG D 467 -31.94 15.73 -5.38
N LYS D 468 -33.17 15.45 -4.93
CA LYS D 468 -34.36 15.76 -5.71
C LYS D 468 -35.22 16.84 -5.08
N SER D 469 -35.10 17.07 -3.77
CA SER D 469 -35.85 18.13 -3.11
C SER D 469 -35.07 18.60 -1.90
N GLU D 470 -35.40 19.81 -1.44
CA GLU D 470 -34.73 20.42 -0.30
C GLU D 470 -35.47 20.00 0.97
N GLU D 471 -34.99 18.94 1.60
CA GLU D 471 -35.54 18.47 2.86
C GLU D 471 -34.47 17.63 3.56
N THR D 472 -34.87 16.95 4.62
CA THR D 472 -33.96 16.11 5.40
C THR D 472 -34.05 14.68 4.92
N ILE D 473 -32.90 14.05 4.71
CA ILE D 473 -32.84 12.71 4.13
C ILE D 473 -33.02 11.73 5.30
N THR D 474 -34.28 11.50 5.66
CA THR D 474 -34.59 10.48 6.64
C THR D 474 -34.60 9.10 5.97
N PRO D 475 -34.35 8.04 6.73
CA PRO D 475 -34.32 6.70 6.13
C PRO D 475 -35.64 6.25 5.54
N TRP D 476 -36.75 6.92 5.87
CA TRP D 476 -38.05 6.50 5.34
C TRP D 476 -38.36 7.14 3.99
N ASN D 477 -37.74 8.27 3.66
CA ASN D 477 -37.93 8.92 2.37
C ASN D 477 -36.62 9.03 1.63
N PHE D 478 -35.76 8.01 1.77
CA PHE D 478 -34.46 8.04 1.12
C PHE D 478 -34.59 8.01 -0.40
N GLU D 479 -35.48 7.17 -0.92
CA GLU D 479 -35.66 7.10 -2.37
C GLU D 479 -36.30 8.37 -2.91
N GLU D 480 -37.22 8.97 -2.16
CA GLU D 480 -37.93 10.15 -2.65
C GLU D 480 -37.02 11.36 -2.77
N VAL D 481 -35.93 11.40 -2.03
CA VAL D 481 -35.05 12.56 -1.98
C VAL D 481 -33.77 12.33 -2.78
N VAL D 482 -33.04 11.27 -2.47
CA VAL D 482 -31.76 11.02 -3.12
C VAL D 482 -32.01 10.49 -4.53
N ASP D 483 -31.40 11.12 -5.50
CA ASP D 483 -31.49 10.68 -6.90
C ASP D 483 -30.47 9.56 -7.07
N LYS D 484 -30.96 8.32 -7.05
CA LYS D 484 -30.06 7.17 -7.10
C LYS D 484 -29.25 7.13 -8.38
N GLY D 485 -29.90 7.39 -9.51
CA GLY D 485 -29.20 7.31 -10.79
C GLY D 485 -28.08 8.32 -10.92
N ALA D 486 -28.39 9.59 -10.64
CA ALA D 486 -27.38 10.63 -10.77
C ALA D 486 -26.23 10.41 -9.79
N SER D 487 -26.56 10.06 -8.54
CA SER D 487 -25.52 9.84 -7.55
C SER D 487 -24.63 8.67 -7.93
N ALA D 488 -25.22 7.57 -8.39
CA ALA D 488 -24.43 6.42 -8.81
C ALA D 488 -23.57 6.74 -10.01
N GLN D 489 -24.10 7.53 -10.96
CA GLN D 489 -23.29 7.92 -12.11
C GLN D 489 -22.12 8.79 -11.68
N SER D 490 -22.35 9.72 -10.76
CA SER D 490 -21.27 10.58 -10.27
C SER D 490 -20.23 9.76 -9.54
N PHE D 491 -20.65 8.76 -8.76
CA PHE D 491 -19.69 7.96 -7.99
C PHE D 491 -18.65 7.32 -8.89
N ILE D 492 -19.04 6.90 -10.09
CA ILE D 492 -18.08 6.30 -11.02
C ILE D 492 -17.37 7.38 -11.84
N GLU D 493 -18.09 8.41 -12.27
CA GLU D 493 -17.47 9.41 -13.13
C GLU D 493 -16.41 10.22 -12.42
N ARG D 494 -16.58 10.47 -11.13
CA ARG D 494 -15.64 11.31 -10.41
C ARG D 494 -14.28 10.64 -10.21
N MET D 495 -14.19 9.34 -10.41
CA MET D 495 -12.95 8.61 -10.18
C MET D 495 -12.31 8.08 -11.45
N THR D 496 -12.90 8.34 -12.61
CA THR D 496 -12.33 7.92 -13.87
C THR D 496 -11.40 9.01 -14.41
N ASN D 497 -10.36 8.58 -15.10
CA ASN D 497 -9.41 9.53 -15.69
C ASN D 497 -10.06 10.27 -16.86
N PHE D 498 -9.65 11.51 -17.02
CA PHE D 498 -10.03 12.29 -18.20
C PHE D 498 -9.07 11.99 -19.34
N ASP D 499 -9.47 12.38 -20.55
CA ASP D 499 -8.64 12.15 -21.72
C ASP D 499 -7.34 12.94 -21.59
N LYS D 500 -6.22 12.29 -21.91
CA LYS D 500 -4.93 12.96 -21.84
C LYS D 500 -4.86 14.12 -22.84
N ASN D 501 -5.36 13.91 -24.05
CA ASN D 501 -5.34 14.96 -25.05
C ASN D 501 -6.41 16.01 -24.82
N LEU D 502 -7.51 15.66 -24.15
CA LEU D 502 -8.59 16.60 -23.83
C LEU D 502 -8.86 16.50 -22.35
N PRO D 503 -8.09 17.20 -21.52
CA PRO D 503 -8.23 17.06 -20.06
C PRO D 503 -9.60 17.43 -19.54
N ASN D 504 -10.34 18.30 -20.23
CA ASN D 504 -11.67 18.66 -19.78
C ASN D 504 -12.69 17.57 -20.09
N GLU D 505 -12.45 16.78 -21.14
CA GLU D 505 -13.40 15.78 -21.57
C GLU D 505 -13.33 14.53 -20.68
N LYS D 506 -14.35 13.69 -20.81
CA LYS D 506 -14.48 12.46 -20.02
C LYS D 506 -14.29 11.25 -20.93
N VAL D 507 -13.58 10.25 -20.42
CA VAL D 507 -13.24 9.09 -21.23
C VAL D 507 -14.47 8.24 -21.49
N LEU D 508 -14.41 7.44 -22.55
CA LEU D 508 -15.45 6.52 -22.96
C LEU D 508 -15.33 5.19 -22.24
N PRO D 509 -16.43 4.44 -22.14
CA PRO D 509 -16.34 3.08 -21.60
C PRO D 509 -15.54 2.19 -22.53
N LYS D 510 -14.96 1.14 -21.94
CA LYS D 510 -14.06 0.28 -22.69
C LYS D 510 -14.79 -0.45 -23.82
N HIS D 511 -16.04 -0.83 -23.60
CA HIS D 511 -16.80 -1.63 -24.56
C HIS D 511 -17.76 -0.79 -25.41
N SER D 512 -17.52 0.52 -25.51
CA SER D 512 -18.36 1.35 -26.36
C SER D 512 -18.22 0.93 -27.82
N LEU D 513 -19.34 0.98 -28.55
CA LEU D 513 -19.32 0.60 -29.95
C LEU D 513 -18.43 1.52 -30.77
N LEU D 514 -18.49 2.82 -30.50
CA LEU D 514 -17.61 3.77 -31.19
C LEU D 514 -16.15 3.45 -30.91
N TYR D 515 -15.84 3.09 -29.66
CA TYR D 515 -14.46 2.76 -29.31
C TYR D 515 -13.96 1.55 -30.08
N GLU D 516 -14.78 0.50 -30.15
CA GLU D 516 -14.39 -0.69 -30.89
C GLU D 516 -14.25 -0.38 -32.38
N TYR D 517 -15.16 0.40 -32.94
CA TYR D 517 -15.06 0.79 -34.33
C TYR D 517 -13.77 1.56 -34.59
N PHE D 518 -13.44 2.50 -33.71
CA PHE D 518 -12.22 3.28 -33.86
C PHE D 518 -11.00 2.38 -33.84
N THR D 519 -10.94 1.45 -32.88
CA THR D 519 -9.79 0.56 -32.79
C THR D 519 -9.68 -0.31 -34.04
N VAL D 520 -10.80 -0.85 -34.51
CA VAL D 520 -10.78 -1.73 -35.68
C VAL D 520 -10.31 -0.96 -36.90
N TYR D 521 -10.84 0.24 -37.12
CA TYR D 521 -10.43 1.02 -38.27
C TYR D 521 -8.97 1.44 -38.17
N ASN D 522 -8.51 1.78 -36.97
CA ASN D 522 -7.11 2.15 -36.78
C ASN D 522 -6.19 0.99 -37.11
N GLU D 523 -6.56 -0.22 -36.69
CA GLU D 523 -5.76 -1.39 -37.04
C GLU D 523 -5.85 -1.71 -38.52
N LEU D 524 -6.99 -1.43 -39.14
CA LEU D 524 -7.18 -1.76 -40.54
C LEU D 524 -6.54 -0.75 -41.50
N THR D 525 -6.25 0.47 -41.03
CA THR D 525 -5.67 1.48 -41.91
C THR D 525 -4.29 1.06 -42.40
N LYS D 526 -3.46 0.49 -41.51
CA LYS D 526 -2.11 0.09 -41.86
C LYS D 526 -2.03 -1.32 -42.44
N VAL D 527 -3.13 -1.81 -42.99
CA VAL D 527 -3.15 -3.15 -43.59
C VAL D 527 -2.88 -3.03 -45.08
N LYS D 528 -1.87 -3.75 -45.56
CA LYS D 528 -1.51 -3.80 -46.96
C LYS D 528 -1.74 -5.21 -47.50
N TYR D 529 -1.99 -5.31 -48.80
CA TYR D 529 -2.25 -6.59 -49.43
C TYR D 529 -1.46 -6.69 -50.72
N VAL D 530 -0.77 -7.82 -50.90
CA VAL D 530 0.15 -8.02 -52.00
C VAL D 530 -0.34 -9.18 -52.86
N THR D 531 -0.59 -8.92 -54.13
CA THR D 531 -1.00 -9.95 -55.07
C THR D 531 -0.03 -10.00 -56.24
N GLU D 532 -0.32 -10.90 -57.18
CA GLU D 532 0.52 -11.03 -58.36
C GLU D 532 0.46 -9.79 -59.22
N GLY D 533 -0.74 -9.25 -59.44
CA GLY D 533 -0.93 -8.13 -60.35
C GLY D 533 -0.53 -6.78 -59.81
N MET D 534 -0.27 -6.67 -58.51
CA MET D 534 0.09 -5.40 -57.90
C MET D 534 1.61 -5.27 -57.83
N ARG D 535 2.15 -4.20 -58.42
CA ARG D 535 3.58 -3.94 -58.30
C ARG D 535 3.97 -3.64 -56.87
N LYS D 536 3.15 -2.86 -56.16
CA LYS D 536 3.43 -2.45 -54.79
C LYS D 536 2.20 -2.68 -53.93
N PRO D 537 2.37 -3.09 -52.67
CA PRO D 537 1.22 -3.19 -51.76
C PRO D 537 0.56 -1.84 -51.57
N ALA D 538 -0.77 -1.87 -51.46
CA ALA D 538 -1.56 -0.66 -51.30
C ALA D 538 -2.48 -0.80 -50.11
N PHE D 539 -2.82 0.34 -49.51
CA PHE D 539 -3.73 0.36 -48.38
C PHE D 539 -5.17 0.13 -48.85
N LEU D 540 -6.00 -0.33 -47.92
CA LEU D 540 -7.40 -0.61 -48.21
C LEU D 540 -8.20 0.69 -48.28
N SER D 541 -9.04 0.81 -49.31
CA SER D 541 -9.90 1.97 -49.43
C SER D 541 -11.07 1.88 -48.46
N GLY D 542 -11.80 2.99 -48.32
CA GLY D 542 -12.92 3.03 -47.40
C GLY D 542 -13.99 2.01 -47.75
N GLU D 543 -14.32 1.89 -49.03
CA GLU D 543 -15.29 0.88 -49.45
C GLU D 543 -14.78 -0.52 -49.17
N GLN D 544 -13.51 -0.78 -49.45
CA GLN D 544 -12.93 -2.09 -49.15
C GLN D 544 -12.95 -2.38 -47.66
N LYS D 545 -12.61 -1.37 -46.84
CA LYS D 545 -12.64 -1.56 -45.39
C LYS D 545 -14.05 -1.85 -44.91
N LYS D 546 -15.05 -1.13 -45.42
CA LYS D 546 -16.43 -1.38 -45.04
C LYS D 546 -16.86 -2.79 -45.43
N ALA D 547 -16.50 -3.21 -46.63
CA ALA D 547 -16.87 -4.56 -47.08
C ALA D 547 -16.22 -5.62 -46.20
N ILE D 548 -14.96 -5.43 -45.86
CA ILE D 548 -14.26 -6.40 -45.01
C ILE D 548 -14.91 -6.44 -43.63
N VAL D 549 -15.23 -5.27 -43.07
CA VAL D 549 -15.86 -5.22 -41.75
C VAL D 549 -17.21 -5.93 -41.77
N ASP D 550 -18.02 -5.66 -42.80
CA ASP D 550 -19.32 -6.31 -42.87
C ASP D 550 -19.20 -7.81 -43.06
N LEU D 551 -18.23 -8.26 -43.86
CA LEU D 551 -18.09 -9.68 -44.12
C LEU D 551 -17.46 -10.42 -42.95
N LEU D 552 -16.53 -9.80 -42.24
CA LEU D 552 -15.77 -10.48 -41.20
C LEU D 552 -16.03 -9.90 -39.81
N PHE D 553 -15.80 -8.59 -39.63
CA PHE D 553 -15.90 -8.01 -38.30
C PHE D 553 -17.33 -8.02 -37.77
N LYS D 554 -18.32 -7.88 -38.65
CA LYS D 554 -19.72 -7.90 -38.26
C LYS D 554 -20.34 -9.29 -38.37
N THR D 555 -19.54 -10.31 -38.67
CA THR D 555 -20.04 -11.68 -38.76
C THR D 555 -19.35 -12.66 -37.82
N ASN D 556 -18.14 -12.35 -37.36
CA ASN D 556 -17.38 -13.27 -36.52
C ASN D 556 -16.88 -12.53 -35.28
N ARG D 557 -16.82 -13.25 -34.16
CA ARG D 557 -16.33 -12.64 -32.93
C ARG D 557 -14.87 -12.25 -33.05
N LYS D 558 -14.08 -13.08 -33.74
CA LYS D 558 -12.69 -12.76 -34.01
C LYS D 558 -12.43 -12.90 -35.52
N VAL D 559 -11.53 -12.07 -36.02
CA VAL D 559 -11.11 -12.12 -37.43
C VAL D 559 -9.64 -12.46 -37.47
N THR D 560 -9.29 -13.47 -38.25
CA THR D 560 -7.91 -13.91 -38.41
C THR D 560 -7.35 -13.45 -39.75
N VAL D 561 -6.03 -13.52 -39.87
CA VAL D 561 -5.38 -13.17 -41.13
C VAL D 561 -5.82 -14.11 -42.23
N LYS D 562 -5.96 -15.39 -41.91
CA LYS D 562 -6.42 -16.36 -42.90
C LYS D 562 -7.83 -16.04 -43.38
N GLN D 563 -8.71 -15.65 -42.45
CA GLN D 563 -10.06 -15.27 -42.84
C GLN D 563 -10.05 -14.05 -43.75
N LEU D 564 -9.20 -13.08 -43.44
CA LEU D 564 -9.10 -11.90 -44.29
C LEU D 564 -8.61 -12.27 -45.68
N LYS D 565 -7.60 -13.14 -45.78
CA LYS D 565 -7.07 -13.51 -47.08
C LYS D 565 -8.08 -14.29 -47.89
N GLU D 566 -8.83 -15.20 -47.25
CA GLU D 566 -9.72 -16.10 -47.98
C GLU D 566 -11.08 -15.48 -48.27
N ASP D 567 -11.79 -15.05 -47.22
CA ASP D 567 -13.18 -14.67 -47.34
C ASP D 567 -13.41 -13.38 -48.11
N TYR D 568 -12.36 -12.58 -48.35
CA TYR D 568 -12.51 -11.32 -49.08
C TYR D 568 -11.77 -11.33 -50.41
N PHE D 569 -10.46 -11.57 -50.40
CA PHE D 569 -9.70 -11.52 -51.63
C PHE D 569 -10.09 -12.64 -52.58
N LYS D 570 -10.24 -13.86 -52.06
CA LYS D 570 -10.63 -14.97 -52.92
C LYS D 570 -12.12 -14.89 -53.27
N LYS D 571 -12.96 -14.54 -52.30
CA LYS D 571 -14.40 -14.54 -52.54
C LYS D 571 -14.83 -13.35 -53.39
N ILE D 572 -14.33 -12.16 -53.08
CA ILE D 572 -14.81 -10.94 -53.73
C ILE D 572 -13.83 -10.52 -54.82
N GLU D 573 -12.58 -10.28 -54.43
CA GLU D 573 -11.58 -9.80 -55.39
C GLU D 573 -11.03 -10.91 -56.27
N CYS D 574 -11.41 -12.17 -56.01
CA CYS D 574 -10.95 -13.32 -56.78
C CYS D 574 -9.43 -13.41 -56.79
N PHE D 575 -8.82 -13.11 -55.66
CA PHE D 575 -7.37 -13.16 -55.51
C PHE D 575 -6.99 -14.47 -54.85
N ASP D 576 -6.18 -15.27 -55.56
CA ASP D 576 -5.73 -16.56 -55.07
C ASP D 576 -4.42 -16.49 -54.31
N SER D 577 -3.77 -15.32 -54.30
CA SER D 577 -2.51 -15.16 -53.58
C SER D 577 -2.42 -13.72 -53.09
N VAL D 578 -2.50 -13.55 -51.78
CA VAL D 578 -2.46 -12.22 -51.16
C VAL D 578 -1.65 -12.33 -49.88
N GLU D 579 -0.75 -11.36 -49.68
CA GLU D 579 0.11 -11.31 -48.52
C GLU D 579 -0.18 -10.04 -47.74
N ILE D 580 -0.41 -10.18 -46.44
CA ILE D 580 -0.80 -9.07 -45.59
C ILE D 580 0.37 -8.69 -44.69
N SER D 581 0.65 -7.39 -44.60
CA SER D 581 1.71 -6.87 -43.76
C SER D 581 1.13 -6.08 -42.60
N GLY D 582 1.83 -6.12 -41.46
CA GLY D 582 1.42 -5.42 -40.26
C GLY D 582 0.65 -6.24 -39.25
N VAL D 583 0.25 -7.47 -39.58
CA VAL D 583 -0.51 -8.31 -38.67
C VAL D 583 0.07 -9.72 -38.67
N GLU D 584 0.17 -10.31 -37.48
CA GLU D 584 0.58 -11.69 -37.32
C GLU D 584 -0.41 -12.40 -36.42
N ASP D 585 -0.51 -13.72 -36.60
CA ASP D 585 -1.45 -14.56 -35.85
C ASP D 585 -2.85 -14.06 -36.16
N ARG D 586 -3.60 -13.53 -35.19
CA ARG D 586 -4.93 -12.98 -35.43
C ARG D 586 -4.95 -11.49 -35.09
N PHE D 587 -6.06 -10.85 -35.41
CA PHE D 587 -6.24 -9.43 -35.13
C PHE D 587 -6.72 -9.26 -33.69
N ASN D 588 -6.05 -8.37 -32.95
CA ASN D 588 -6.44 -8.10 -31.58
C ASN D 588 -7.79 -7.38 -31.51
N ALA D 589 -8.01 -6.44 -32.41
CA ALA D 589 -9.27 -5.71 -32.41
C ALA D 589 -10.42 -6.61 -32.85
N SER D 590 -11.56 -6.44 -32.20
CA SER D 590 -12.75 -7.23 -32.53
C SER D 590 -13.98 -6.46 -32.08
N LEU D 591 -15.10 -6.77 -32.72
CA LEU D 591 -16.38 -6.13 -32.40
C LEU D 591 -17.17 -7.01 -31.43
N GLY D 592 -16.59 -7.18 -30.24
CA GLY D 592 -17.24 -8.01 -29.23
C GLY D 592 -18.56 -7.42 -28.77
N THR D 593 -18.61 -6.11 -28.55
CA THR D 593 -19.86 -5.48 -28.15
C THR D 593 -20.90 -5.57 -29.26
N TYR D 594 -20.47 -5.40 -30.52
CA TYR D 594 -21.40 -5.50 -31.63
C TYR D 594 -22.04 -6.88 -31.70
N HIS D 595 -21.23 -7.93 -31.58
CA HIS D 595 -21.75 -9.29 -31.66
C HIS D 595 -22.60 -9.61 -30.44
N ASP D 596 -22.22 -9.11 -29.27
CA ASP D 596 -23.03 -9.33 -28.07
C ASP D 596 -24.40 -8.69 -28.23
N LEU D 597 -24.45 -7.45 -28.71
CA LEU D 597 -25.74 -6.79 -28.92
C LEU D 597 -26.55 -7.48 -30.01
N LEU D 598 -25.89 -7.95 -31.06
CA LEU D 598 -26.59 -8.72 -32.09
C LEU D 598 -27.20 -9.98 -31.51
N LYS D 599 -26.46 -10.65 -30.62
CA LYS D 599 -26.99 -11.84 -29.96
C LYS D 599 -28.19 -11.49 -29.08
N ILE D 600 -28.11 -10.38 -28.36
CA ILE D 600 -29.16 -10.04 -27.39
C ILE D 600 -30.41 -9.53 -28.08
N ILE D 601 -30.29 -8.40 -28.79
CA ILE D 601 -31.47 -7.76 -29.37
C ILE D 601 -31.93 -8.45 -30.64
N LYS D 602 -31.06 -9.24 -31.28
CA LYS D 602 -31.40 -9.98 -32.50
C LYS D 602 -31.91 -9.06 -33.60
N ASP D 603 -31.23 -7.93 -33.80
CA ASP D 603 -31.58 -6.99 -34.87
C ASP D 603 -30.29 -6.38 -35.38
N LYS D 604 -29.74 -6.97 -36.45
CA LYS D 604 -28.52 -6.43 -37.05
C LYS D 604 -28.76 -5.05 -37.65
N ASP D 605 -29.93 -4.85 -38.27
CA ASP D 605 -30.23 -3.55 -38.87
C ASP D 605 -30.30 -2.46 -37.81
N PHE D 606 -30.79 -2.78 -36.61
CA PHE D 606 -30.82 -1.79 -35.55
C PHE D 606 -29.43 -1.32 -35.18
N LEU D 607 -28.47 -2.26 -35.09
CA LEU D 607 -27.08 -1.88 -34.85
C LEU D 607 -26.52 -1.08 -36.02
N ASP D 608 -26.85 -1.47 -37.25
CA ASP D 608 -26.31 -0.81 -38.43
C ASP D 608 -26.89 0.58 -38.64
N ASN D 609 -27.97 0.94 -37.94
CA ASN D 609 -28.55 2.27 -38.08
C ASN D 609 -27.75 3.27 -37.28
N GLU D 610 -27.25 4.31 -37.95
CA GLU D 610 -26.48 5.34 -37.26
C GLU D 610 -27.34 6.13 -36.30
N GLU D 611 -28.64 6.27 -36.59
CA GLU D 611 -29.53 7.05 -35.73
C GLU D 611 -29.61 6.45 -34.33
N ASN D 612 -29.42 5.15 -34.20
CA ASN D 612 -29.44 4.50 -32.89
C ASN D 612 -28.13 4.62 -32.15
N GLU D 613 -27.08 5.16 -32.80
CA GLU D 613 -25.74 5.20 -32.22
C GLU D 613 -25.76 5.69 -30.78
N ASP D 614 -26.23 6.92 -30.56
CA ASP D 614 -26.29 7.48 -29.21
C ASP D 614 -27.04 6.55 -28.28
N ILE D 615 -28.20 6.06 -28.73
CA ILE D 615 -28.98 5.12 -27.93
C ILE D 615 -28.11 3.91 -27.56
N LEU D 616 -27.44 3.34 -28.56
CA LEU D 616 -26.53 2.22 -28.30
C LEU D 616 -25.49 2.63 -27.26
N GLU D 617 -24.91 3.81 -27.41
CA GLU D 617 -23.97 4.30 -26.41
C GLU D 617 -24.63 4.38 -25.04
N ASP D 618 -25.83 4.96 -24.99
CA ASP D 618 -26.53 5.07 -23.71
C ASP D 618 -26.79 3.70 -23.11
N ILE D 619 -26.79 2.64 -23.92
CA ILE D 619 -26.90 1.30 -23.37
C ILE D 619 -25.57 0.87 -22.77
N VAL D 620 -24.49 0.98 -23.55
CA VAL D 620 -23.20 0.44 -23.12
C VAL D 620 -22.73 1.16 -21.86
N LEU D 621 -22.84 2.49 -21.84
CA LEU D 621 -22.53 3.23 -20.63
C LEU D 621 -23.35 2.73 -19.46
N THR D 622 -24.65 2.48 -19.69
CA THR D 622 -25.50 1.97 -18.63
C THR D 622 -25.00 0.61 -18.12
N LEU D 623 -24.38 -0.17 -18.99
CA LEU D 623 -23.87 -1.48 -18.57
C LEU D 623 -22.54 -1.37 -17.86
N THR D 624 -21.98 -0.19 -17.74
CA THR D 624 -20.68 -0.03 -17.11
C THR D 624 -20.74 0.80 -15.83
N LEU D 625 -21.52 1.87 -15.81
CA LEU D 625 -21.60 2.70 -14.62
C LEU D 625 -22.18 1.95 -13.44
N PHE D 626 -23.23 1.17 -13.67
CA PHE D 626 -23.99 0.56 -12.59
C PHE D 626 -23.62 -0.92 -12.45
N GLU D 627 -23.56 -1.38 -11.20
CA GLU D 627 -23.44 -2.79 -10.90
C GLU D 627 -24.69 -3.38 -10.27
N ASP D 628 -25.55 -2.55 -9.68
CA ASP D 628 -26.83 -3.03 -9.16
C ASP D 628 -27.81 -3.22 -10.31
N ARG D 629 -28.40 -4.42 -10.40
CA ARG D 629 -29.29 -4.71 -11.52
C ARG D 629 -30.56 -3.88 -11.48
N GLU D 630 -31.02 -3.49 -10.29
CA GLU D 630 -32.20 -2.63 -10.21
C GLU D 630 -31.93 -1.28 -10.84
N MET D 631 -30.75 -0.70 -10.59
CA MET D 631 -30.39 0.56 -11.23
C MET D 631 -30.31 0.40 -12.74
N ILE D 632 -29.73 -0.70 -13.20
CA ILE D 632 -29.62 -0.94 -14.63
C ILE D 632 -31.00 -1.03 -15.27
N GLU D 633 -31.91 -1.76 -14.62
CA GLU D 633 -33.26 -1.89 -15.14
C GLU D 633 -33.97 -0.54 -15.17
N GLU D 634 -33.84 0.24 -14.11
CA GLU D 634 -34.48 1.56 -14.08
C GLU D 634 -33.94 2.44 -15.20
N ARG D 635 -32.62 2.42 -15.41
CA ARG D 635 -32.03 3.26 -16.45
C ARG D 635 -32.47 2.81 -17.83
N LEU D 636 -32.53 1.49 -18.06
CA LEU D 636 -32.91 0.98 -19.37
C LEU D 636 -34.41 1.05 -19.62
N LYS D 637 -35.22 1.31 -18.59
CA LYS D 637 -36.66 1.43 -18.79
C LYS D 637 -37.01 2.54 -19.78
N THR D 638 -36.14 3.54 -19.93
CA THR D 638 -36.40 4.60 -20.89
C THR D 638 -36.45 4.07 -22.31
N TYR D 639 -35.56 3.13 -22.64
CA TYR D 639 -35.49 2.56 -23.98
C TYR D 639 -36.16 1.19 -24.06
N ALA D 640 -36.99 0.85 -23.08
CA ALA D 640 -37.66 -0.44 -23.05
C ALA D 640 -38.71 -0.61 -24.14
N HIS D 641 -39.10 0.48 -24.81
CA HIS D 641 -40.11 0.37 -25.86
C HIS D 641 -39.54 -0.29 -27.11
N LEU D 642 -38.25 -0.07 -27.39
CA LEU D 642 -37.66 -0.62 -28.61
C LEU D 642 -37.54 -2.13 -28.54
N PHE D 643 -37.21 -2.68 -27.38
CA PHE D 643 -36.91 -4.09 -27.23
C PHE D 643 -37.91 -4.77 -26.32
N ASP D 644 -38.14 -6.06 -26.57
CA ASP D 644 -39.08 -6.83 -25.78
C ASP D 644 -38.56 -7.03 -24.36
N ASP D 645 -39.46 -7.50 -23.49
CA ASP D 645 -39.10 -7.71 -22.09
C ASP D 645 -38.01 -8.77 -21.94
N LYS D 646 -38.01 -9.77 -22.82
CA LYS D 646 -36.93 -10.76 -22.81
C LYS D 646 -35.59 -10.10 -23.11
N VAL D 647 -35.58 -9.18 -24.08
CA VAL D 647 -34.35 -8.46 -24.40
C VAL D 647 -33.92 -7.59 -23.23
N MET D 648 -34.89 -6.97 -22.55
CA MET D 648 -34.57 -6.17 -21.37
C MET D 648 -33.95 -7.03 -20.28
N LYS D 649 -34.51 -8.22 -20.05
CA LYS D 649 -33.94 -9.12 -19.05
C LYS D 649 -32.53 -9.56 -19.43
N GLN D 650 -32.32 -9.85 -20.72
CA GLN D 650 -30.98 -10.23 -21.16
C GLN D 650 -29.99 -9.08 -20.95
N LEU D 651 -30.41 -7.85 -21.24
CA LEU D 651 -29.55 -6.70 -21.03
C LEU D 651 -29.22 -6.53 -19.55
N LYS D 652 -30.22 -6.72 -18.69
CA LYS D 652 -29.96 -6.66 -17.25
C LYS D 652 -28.95 -7.73 -16.83
N ARG D 653 -29.08 -8.93 -17.38
CA ARG D 653 -28.13 -10.00 -17.08
C ARG D 653 -26.74 -9.66 -17.59
N ARG D 654 -26.66 -9.07 -18.79
CA ARG D 654 -25.38 -8.70 -19.37
C ARG D 654 -24.78 -7.51 -18.62
N ARG D 655 -23.53 -7.66 -18.17
CA ARG D 655 -22.86 -6.61 -17.41
C ARG D 655 -21.34 -6.73 -17.49
N TYR D 656 -20.67 -5.87 -18.28
CA TYR D 656 -19.22 -5.87 -18.36
C TYR D 656 -18.68 -4.53 -17.87
N THR D 657 -17.44 -4.56 -17.39
CA THR D 657 -16.80 -3.39 -16.80
C THR D 657 -15.47 -3.12 -17.49
N GLY D 658 -14.97 -1.90 -17.28
CA GLY D 658 -13.72 -1.47 -17.89
C GLY D 658 -13.93 -0.13 -18.56
N TRP D 659 -12.84 0.64 -18.66
CA TRP D 659 -12.89 1.95 -19.29
C TRP D 659 -11.76 2.08 -20.28
N GLY D 660 -12.02 2.76 -21.40
CA GLY D 660 -11.01 3.03 -22.39
C GLY D 660 -10.11 4.18 -21.96
N ARG D 661 -9.32 4.68 -22.90
CA ARG D 661 -8.43 5.80 -22.60
C ARG D 661 -8.58 6.99 -23.53
N LEU D 662 -9.51 6.95 -24.49
CA LEU D 662 -9.74 8.08 -25.39
C LEU D 662 -11.19 8.52 -25.29
N SER D 663 -11.40 9.81 -25.13
CA SER D 663 -12.75 10.36 -25.02
C SER D 663 -13.44 10.41 -26.38
N ARG D 664 -14.75 10.56 -26.35
CA ARG D 664 -15.53 10.57 -27.58
C ARG D 664 -15.24 11.80 -28.44
N LYS D 665 -15.03 12.96 -27.82
CA LYS D 665 -14.75 14.16 -28.58
C LYS D 665 -13.44 14.04 -29.36
N LEU D 666 -12.46 13.32 -28.79
CA LEU D 666 -11.22 13.06 -29.48
C LEU D 666 -11.40 12.12 -30.66
N ILE D 667 -12.55 11.47 -30.77
CA ILE D 667 -12.82 10.50 -31.83
C ILE D 667 -13.83 11.04 -32.84
N ASN D 668 -14.98 11.49 -32.36
CA ASN D 668 -16.05 11.93 -33.26
C ASN D 668 -16.61 13.29 -32.85
N GLY D 669 -15.90 14.03 -32.00
CA GLY D 669 -16.38 15.32 -31.54
C GLY D 669 -15.80 16.48 -32.33
N ILE D 670 -14.49 16.48 -32.52
CA ILE D 670 -13.82 17.57 -33.22
C ILE D 670 -13.72 17.22 -34.70
N ARG D 671 -13.83 18.25 -35.54
CA ARG D 671 -13.76 18.11 -36.98
C ARG D 671 -12.67 19.00 -37.52
N ASP D 672 -11.95 18.51 -38.53
CA ASP D 672 -10.93 19.33 -39.18
C ASP D 672 -11.58 20.51 -39.87
N LYS D 673 -10.98 21.69 -39.71
CA LYS D 673 -11.59 22.92 -40.21
C LYS D 673 -11.63 22.92 -41.74
N GLN D 674 -10.50 22.62 -42.38
CA GLN D 674 -10.42 22.72 -43.83
C GLN D 674 -11.22 21.59 -44.51
N SER D 675 -11.04 20.36 -44.05
CA SER D 675 -11.65 19.21 -44.70
C SER D 675 -13.08 18.96 -44.22
N GLY D 676 -13.43 19.42 -43.03
CA GLY D 676 -14.75 19.15 -42.49
C GLY D 676 -14.95 17.72 -42.01
N LYS D 677 -13.86 17.02 -41.69
CA LYS D 677 -13.92 15.63 -41.28
C LYS D 677 -13.38 15.47 -39.87
N THR D 678 -13.92 14.49 -39.15
CA THR D 678 -13.48 14.18 -37.80
C THR D 678 -12.35 13.14 -37.86
N ILE D 679 -11.91 12.70 -36.67
CA ILE D 679 -10.89 11.66 -36.61
C ILE D 679 -11.43 10.36 -37.21
N LEU D 680 -12.66 10.01 -36.84
CA LEU D 680 -13.27 8.80 -37.39
C LEU D 680 -13.46 8.93 -38.89
N ASP D 681 -13.85 10.11 -39.37
CA ASP D 681 -14.02 10.31 -40.80
C ASP D 681 -12.71 10.12 -41.54
N PHE D 682 -11.62 10.67 -41.00
CA PHE D 682 -10.31 10.49 -41.62
C PHE D 682 -9.89 9.02 -41.59
N LEU D 683 -10.17 8.32 -40.49
CA LEU D 683 -9.81 6.91 -40.41
C LEU D 683 -10.58 6.08 -41.44
N LYS D 684 -11.87 6.39 -41.63
CA LYS D 684 -12.67 5.65 -42.60
C LYS D 684 -12.27 5.98 -44.04
N SER D 685 -11.68 7.16 -44.28
CA SER D 685 -11.27 7.55 -45.63
C SER D 685 -10.10 8.52 -45.48
N ASP D 686 -8.90 8.04 -45.75
CA ASP D 686 -7.69 8.85 -45.71
C ASP D 686 -6.99 8.82 -47.06
N GLY D 687 -7.79 8.85 -48.13
CA GLY D 687 -7.22 8.73 -49.46
C GLY D 687 -6.51 7.40 -49.62
N PHE D 688 -5.25 7.46 -50.03
CA PHE D 688 -4.43 6.26 -50.17
C PHE D 688 -3.29 6.21 -49.17
N ALA D 689 -3.05 7.27 -48.41
CA ALA D 689 -2.01 7.24 -47.39
C ALA D 689 -2.44 6.42 -46.19
N ASN D 690 -3.73 6.45 -45.86
CA ASN D 690 -4.29 5.74 -44.72
C ASN D 690 -3.55 6.11 -43.43
N ARG D 691 -3.57 7.40 -43.12
CA ARG D 691 -2.98 7.89 -41.90
C ARG D 691 -3.78 7.40 -40.69
N ASN D 692 -3.08 6.89 -39.69
CA ASN D 692 -3.75 6.35 -38.52
C ASN D 692 -3.89 7.43 -37.45
N PHE D 693 -4.29 7.03 -36.24
CA PHE D 693 -4.58 7.98 -35.19
C PHE D 693 -3.34 8.77 -34.77
N MET D 694 -2.22 8.08 -34.56
CA MET D 694 -1.02 8.81 -34.18
C MET D 694 -0.63 9.79 -35.27
N GLN D 695 -0.78 9.40 -36.54
CA GLN D 695 -0.51 10.31 -37.65
C GLN D 695 -1.51 11.45 -37.71
N LEU D 696 -2.79 11.18 -37.43
CA LEU D 696 -3.81 12.23 -37.50
C LEU D 696 -3.58 13.31 -36.43
N ILE D 697 -3.26 12.91 -35.20
CA ILE D 697 -3.07 13.88 -34.14
C ILE D 697 -1.70 14.53 -34.14
N HIS D 698 -0.75 14.00 -34.91
CA HIS D 698 0.58 14.58 -35.03
C HIS D 698 0.84 15.16 -36.41
N ASP D 699 -0.22 15.40 -37.18
CA ASP D 699 -0.10 15.98 -38.51
C ASP D 699 -0.12 17.49 -38.38
N ASP D 700 0.99 18.14 -38.74
CA ASP D 700 1.05 19.60 -38.69
C ASP D 700 0.21 20.26 -39.76
N SER D 701 -0.27 19.50 -40.75
CA SER D 701 -1.14 20.02 -41.79
C SER D 701 -2.61 19.91 -41.44
N LEU D 702 -2.94 19.43 -40.23
CA LEU D 702 -4.32 19.25 -39.82
C LEU D 702 -4.58 20.03 -38.52
N THR D 703 -5.80 20.52 -38.39
CA THR D 703 -6.18 21.32 -37.22
C THR D 703 -6.25 20.50 -35.95
N PHE D 704 -6.25 19.17 -36.04
CA PHE D 704 -6.42 18.33 -34.86
C PHE D 704 -5.30 18.55 -33.85
N LYS D 705 -4.06 18.58 -34.33
CA LYS D 705 -2.92 18.77 -33.42
C LYS D 705 -3.00 20.14 -32.74
N GLU D 706 -3.32 21.18 -33.51
CA GLU D 706 -3.43 22.52 -32.92
C GLU D 706 -4.54 22.57 -31.88
N ASP D 707 -5.68 21.94 -32.17
CA ASP D 707 -6.78 21.92 -31.22
C ASP D 707 -6.39 21.17 -29.95
N ILE D 708 -5.66 20.06 -30.10
CA ILE D 708 -5.19 19.32 -28.94
C ILE D 708 -4.25 20.19 -28.10
N GLN D 709 -3.34 20.90 -28.76
CA GLN D 709 -2.40 21.76 -28.03
C GLN D 709 -3.15 22.87 -27.30
N LYS D 710 -4.13 23.49 -27.96
CA LYS D 710 -4.86 24.59 -27.33
C LYS D 710 -5.70 24.09 -26.16
N ALA D 711 -6.34 22.93 -26.32
CA ALA D 711 -7.19 22.41 -25.25
C ALA D 711 -6.37 21.89 -24.07
N GLN D 712 -5.14 21.44 -24.33
CA GLN D 712 -4.32 20.84 -23.29
C GLN D 712 -3.84 21.85 -22.25
N VAL D 713 -3.91 23.15 -22.54
CA VAL D 713 -3.45 24.16 -21.60
C VAL D 713 -4.41 24.24 -20.41
N SER D 719 0.04 24.86 -11.12
CA SER D 719 0.24 24.59 -9.70
C SER D 719 1.18 23.40 -9.49
N LEU D 720 2.38 23.70 -8.97
CA LEU D 720 3.36 22.64 -8.75
C LEU D 720 2.86 21.63 -7.73
N HIS D 721 2.27 22.10 -6.63
CA HIS D 721 1.78 21.19 -5.61
C HIS D 721 0.67 20.31 -6.16
N GLU D 722 -0.25 20.89 -6.93
CA GLU D 722 -1.29 20.08 -7.55
C GLU D 722 -0.72 19.14 -8.60
N HIS D 723 0.27 19.61 -9.37
CA HIS D 723 0.88 18.76 -10.39
C HIS D 723 1.59 17.56 -9.76
N ILE D 724 2.10 17.72 -8.54
CA ILE D 724 2.75 16.62 -7.85
C ILE D 724 1.74 15.72 -7.16
N ALA D 725 0.69 16.29 -6.58
CA ALA D 725 -0.32 15.48 -5.90
C ALA D 725 -1.05 14.55 -6.84
N ASN D 726 -1.09 14.85 -8.13
CA ASN D 726 -1.74 14.00 -9.11
C ASN D 726 -0.84 12.87 -9.61
N LEU D 727 0.40 12.80 -9.14
CA LEU D 727 1.29 11.74 -9.57
C LEU D 727 0.87 10.41 -8.95
N ALA D 728 1.47 9.34 -9.45
CA ALA D 728 1.19 7.98 -8.98
C ALA D 728 2.38 7.49 -8.15
N GLY D 729 2.15 7.34 -6.85
CA GLY D 729 3.21 6.88 -5.98
C GLY D 729 2.83 7.09 -4.52
N SER D 730 3.69 6.60 -3.64
CA SER D 730 3.46 6.76 -2.23
C SER D 730 3.59 8.23 -1.83
N PRO D 731 2.83 8.67 -0.82
CA PRO D 731 2.92 10.08 -0.41
C PRO D 731 4.31 10.49 0.05
N ALA D 732 5.07 9.57 0.67
CA ALA D 732 6.41 9.91 1.11
C ALA D 732 7.31 10.26 -0.07
N ILE D 733 7.25 9.46 -1.13
CA ILE D 733 8.07 9.75 -2.31
C ILE D 733 7.63 11.07 -2.93
N LYS D 734 6.33 11.36 -2.93
CA LYS D 734 5.86 12.62 -3.47
C LYS D 734 6.39 13.80 -2.67
N LYS D 735 6.41 13.68 -1.34
CA LYS D 735 6.98 14.73 -0.51
C LYS D 735 8.46 14.90 -0.81
N GLY D 736 9.18 13.79 -0.98
CA GLY D 736 10.58 13.88 -1.35
C GLY D 736 10.78 14.59 -2.67
N ILE D 737 9.92 14.31 -3.65
CA ILE D 737 10.04 14.95 -4.96
C ILE D 737 9.80 16.46 -4.84
N LEU D 738 8.77 16.84 -4.08
CA LEU D 738 8.48 18.27 -3.92
C LEU D 738 9.65 18.97 -3.25
N GLN D 739 10.22 18.36 -2.21
CA GLN D 739 11.37 18.98 -1.55
C GLN D 739 12.57 19.05 -2.49
N THR D 740 12.75 18.04 -3.33
CA THR D 740 13.85 18.06 -4.30
C THR D 740 13.69 19.22 -5.26
N VAL D 741 12.47 19.44 -5.75
CA VAL D 741 12.24 20.54 -6.69
C VAL D 741 12.50 21.89 -6.01
N LYS D 742 12.02 22.05 -4.77
CA LYS D 742 12.26 23.31 -4.07
C LYS D 742 13.75 23.51 -3.82
N VAL D 743 14.48 22.44 -3.50
CA VAL D 743 15.92 22.56 -3.29
C VAL D 743 16.62 22.96 -4.58
N VAL D 744 16.19 22.39 -5.72
CA VAL D 744 16.79 22.78 -6.99
C VAL D 744 16.56 24.25 -7.27
N ASP D 745 15.34 24.72 -7.02
CA ASP D 745 15.06 26.15 -7.21
C ASP D 745 15.94 27.00 -6.31
N GLU D 746 16.10 26.60 -5.05
CA GLU D 746 16.95 27.36 -4.13
C GLU D 746 18.39 27.39 -4.62
N LEU D 747 18.90 26.25 -5.08
CA LEU D 747 20.28 26.20 -5.57
C LEU D 747 20.47 27.09 -6.79
N VAL D 748 19.50 27.08 -7.71
CA VAL D 748 19.60 27.95 -8.88
C VAL D 748 19.61 29.41 -8.44
N LYS D 749 18.79 29.76 -7.46
CA LYS D 749 18.84 31.12 -6.93
C LYS D 749 20.18 31.42 -6.28
N VAL D 750 20.83 30.40 -5.71
CA VAL D 750 22.11 30.63 -5.04
C VAL D 750 23.20 31.00 -6.03
N MET D 751 23.24 30.32 -7.17
CA MET D 751 24.34 30.47 -8.13
C MET D 751 24.20 31.70 -9.02
N GLY D 752 23.42 32.69 -8.60
CA GLY D 752 23.22 33.86 -9.44
C GLY D 752 22.19 33.66 -10.52
N ARG D 753 21.20 32.80 -10.28
CA ARG D 753 20.11 32.54 -11.24
C ARG D 753 20.65 32.05 -12.57
N HIS D 754 21.71 31.25 -12.53
CA HIS D 754 22.28 30.62 -13.71
C HIS D 754 21.89 29.15 -13.69
N LYS D 755 21.04 28.76 -14.62
CA LYS D 755 20.57 27.37 -14.66
C LYS D 755 21.74 26.45 -14.99
N PRO D 756 21.86 25.32 -14.29
CA PRO D 756 23.01 24.44 -14.51
C PRO D 756 22.93 23.74 -15.85
N GLU D 757 24.09 23.25 -16.30
CA GLU D 757 24.13 22.47 -17.53
C GLU D 757 23.42 21.13 -17.35
N ASN D 758 23.64 20.47 -16.22
CA ASN D 758 23.11 19.13 -16.00
C ASN D 758 22.54 19.01 -14.60
N ILE D 759 21.51 18.18 -14.48
CA ILE D 759 20.87 17.90 -13.21
C ILE D 759 20.71 16.39 -13.13
N VAL D 760 21.61 15.74 -12.41
CA VAL D 760 21.55 14.28 -12.27
C VAL D 760 20.59 13.94 -11.13
N ILE D 761 19.70 12.98 -11.38
CA ILE D 761 18.72 12.54 -10.39
C ILE D 761 18.85 11.04 -10.21
N GLU D 762 18.99 10.61 -8.94
CA GLU D 762 18.93 9.20 -8.59
C GLU D 762 17.96 9.04 -7.43
N MET D 763 17.00 8.13 -7.56
CA MET D 763 16.08 7.80 -6.48
C MET D 763 16.47 6.46 -5.90
N ALA D 764 16.62 6.41 -4.58
CA ALA D 764 17.26 5.26 -3.92
C ALA D 764 16.50 3.96 -4.11
N ARG D 765 15.29 3.87 -3.54
CA ARG D 765 14.54 2.63 -3.54
C ARG D 765 13.14 2.91 -3.03
N GLU D 766 12.20 2.02 -3.39
CA GLU D 766 10.84 2.15 -2.89
C GLU D 766 10.79 1.96 -1.37
N ASN D 767 11.59 1.02 -0.85
CA ASN D 767 11.62 0.75 0.58
C ASN D 767 13.03 0.90 1.13
N ASN D 776 13.57 -15.85 2.85
CA ASN D 776 13.98 -16.36 1.55
C ASN D 776 14.68 -17.71 1.66
N SER D 777 15.15 -18.02 2.88
CA SER D 777 15.82 -19.30 3.10
C SER D 777 14.85 -20.47 2.92
N ARG D 778 13.60 -20.29 3.35
CA ARG D 778 12.61 -21.35 3.19
C ARG D 778 12.33 -21.62 1.71
N GLU D 779 12.27 -20.57 0.90
CA GLU D 779 12.09 -20.76 -0.54
C GLU D 779 13.26 -21.52 -1.15
N ARG D 780 14.48 -21.19 -0.74
CA ARG D 780 15.65 -21.90 -1.24
C ARG D 780 15.61 -23.37 -0.82
N MET D 781 15.23 -23.64 0.43
CA MET D 781 15.11 -25.03 0.89
C MET D 781 14.07 -25.78 0.08
N LYS D 782 12.92 -25.16 -0.19
CA LYS D 782 11.87 -25.80 -0.98
C LYS D 782 12.37 -26.09 -2.39
N ARG D 783 13.05 -25.13 -3.01
CA ARG D 783 13.56 -25.33 -4.37
C ARG D 783 14.59 -26.45 -4.41
N ILE D 784 15.49 -26.49 -3.43
CA ILE D 784 16.51 -27.53 -3.39
C ILE D 784 15.85 -28.89 -3.19
N GLU D 785 14.87 -28.98 -2.28
CA GLU D 785 14.18 -30.25 -2.06
C GLU D 785 13.45 -30.71 -3.31
N GLU D 786 12.77 -29.78 -4.00
CA GLU D 786 12.08 -30.16 -5.22
C GLU D 786 13.05 -30.65 -6.28
N GLY D 787 14.17 -29.95 -6.45
CA GLY D 787 15.16 -30.39 -7.43
C GLY D 787 15.76 -31.74 -7.09
N ILE D 788 16.07 -31.97 -5.82
CA ILE D 788 16.66 -33.24 -5.41
C ILE D 788 15.66 -34.38 -5.60
N LYS D 789 14.40 -34.16 -5.23
CA LYS D 789 13.39 -35.21 -5.40
C LYS D 789 13.11 -35.47 -6.88
N GLU D 790 13.15 -34.44 -7.72
CA GLU D 790 13.02 -34.66 -9.16
C GLU D 790 14.20 -35.45 -9.70
N LEU D 791 15.41 -35.12 -9.27
CA LEU D 791 16.60 -35.84 -9.73
C LEU D 791 16.75 -37.18 -9.01
N GLY D 792 16.39 -37.24 -7.73
CA GLY D 792 16.56 -38.47 -6.97
C GLY D 792 17.94 -38.68 -6.41
N SER D 793 18.72 -37.62 -6.22
CA SER D 793 20.07 -37.74 -5.72
C SER D 793 20.07 -37.95 -4.20
N GLN D 794 21.26 -38.20 -3.64
CA GLN D 794 21.43 -38.46 -2.22
C GLN D 794 22.24 -37.37 -1.52
N ILE D 795 22.36 -36.19 -2.13
CA ILE D 795 23.19 -35.13 -1.56
C ILE D 795 22.56 -34.60 -0.27
N LEU D 796 21.25 -34.37 -0.27
CA LEU D 796 20.59 -33.82 0.91
C LEU D 796 20.62 -34.80 2.07
N LYS D 797 20.42 -36.09 1.80
CA LYS D 797 20.36 -37.08 2.87
C LYS D 797 21.69 -37.19 3.61
N GLU D 798 22.80 -37.22 2.86
CA GLU D 798 24.11 -37.37 3.49
C GLU D 798 24.60 -36.09 4.14
N HIS D 799 24.28 -34.94 3.56
CA HIS D 799 24.77 -33.64 4.04
C HIS D 799 23.62 -32.76 4.48
N PRO D 800 23.29 -32.73 5.77
CA PRO D 800 22.24 -31.83 6.24
C PRO D 800 22.64 -30.37 6.09
N VAL D 801 21.65 -29.52 5.83
CA VAL D 801 21.86 -28.10 5.64
C VAL D 801 20.73 -27.34 6.33
N GLU D 802 21.09 -26.29 7.06
CA GLU D 802 20.11 -25.42 7.68
C GLU D 802 19.71 -24.30 6.73
N ASN D 803 18.54 -23.70 7.02
CA ASN D 803 18.06 -22.59 6.21
C ASN D 803 18.99 -21.38 6.33
N THR D 804 19.48 -21.10 7.53
CA THR D 804 20.38 -19.96 7.72
C THR D 804 21.68 -20.15 6.96
N GLN D 805 22.22 -21.38 6.97
CA GLN D 805 23.47 -21.65 6.26
C GLN D 805 23.31 -21.46 4.76
N LEU D 806 22.10 -21.61 4.23
CA LEU D 806 21.85 -21.41 2.81
C LEU D 806 21.99 -19.96 2.37
N GLN D 807 22.01 -19.01 3.30
CA GLN D 807 22.17 -17.61 2.93
C GLN D 807 23.53 -17.34 2.27
N ASN D 808 24.53 -18.18 2.54
CA ASN D 808 25.80 -18.07 1.86
C ASN D 808 25.65 -18.49 0.40
N GLU D 809 26.20 -17.69 -0.51
CA GLU D 809 26.02 -17.97 -1.94
C GLU D 809 26.69 -19.29 -2.33
N LYS D 810 27.87 -19.57 -1.79
CA LYS D 810 28.62 -20.75 -2.19
C LYS D 810 27.85 -22.03 -1.86
N LEU D 811 27.30 -22.12 -0.65
CA LEU D 811 26.58 -23.33 -0.25
C LEU D 811 25.33 -23.53 -1.10
N TYR D 812 24.56 -22.45 -1.33
CA TYR D 812 23.36 -22.56 -2.13
C TYR D 812 23.68 -22.96 -3.56
N LEU D 813 24.74 -22.40 -4.13
CA LEU D 813 25.14 -22.78 -5.48
C LEU D 813 25.64 -24.22 -5.54
N TYR D 814 26.33 -24.67 -4.49
CA TYR D 814 26.79 -26.05 -4.42
C TYR D 814 25.60 -27.01 -4.39
N TYR D 815 24.57 -26.68 -3.60
CA TYR D 815 23.39 -27.53 -3.56
C TYR D 815 22.59 -27.47 -4.86
N LEU D 816 22.55 -26.31 -5.51
CA LEU D 816 21.84 -26.20 -6.77
C LEU D 816 22.49 -27.05 -7.86
N GLN D 817 23.82 -27.09 -7.89
CA GLN D 817 24.56 -27.82 -8.90
C GLN D 817 24.76 -29.29 -8.53
N ASN D 818 23.99 -29.81 -7.58
CA ASN D 818 24.08 -31.20 -7.13
C ASN D 818 25.50 -31.52 -6.66
N GLY D 819 26.15 -30.54 -6.04
CA GLY D 819 27.51 -30.72 -5.56
C GLY D 819 28.51 -31.00 -6.66
N ARG D 820 28.31 -30.42 -7.84
CA ARG D 820 29.19 -30.65 -8.98
C ARG D 820 29.60 -29.32 -9.59
N ASP D 821 30.74 -29.33 -10.28
CA ASP D 821 31.20 -28.15 -10.98
C ASP D 821 30.32 -27.90 -12.21
N MET D 822 29.89 -26.65 -12.38
CA MET D 822 28.98 -26.32 -13.48
C MET D 822 29.70 -26.30 -14.83
N TYR D 823 31.02 -26.11 -14.84
CA TYR D 823 31.78 -26.04 -16.08
C TYR D 823 32.51 -27.34 -16.41
N VAL D 824 32.88 -28.12 -15.41
CA VAL D 824 33.63 -29.36 -15.60
C VAL D 824 32.81 -30.51 -15.02
N ASP D 825 32.81 -31.64 -15.71
CA ASP D 825 32.05 -32.80 -15.26
C ASP D 825 32.73 -33.44 -14.06
N GLN D 826 32.68 -32.76 -12.92
CA GLN D 826 33.29 -33.25 -11.70
C GLN D 826 32.55 -32.67 -10.51
N GLU D 827 32.70 -33.33 -9.36
CA GLU D 827 32.03 -32.91 -8.15
C GLU D 827 32.90 -31.94 -7.35
N LEU D 828 32.31 -31.36 -6.31
CA LEU D 828 32.96 -30.39 -5.46
C LEU D 828 32.84 -30.83 -4.00
N ASP D 829 33.76 -30.32 -3.17
CA ASP D 829 33.81 -30.67 -1.76
C ASP D 829 33.47 -29.45 -0.91
N ILE D 830 32.74 -29.70 0.19
CA ILE D 830 32.36 -28.62 1.09
C ILE D 830 33.60 -28.00 1.75
N ASN D 831 34.54 -28.83 2.18
CA ASN D 831 35.76 -28.33 2.80
C ASN D 831 36.63 -27.53 1.84
N ARG D 832 36.41 -27.65 0.53
CA ARG D 832 37.17 -26.91 -0.47
C ARG D 832 36.44 -25.67 -0.95
N LEU D 833 35.30 -25.30 -0.32
CA LEU D 833 34.56 -24.12 -0.74
C LEU D 833 35.38 -22.85 -0.58
N SER D 834 36.30 -22.82 0.40
CA SER D 834 37.13 -21.64 0.59
C SER D 834 38.01 -21.37 -0.62
N ASP D 835 38.49 -22.43 -1.28
CA ASP D 835 39.31 -22.28 -2.48
C ASP D 835 38.48 -22.22 -3.75
N TYR D 836 37.17 -22.46 -3.67
CA TYR D 836 36.32 -22.39 -4.84
C TYR D 836 35.98 -20.95 -5.20
N ASP D 837 35.57 -20.75 -6.44
CA ASP D 837 35.31 -19.43 -6.98
C ASP D 837 33.86 -19.33 -7.46
N VAL D 838 33.35 -18.10 -7.47
CA VAL D 838 32.04 -17.77 -8.01
C VAL D 838 32.24 -16.85 -9.19
N ASP D 839 31.68 -17.22 -10.34
CA ASP D 839 31.86 -16.46 -11.57
C ASP D 839 30.50 -16.20 -12.20
N ALA D 840 30.42 -15.10 -12.95
CA ALA D 840 29.19 -14.72 -13.62
C ALA D 840 29.18 -15.31 -15.02
N ILE D 841 28.04 -15.89 -15.40
CA ILE D 841 27.90 -16.47 -16.74
C ILE D 841 28.15 -15.42 -17.80
N VAL D 842 27.51 -14.27 -17.65
CA VAL D 842 27.80 -13.07 -18.43
C VAL D 842 28.72 -12.19 -17.59
N PRO D 843 29.92 -11.85 -18.07
CA PRO D 843 30.85 -11.09 -17.22
C PRO D 843 30.27 -9.77 -16.78
N GLN D 844 30.66 -9.34 -15.58
CA GLN D 844 30.14 -8.12 -14.99
C GLN D 844 30.43 -6.90 -15.85
N SER D 845 31.45 -6.99 -16.70
CA SER D 845 31.76 -5.91 -17.64
C SER D 845 30.82 -5.90 -18.84
N PHE D 846 29.83 -6.78 -18.88
CA PHE D 846 28.83 -6.76 -19.94
C PHE D 846 27.41 -6.59 -19.41
N LEU D 847 26.99 -7.41 -18.46
CA LEU D 847 25.68 -7.27 -17.84
C LEU D 847 25.85 -7.46 -16.33
N LYS D 848 25.74 -6.37 -15.58
CA LYS D 848 25.95 -6.40 -14.13
C LYS D 848 24.76 -7.09 -13.49
N ASP D 849 24.89 -8.39 -13.23
CA ASP D 849 23.85 -9.17 -12.57
C ASP D 849 24.45 -9.84 -11.34
N ASP D 850 23.80 -9.62 -10.19
CA ASP D 850 24.25 -10.21 -8.93
C ASP D 850 23.23 -11.21 -8.38
N SER D 851 22.34 -11.70 -9.22
CA SER D 851 21.31 -12.64 -8.80
C SER D 851 21.78 -14.07 -9.04
N ILE D 852 20.97 -15.02 -8.60
CA ILE D 852 21.31 -16.43 -8.73
C ILE D 852 21.32 -16.86 -10.19
N ASP D 853 20.42 -16.29 -11.01
CA ASP D 853 20.29 -16.73 -12.40
C ASP D 853 21.56 -16.49 -13.21
N ASN D 854 22.42 -15.57 -12.80
CA ASN D 854 23.63 -15.24 -13.53
C ASN D 854 24.87 -15.47 -12.66
N LYS D 855 24.89 -16.56 -11.91
CA LYS D 855 26.03 -16.91 -11.09
C LYS D 855 26.29 -18.41 -11.19
N VAL D 856 27.56 -18.79 -11.04
CA VAL D 856 28.02 -20.16 -11.18
C VAL D 856 29.13 -20.40 -10.18
N LEU D 857 29.03 -21.51 -9.43
CA LEU D 857 30.09 -21.93 -8.53
C LEU D 857 30.99 -22.92 -9.26
N THR D 858 32.26 -22.57 -9.42
CA THR D 858 33.22 -23.41 -10.13
C THR D 858 34.50 -23.51 -9.32
N ARG D 859 35.26 -24.58 -9.58
CA ARG D 859 36.53 -24.77 -8.90
C ARG D 859 37.52 -23.65 -9.25
N SER D 860 37.56 -23.26 -10.52
CA SER D 860 38.41 -22.16 -10.95
C SER D 860 37.83 -21.56 -12.22
N ASP D 861 38.04 -20.25 -12.38
CA ASP D 861 37.53 -19.56 -13.57
C ASP D 861 38.26 -19.96 -14.83
N LYS D 862 39.50 -20.41 -14.72
CA LYS D 862 40.27 -20.82 -15.89
C LYS D 862 39.62 -21.97 -16.63
N ASN D 863 38.77 -22.75 -15.95
CA ASN D 863 38.05 -23.84 -16.60
C ASN D 863 36.91 -23.37 -17.49
N ARG D 864 36.52 -22.09 -17.41
CA ARG D 864 35.42 -21.60 -18.22
C ARG D 864 35.83 -21.25 -19.64
N GLY D 865 37.13 -21.25 -19.93
CA GLY D 865 37.61 -20.89 -21.27
C GLY D 865 37.83 -19.40 -21.40
N LYS D 866 37.41 -18.83 -22.53
CA LYS D 866 37.54 -17.39 -22.77
C LYS D 866 36.54 -16.66 -21.87
N SER D 867 37.03 -16.11 -20.76
CA SER D 867 36.16 -15.43 -19.82
C SER D 867 35.67 -14.08 -20.36
N ASP D 868 36.34 -13.53 -21.38
CA ASP D 868 35.88 -12.29 -21.98
C ASP D 868 34.52 -12.46 -22.64
N ASN D 869 34.31 -13.58 -23.30
CA ASN D 869 33.07 -13.87 -24.00
C ASN D 869 32.23 -14.85 -23.17
N VAL D 870 31.11 -15.29 -23.73
CA VAL D 870 30.29 -16.36 -23.16
C VAL D 870 31.16 -17.60 -23.05
N PRO D 871 31.00 -18.43 -22.00
CA PRO D 871 31.79 -19.66 -21.88
C PRO D 871 31.93 -20.44 -23.18
N SER D 872 33.12 -20.96 -23.43
CA SER D 872 33.48 -21.52 -24.73
C SER D 872 32.55 -22.68 -25.10
N GLU D 873 32.44 -22.90 -26.42
CA GLU D 873 31.59 -23.97 -26.93
C GLU D 873 32.02 -25.34 -26.44
N GLU D 874 33.30 -25.51 -26.09
CA GLU D 874 33.77 -26.78 -25.55
C GLU D 874 33.08 -27.10 -24.23
N VAL D 875 32.96 -26.11 -23.35
CA VAL D 875 32.28 -26.33 -22.07
C VAL D 875 30.80 -26.64 -22.29
N VAL D 876 30.19 -25.98 -23.28
CA VAL D 876 28.80 -26.26 -23.60
C VAL D 876 28.64 -27.70 -24.08
N LYS D 877 29.51 -28.14 -24.98
CA LYS D 877 29.45 -29.53 -25.44
C LYS D 877 29.70 -30.50 -24.31
N LYS D 878 30.54 -30.13 -23.35
CA LYS D 878 30.80 -30.99 -22.20
C LYS D 878 29.58 -31.13 -21.31
N MET D 879 28.92 -30.01 -20.98
CA MET D 879 27.95 -29.99 -19.89
C MET D 879 26.53 -29.66 -20.33
N LYS D 880 26.21 -29.79 -21.62
CA LYS D 880 24.86 -29.50 -22.07
C LYS D 880 23.84 -30.46 -21.46
N ASN D 881 24.17 -31.76 -21.41
CA ASN D 881 23.25 -32.73 -20.83
C ASN D 881 23.07 -32.47 -19.33
N TYR D 882 24.16 -32.15 -18.64
CA TYR D 882 24.08 -31.84 -17.21
C TYR D 882 23.22 -30.62 -16.95
N TRP D 883 23.41 -29.56 -17.75
CA TRP D 883 22.61 -28.36 -17.60
C TRP D 883 21.14 -28.62 -17.91
N ARG D 884 20.86 -29.44 -18.93
CA ARG D 884 19.48 -29.78 -19.25
C ARG D 884 18.84 -30.56 -18.12
N GLN D 885 19.58 -31.50 -17.52
CA GLN D 885 19.05 -32.25 -16.38
C GLN D 885 18.78 -31.35 -15.20
N LEU D 886 19.67 -30.39 -14.94
CA LEU D 886 19.41 -29.42 -13.87
C LEU D 886 18.18 -28.58 -14.17
N LEU D 887 18.00 -28.21 -15.44
CA LEU D 887 16.83 -27.43 -15.83
C LEU D 887 15.55 -28.21 -15.62
N ASN D 888 15.55 -29.50 -15.95
CA ASN D 888 14.35 -30.32 -15.80
C ASN D 888 13.93 -30.46 -14.34
N ALA D 889 14.86 -30.33 -13.40
CA ALA D 889 14.56 -30.39 -11.97
C ALA D 889 14.34 -29.01 -11.36
N LYS D 890 14.23 -27.98 -12.19
CA LYS D 890 14.03 -26.59 -11.77
C LYS D 890 15.22 -26.04 -10.98
N LEU D 891 16.36 -26.72 -11.00
CA LEU D 891 17.54 -26.22 -10.31
C LEU D 891 18.05 -24.94 -10.98
N ILE D 892 17.96 -24.87 -12.30
CA ILE D 892 18.31 -23.67 -13.05
C ILE D 892 17.14 -23.30 -13.94
N THR D 893 17.12 -22.04 -14.37
CA THR D 893 16.03 -21.51 -15.17
C THR D 893 16.37 -21.57 -16.66
N GLN D 894 15.36 -21.28 -17.48
CA GLN D 894 15.57 -21.27 -18.93
C GLN D 894 16.55 -20.18 -19.34
N ARG D 895 16.44 -19.01 -18.73
CA ARG D 895 17.37 -17.93 -19.05
C ARG D 895 18.81 -18.29 -18.69
N LYS D 896 19.00 -18.90 -17.52
CA LYS D 896 20.34 -19.32 -17.12
C LYS D 896 20.88 -20.39 -18.06
N PHE D 897 20.03 -21.34 -18.46
CA PHE D 897 20.46 -22.38 -19.39
C PHE D 897 20.85 -21.78 -20.74
N ASP D 898 20.06 -20.82 -21.22
CA ASP D 898 20.39 -20.16 -22.49
C ASP D 898 21.69 -19.38 -22.39
N ASN D 899 21.91 -18.70 -21.27
CA ASN D 899 23.17 -17.98 -21.07
C ASN D 899 24.35 -18.94 -21.04
N LEU D 900 24.19 -20.08 -20.38
CA LEU D 900 25.26 -21.09 -20.38
C LEU D 900 25.46 -21.70 -21.76
N THR D 901 24.38 -21.83 -22.54
CA THR D 901 24.45 -22.42 -23.87
C THR D 901 24.38 -21.36 -24.98
N LYS D 902 24.74 -20.12 -24.66
CA LYS D 902 24.70 -19.05 -25.66
C LYS D 902 25.80 -19.20 -26.69
N ALA D 903 26.86 -19.95 -26.39
CA ALA D 903 27.99 -20.08 -27.32
C ALA D 903 27.54 -20.73 -28.63
N GLU D 904 26.73 -21.78 -28.56
CA GLU D 904 26.22 -22.42 -29.76
C GLU D 904 25.17 -21.58 -30.47
N ARG D 905 24.67 -20.52 -29.83
CA ARG D 905 23.66 -19.65 -30.41
C ARG D 905 24.27 -18.32 -30.86
N GLY D 906 25.50 -18.38 -31.38
CA GLY D 906 26.19 -17.20 -31.85
C GLY D 906 27.03 -16.48 -30.82
N GLY D 907 26.99 -16.91 -29.56
CA GLY D 907 27.77 -16.24 -28.53
C GLY D 907 27.20 -14.87 -28.19
N LEU D 908 28.02 -14.09 -27.50
CA LEU D 908 27.64 -12.74 -27.08
C LEU D 908 27.82 -11.79 -28.26
N SER D 909 26.74 -11.56 -28.99
CA SER D 909 26.81 -10.70 -30.16
C SER D 909 26.83 -9.23 -29.76
N GLU D 910 27.17 -8.38 -30.75
CA GLU D 910 27.20 -6.95 -30.50
C GLU D 910 25.83 -6.41 -30.15
N LEU D 911 24.78 -6.97 -30.76
CA LEU D 911 23.43 -6.56 -30.41
C LEU D 911 23.10 -6.89 -28.96
N ASP D 912 23.56 -8.05 -28.49
CA ASP D 912 23.37 -8.39 -27.08
C ASP D 912 24.10 -7.42 -26.17
N LYS D 913 25.31 -7.00 -26.56
CA LYS D 913 26.04 -6.01 -25.78
C LYS D 913 25.33 -4.67 -25.76
N ALA D 914 24.76 -4.26 -26.90
CA ALA D 914 23.98 -3.03 -26.94
C ALA D 914 22.75 -3.13 -26.03
N GLY D 915 22.07 -4.27 -26.05
CA GLY D 915 20.95 -4.46 -25.16
C GLY D 915 21.35 -4.42 -23.70
N PHE D 916 22.49 -5.01 -23.37
CA PHE D 916 22.98 -4.98 -22.00
C PHE D 916 23.34 -3.57 -21.57
N ILE D 917 23.94 -2.77 -22.48
CA ILE D 917 24.21 -1.37 -22.18
C ILE D 917 22.90 -0.63 -21.92
N LYS D 918 21.90 -0.88 -22.76
CA LYS D 918 20.59 -0.26 -22.54
C LYS D 918 20.03 -0.61 -21.18
N ARG D 919 20.11 -1.89 -20.80
CA ARG D 919 19.62 -2.32 -19.49
C ARG D 919 20.36 -1.62 -18.37
N GLN D 920 21.69 -1.52 -18.49
CA GLN D 920 22.48 -0.85 -17.48
C GLN D 920 22.24 0.65 -17.43
N LEU D 921 21.68 1.23 -18.49
CA LEU D 921 21.48 2.67 -18.53
C LEU D 921 20.03 3.10 -18.29
N VAL D 922 19.06 2.39 -18.85
CA VAL D 922 17.68 2.84 -18.71
C VAL D 922 17.20 2.64 -17.27
N GLU D 923 16.16 3.37 -16.91
CA GLU D 923 15.53 3.27 -15.60
C GLU D 923 14.14 2.70 -15.79
N THR D 924 13.86 1.58 -15.10
CA THR D 924 12.57 0.91 -15.28
C THR D 924 11.44 1.70 -14.63
N ARG D 925 11.69 2.29 -13.47
CA ARG D 925 10.63 2.96 -12.72
C ARG D 925 10.15 4.21 -13.46
N GLN D 926 8.83 4.37 -13.51
CA GLN D 926 8.23 5.53 -14.16
C GLN D 926 8.16 6.75 -13.26
N ILE D 927 8.30 6.57 -11.95
CA ILE D 927 8.27 7.71 -11.04
C ILE D 927 9.49 8.61 -11.29
N THR D 928 10.65 8.00 -11.54
CA THR D 928 11.82 8.78 -11.91
C THR D 928 11.60 9.51 -13.23
N LYS D 929 10.92 8.86 -14.18
CA LYS D 929 10.59 9.52 -15.43
C LYS D 929 9.71 10.74 -15.20
N HIS D 930 8.71 10.61 -14.32
CA HIS D 930 7.83 11.73 -14.03
C HIS D 930 8.61 12.87 -13.36
N VAL D 931 9.50 12.53 -12.44
CA VAL D 931 10.31 13.56 -11.79
C VAL D 931 11.19 14.28 -12.82
N ALA D 932 11.82 13.51 -13.71
CA ALA D 932 12.65 14.10 -14.75
C ALA D 932 11.83 15.02 -15.65
N GLN D 933 10.63 14.59 -16.02
CA GLN D 933 9.77 15.42 -16.85
C GLN D 933 9.40 16.71 -16.14
N ILE D 934 9.08 16.62 -14.85
CA ILE D 934 8.70 17.81 -14.09
C ILE D 934 9.87 18.80 -14.04
N LEU D 935 11.06 18.29 -13.75
CA LEU D 935 12.22 19.18 -13.66
C LEU D 935 12.58 19.76 -15.03
N ASP D 936 12.43 18.98 -16.10
CA ASP D 936 12.68 19.50 -17.43
C ASP D 936 11.69 20.61 -17.78
N SER D 937 10.42 20.41 -17.45
CA SER D 937 9.42 21.43 -17.73
C SER D 937 9.69 22.70 -16.94
N ARG D 938 10.07 22.56 -15.66
CA ARG D 938 10.30 23.75 -14.83
C ARG D 938 11.55 24.49 -15.26
N MET D 939 12.64 23.77 -15.49
CA MET D 939 13.92 24.43 -15.77
C MET D 939 13.98 24.96 -17.19
N ASN D 940 13.40 24.25 -18.14
CA ASN D 940 13.48 24.63 -19.55
C ASN D 940 12.12 25.18 -20.00
N THR D 941 12.12 26.44 -20.46
CA THR D 941 10.91 27.08 -20.96
C THR D 941 11.16 27.75 -22.30
N LYS D 942 12.23 27.38 -22.99
CA LYS D 942 12.59 27.98 -24.28
C LYS D 942 12.30 26.97 -25.39
N TYR D 943 11.12 27.11 -26.00
CA TYR D 943 10.80 26.34 -27.19
C TYR D 943 11.04 27.21 -28.42
N ASP D 944 11.83 26.68 -29.37
CA ASP D 944 12.21 27.47 -30.53
C ASP D 944 11.03 27.64 -31.47
N GLU D 945 11.27 28.37 -32.57
CA GLU D 945 10.24 28.59 -33.57
C GLU D 945 9.82 27.29 -34.25
N ASN D 946 10.70 26.30 -34.28
CA ASN D 946 10.39 24.99 -34.84
C ASN D 946 9.56 24.12 -33.90
N ASP D 947 8.99 24.71 -32.84
CA ASP D 947 8.20 23.98 -31.86
C ASP D 947 9.00 22.86 -31.22
N LYS D 948 10.19 23.22 -30.73
CA LYS D 948 11.05 22.27 -30.02
C LYS D 948 11.67 22.99 -28.84
N LEU D 949 11.64 22.34 -27.67
CA LEU D 949 12.17 22.95 -26.47
C LEU D 949 13.69 22.97 -26.51
N ILE D 950 14.27 24.14 -26.26
CA ILE D 950 15.72 24.26 -26.20
C ILE D 950 16.20 23.64 -24.89
N ARG D 951 16.99 22.57 -24.99
CA ARG D 951 17.43 21.82 -23.82
C ARG D 951 18.63 22.52 -23.18
N GLU D 952 18.34 23.64 -22.54
CA GLU D 952 19.38 24.34 -21.78
C GLU D 952 19.83 23.54 -20.58
N VAL D 953 18.92 22.79 -19.97
CA VAL D 953 19.19 22.01 -18.77
C VAL D 953 18.92 20.56 -19.09
N LYS D 954 19.90 19.70 -18.82
CA LYS D 954 19.79 18.27 -19.11
C LYS D 954 19.47 17.51 -17.84
N VAL D 955 18.21 17.12 -17.69
CA VAL D 955 17.83 16.23 -16.60
C VAL D 955 18.29 14.82 -16.94
N ILE D 956 19.17 14.28 -16.12
CA ILE D 956 19.69 12.94 -16.28
C ILE D 956 19.11 12.06 -15.19
N THR D 957 18.99 10.77 -15.48
CA THR D 957 18.44 9.80 -14.54
C THR D 957 19.45 8.68 -14.34
N LEU D 958 19.59 8.22 -13.10
CA LEU D 958 20.58 7.21 -12.77
C LEU D 958 20.03 6.26 -11.73
N LYS D 959 20.60 5.06 -11.70
CA LYS D 959 20.16 3.98 -10.82
C LYS D 959 21.18 3.79 -9.70
N SER D 960 20.69 3.39 -8.53
CA SER D 960 21.55 3.29 -7.36
C SER D 960 22.61 2.22 -7.50
N LYS D 961 22.37 1.19 -8.31
CA LYS D 961 23.30 0.08 -8.40
C LYS D 961 24.65 0.52 -8.96
N LEU D 962 24.64 1.38 -9.98
CA LEU D 962 25.88 1.85 -10.57
C LEU D 962 26.73 2.61 -9.55
N VAL D 963 26.09 3.50 -8.78
CA VAL D 963 26.82 4.29 -7.80
C VAL D 963 27.30 3.40 -6.66
N SER D 964 26.49 2.44 -6.24
CA SER D 964 26.92 1.52 -5.21
C SER D 964 28.14 0.72 -5.65
N ASP D 965 28.12 0.25 -6.91
CA ASP D 965 29.27 -0.46 -7.44
C ASP D 965 30.51 0.44 -7.49
N PHE D 966 30.32 1.70 -7.88
CA PHE D 966 31.44 2.64 -7.88
C PHE D 966 32.02 2.79 -6.48
N ARG D 967 31.15 2.94 -5.48
CA ARG D 967 31.63 3.07 -4.10
C ARG D 967 32.38 1.82 -3.66
N LYS D 968 31.83 0.65 -3.97
CA LYS D 968 32.43 -0.60 -3.52
C LYS D 968 33.66 -1.00 -4.32
N ASP D 969 33.91 -0.35 -5.46
CA ASP D 969 35.06 -0.69 -6.27
C ASP D 969 36.26 0.22 -6.02
N PHE D 970 36.02 1.49 -5.71
CA PHE D 970 37.07 2.45 -5.43
C PHE D 970 37.20 2.76 -3.95
N GLN D 971 36.65 1.91 -3.10
CA GLN D 971 36.78 2.02 -1.65
C GLN D 971 36.24 3.34 -1.11
N PHE D 972 35.19 3.85 -1.74
CA PHE D 972 34.46 5.01 -1.22
C PHE D 972 33.26 4.53 -0.40
N TYR D 973 33.59 3.84 0.69
CA TYR D 973 32.58 3.15 1.47
C TYR D 973 31.73 4.13 2.27
N LYS D 974 30.57 3.64 2.69
CA LYS D 974 29.64 4.40 3.50
C LYS D 974 29.21 3.57 4.70
N VAL D 975 28.91 4.25 5.80
CA VAL D 975 28.29 3.63 6.96
C VAL D 975 27.03 4.41 7.27
N ARG D 976 25.88 3.72 7.24
CA ARG D 976 24.61 4.40 7.40
C ARG D 976 24.44 4.97 8.81
N GLU D 977 25.04 4.31 9.80
CA GLU D 977 24.80 4.69 11.19
C GLU D 977 25.78 5.75 11.69
N ILE D 978 26.88 5.99 10.99
CA ILE D 978 27.89 6.93 11.48
C ILE D 978 27.33 8.34 11.54
N ASN D 979 26.74 8.80 10.44
CA ASN D 979 26.20 10.15 10.37
C ASN D 979 25.29 10.25 9.16
N ASN D 980 24.77 11.45 8.92
CA ASN D 980 23.87 11.69 7.80
C ASN D 980 24.57 12.29 6.60
N TYR D 981 25.91 12.37 6.62
CA TYR D 981 26.65 12.86 5.46
C TYR D 981 26.55 11.92 4.27
N HIS D 982 26.12 10.67 4.48
CA HIS D 982 26.12 9.72 3.38
C HIS D 982 25.12 10.12 2.30
N HIS D 983 24.02 10.78 2.66
CA HIS D 983 23.09 11.26 1.66
C HIS D 983 23.75 12.28 0.74
N ALA D 984 24.42 13.27 1.32
CA ALA D 984 25.09 14.29 0.52
C ALA D 984 26.22 13.68 -0.31
N HIS D 985 26.96 12.73 0.27
CA HIS D 985 28.02 12.08 -0.48
C HIS D 985 27.46 11.29 -1.65
N ASP D 986 26.33 10.61 -1.44
CA ASP D 986 25.68 9.90 -2.53
C ASP D 986 25.25 10.86 -3.63
N ALA D 987 24.69 12.01 -3.24
CA ALA D 987 24.30 12.99 -4.25
C ALA D 987 25.50 13.48 -5.04
N TYR D 988 26.62 13.75 -4.34
CA TYR D 988 27.82 14.21 -5.03
C TYR D 988 28.32 13.15 -5.99
N LEU D 989 28.34 11.89 -5.57
CA LEU D 989 28.80 10.83 -6.45
C LEU D 989 27.87 10.65 -7.64
N ASN D 990 26.55 10.79 -7.42
CA ASN D 990 25.62 10.74 -8.54
C ASN D 990 25.93 11.83 -9.55
N ALA D 991 26.15 13.05 -9.06
CA ALA D 991 26.48 14.15 -9.96
C ALA D 991 27.75 13.86 -10.73
N VAL D 992 28.80 13.41 -10.03
CA VAL D 992 30.08 13.17 -10.67
C VAL D 992 29.97 12.09 -11.73
N VAL D 993 29.34 10.97 -11.38
CA VAL D 993 29.22 9.86 -12.33
C VAL D 993 28.38 10.26 -13.52
N GLY D 994 27.27 10.96 -13.29
CA GLY D 994 26.43 11.38 -14.40
C GLY D 994 27.16 12.31 -15.35
N THR D 995 27.86 13.30 -14.79
CA THR D 995 28.60 14.25 -15.63
C THR D 995 29.70 13.53 -16.41
N ALA D 996 30.44 12.65 -15.74
CA ALA D 996 31.52 11.95 -16.42
C ALA D 996 30.98 11.05 -17.53
N LEU D 997 29.86 10.37 -17.28
CA LEU D 997 29.29 9.49 -18.28
C LEU D 997 28.74 10.27 -19.46
N ILE D 998 28.11 11.42 -19.20
CA ILE D 998 27.57 12.20 -20.31
C ILE D 998 28.69 12.86 -21.09
N LYS D 999 29.82 13.16 -20.46
CA LYS D 999 30.96 13.69 -21.21
C LYS D 999 31.61 12.59 -22.05
N LYS D 1000 31.83 11.41 -21.47
CA LYS D 1000 32.56 10.37 -22.17
C LYS D 1000 31.75 9.74 -23.29
N TYR D 1001 30.44 9.57 -23.07
CA TYR D 1001 29.55 8.97 -24.06
C TYR D 1001 28.34 9.90 -24.27
N PRO D 1002 28.56 11.04 -24.92
CA PRO D 1002 27.42 11.95 -25.18
C PRO D 1002 26.32 11.29 -25.99
N LYS D 1003 26.66 10.42 -26.94
CA LYS D 1003 25.66 9.78 -27.79
C LYS D 1003 24.71 8.90 -27.00
N LEU D 1004 25.07 8.51 -25.78
CA LEU D 1004 24.18 7.73 -24.92
C LEU D 1004 23.17 8.59 -24.18
N GLU D 1005 23.19 9.91 -24.37
CA GLU D 1005 22.24 10.78 -23.68
C GLU D 1005 20.81 10.28 -23.87
N SER D 1006 20.47 10.00 -25.11
CA SER D 1006 19.16 9.51 -25.43
C SER D 1006 18.72 8.34 -24.56
N GLU D 1007 19.65 7.48 -24.16
CA GLU D 1007 19.32 6.31 -23.36
C GLU D 1007 18.99 6.67 -21.92
N PHE D 1008 19.64 7.69 -21.35
CA PHE D 1008 19.47 7.98 -19.94
C PHE D 1008 19.19 9.44 -19.61
N VAL D 1009 19.02 10.29 -20.61
CA VAL D 1009 18.65 11.69 -20.39
C VAL D 1009 17.25 11.89 -20.97
N TYR D 1010 16.34 12.42 -20.15
CA TYR D 1010 14.96 12.59 -20.58
C TYR D 1010 14.88 13.57 -21.74
N GLY D 1011 14.11 13.20 -22.75
CA GLY D 1011 13.91 14.02 -23.92
C GLY D 1011 13.94 13.16 -25.16
N ASP D 1012 13.87 13.83 -26.31
CA ASP D 1012 13.88 13.18 -27.61
C ASP D 1012 15.00 13.78 -28.45
N TYR D 1013 15.82 12.93 -29.05
CA TYR D 1013 16.94 13.39 -29.87
C TYR D 1013 17.10 12.52 -31.11
N VAL D 1018 23.23 3.00 -32.27
CA VAL D 1018 23.18 1.93 -31.28
C VAL D 1018 24.19 0.84 -31.61
N ARG D 1019 23.98 0.19 -32.76
CA ARG D 1019 24.87 -0.89 -33.16
C ARG D 1019 26.27 -0.40 -33.54
N LYS D 1020 26.40 0.87 -33.96
CA LYS D 1020 27.70 1.42 -34.28
C LYS D 1020 28.58 1.59 -33.04
N MET D 1021 27.98 1.58 -31.85
CA MET D 1021 28.75 1.78 -30.62
C MET D 1021 29.75 0.66 -30.39
N ILE D 1022 29.31 -0.58 -30.57
CA ILE D 1022 30.15 -1.73 -30.25
C ILE D 1022 31.14 -1.96 -31.38
N ALA D 1023 32.33 -2.44 -31.01
CA ALA D 1023 33.37 -2.77 -31.98
C ALA D 1023 33.36 -4.26 -32.32
N ALA D 1034 33.92 5.59 -34.65
CA ALA D 1034 32.91 6.09 -33.73
C ALA D 1034 32.48 5.01 -32.74
N LYS D 1035 33.18 3.88 -32.78
CA LYS D 1035 32.89 2.78 -31.88
C LYS D 1035 33.41 3.10 -30.48
N TYR D 1036 32.52 3.11 -29.50
CA TYR D 1036 32.90 3.48 -28.14
C TYR D 1036 33.83 2.46 -27.52
N PHE D 1037 33.46 1.18 -27.60
CA PHE D 1037 34.25 0.10 -27.00
C PHE D 1037 33.75 -1.22 -27.56
N PHE D 1038 34.50 -2.28 -27.28
CA PHE D 1038 34.11 -3.63 -27.65
C PHE D 1038 33.34 -4.34 -26.55
N TYR D 1039 33.56 -3.96 -25.29
CA TYR D 1039 32.83 -4.52 -24.17
C TYR D 1039 31.59 -3.69 -23.87
N SER D 1040 30.69 -4.25 -23.08
CA SER D 1040 29.45 -3.60 -22.73
C SER D 1040 29.52 -2.82 -21.42
N ASN D 1041 30.67 -2.79 -20.77
CA ASN D 1041 30.83 -1.97 -19.58
C ASN D 1041 30.81 -0.49 -19.95
N ILE D 1042 30.24 0.32 -19.07
CA ILE D 1042 30.18 1.76 -19.30
C ILE D 1042 30.83 2.57 -18.18
N MET D 1043 31.06 2.00 -17.01
CA MET D 1043 31.74 2.67 -15.92
C MET D 1043 33.18 2.17 -15.74
N ASN D 1044 33.66 1.34 -16.67
CA ASN D 1044 34.95 0.69 -16.50
C ASN D 1044 36.12 1.62 -16.74
N PHE D 1045 35.93 2.74 -17.43
CA PHE D 1045 37.05 3.61 -17.74
C PHE D 1045 37.57 4.36 -16.53
N PHE D 1046 36.83 4.37 -15.41
CA PHE D 1046 37.36 4.94 -14.19
C PHE D 1046 38.46 4.07 -13.58
N LYS D 1047 38.42 2.78 -13.85
CA LYS D 1047 39.39 1.85 -13.28
C LYS D 1047 40.80 2.17 -13.73
N THR D 1048 41.70 2.41 -12.76
CA THR D 1048 43.10 2.60 -13.10
C THR D 1048 43.69 1.34 -13.72
N GLU D 1049 43.36 0.17 -13.15
CA GLU D 1049 43.82 -1.11 -13.66
C GLU D 1049 42.60 -1.95 -14.02
N ILE D 1050 42.62 -2.56 -15.20
CA ILE D 1050 41.49 -3.34 -15.71
C ILE D 1050 41.93 -4.78 -15.91
N THR D 1051 41.11 -5.71 -15.45
CA THR D 1051 41.37 -7.13 -15.61
C THR D 1051 40.69 -7.64 -16.86
N LEU D 1052 41.43 -8.35 -17.70
CA LEU D 1052 40.92 -8.91 -18.94
C LEU D 1052 40.15 -10.22 -18.72
N ALA D 1053 39.77 -10.49 -17.47
CA ALA D 1053 38.95 -11.64 -17.09
C ALA D 1053 39.71 -12.95 -17.19
N ASN D 1054 40.93 -12.90 -17.74
CA ASN D 1054 41.79 -14.07 -17.86
C ASN D 1054 43.08 -13.91 -17.07
N GLY D 1055 43.09 -13.01 -16.09
CA GLY D 1055 44.29 -12.71 -15.34
C GLY D 1055 45.25 -11.76 -16.01
N GLU D 1056 44.90 -11.25 -17.19
CA GLU D 1056 45.75 -10.32 -17.94
C GLU D 1056 45.43 -8.91 -17.49
N ILE D 1057 45.99 -8.53 -16.34
CA ILE D 1057 45.78 -7.19 -15.81
C ILE D 1057 46.52 -6.19 -16.69
N ARG D 1058 45.78 -5.22 -17.22
CA ARG D 1058 46.32 -4.16 -18.05
C ARG D 1058 45.94 -2.81 -17.43
N LYS D 1059 46.39 -1.74 -18.06
CA LYS D 1059 46.13 -0.39 -17.57
C LYS D 1059 45.46 0.44 -18.65
N ARG D 1060 44.46 1.22 -18.25
CA ARG D 1060 43.85 2.19 -19.12
C ARG D 1060 44.71 3.45 -19.17
N PRO D 1061 44.51 4.31 -20.17
CA PRO D 1061 45.24 5.57 -20.20
C PRO D 1061 44.98 6.38 -18.94
N LEU D 1062 46.03 7.05 -18.46
CA LEU D 1062 45.92 7.80 -17.21
C LEU D 1062 44.88 8.91 -17.30
N ILE D 1063 44.86 9.62 -18.43
CA ILE D 1063 43.88 10.68 -18.66
C ILE D 1063 42.86 10.14 -19.65
N GLU D 1064 41.64 9.92 -19.17
CA GLU D 1064 40.54 9.45 -20.01
C GLU D 1064 39.85 10.66 -20.62
N THR D 1065 39.75 10.68 -21.94
CA THR D 1065 39.10 11.76 -22.65
C THR D 1065 38.32 11.19 -23.83
N ASN D 1066 37.25 11.89 -24.20
CA ASN D 1066 36.47 11.46 -25.35
C ASN D 1066 37.29 11.64 -26.62
N GLY D 1067 37.31 10.60 -27.45
CA GLY D 1067 38.16 10.64 -28.63
C GLY D 1067 37.75 11.70 -29.62
N GLU D 1068 36.45 11.80 -29.91
CA GLU D 1068 35.97 12.74 -30.91
C GLU D 1068 36.09 14.18 -30.42
N THR D 1069 35.62 14.45 -29.20
CA THR D 1069 35.67 15.81 -28.68
C THR D 1069 37.06 16.20 -28.22
N GLY D 1070 37.78 15.27 -27.61
CA GLY D 1070 39.08 15.57 -27.04
C GLY D 1070 39.04 16.18 -25.66
N GLU D 1071 37.86 16.42 -25.11
CA GLU D 1071 37.74 17.02 -23.78
C GLU D 1071 38.08 15.99 -22.72
N ILE D 1072 38.91 16.39 -21.75
CA ILE D 1072 39.29 15.50 -20.67
C ILE D 1072 38.07 15.21 -19.81
N VAL D 1073 37.77 13.93 -19.61
CA VAL D 1073 36.63 13.51 -18.80
C VAL D 1073 37.03 12.85 -17.50
N TRP D 1074 38.29 12.43 -17.36
CA TRP D 1074 38.71 11.76 -16.14
C TRP D 1074 40.22 11.92 -15.97
N ASP D 1075 40.63 12.56 -14.89
CA ASP D 1075 42.04 12.73 -14.55
C ASP D 1075 42.32 11.87 -13.32
N LYS D 1076 42.81 10.65 -13.56
CA LYS D 1076 43.02 9.70 -12.47
C LYS D 1076 43.99 10.22 -11.43
N GLY D 1077 44.93 11.10 -11.81
CA GLY D 1077 45.86 11.65 -10.85
C GLY D 1077 45.30 12.77 -10.01
N ARG D 1078 44.15 13.33 -10.40
CA ARG D 1078 43.53 14.42 -9.67
C ARG D 1078 42.10 14.12 -9.24
N ASP D 1079 41.33 13.43 -10.08
CA ASP D 1079 39.91 13.22 -9.78
C ASP D 1079 39.74 12.35 -8.54
N PHE D 1080 40.55 11.30 -8.39
CA PHE D 1080 40.47 10.47 -7.19
C PHE D 1080 40.79 11.28 -5.95
N ALA D 1081 41.85 12.09 -6.00
CA ALA D 1081 42.19 12.93 -4.85
C ALA D 1081 41.10 13.94 -4.56
N THR D 1082 40.54 14.54 -5.60
CA THR D 1082 39.47 15.52 -5.40
C THR D 1082 38.25 14.87 -4.75
N VAL D 1083 37.89 13.68 -5.21
CA VAL D 1083 36.76 12.96 -4.63
C VAL D 1083 37.05 12.61 -3.17
N ARG D 1084 38.28 12.17 -2.89
CA ARG D 1084 38.65 11.85 -1.51
C ARG D 1084 38.53 13.09 -0.62
N LYS D 1085 38.99 14.23 -1.11
CA LYS D 1085 38.85 15.47 -0.35
C LYS D 1085 37.38 15.82 -0.13
N VAL D 1086 36.57 15.68 -1.17
CA VAL D 1086 35.15 16.04 -1.07
C VAL D 1086 34.45 15.20 -0.02
N LEU D 1087 34.69 13.88 -0.06
CA LEU D 1087 34.08 12.99 0.92
C LEU D 1087 34.65 13.20 2.31
N SER D 1088 35.83 13.82 2.41
CA SER D 1088 36.46 14.08 3.70
C SER D 1088 36.17 15.48 4.21
N MET D 1089 35.35 16.26 3.52
CA MET D 1089 35.06 17.61 3.96
C MET D 1089 34.28 17.57 5.28
N PRO D 1090 34.70 18.33 6.30
CA PRO D 1090 34.01 18.24 7.59
C PRO D 1090 32.66 18.94 7.60
N GLN D 1091 32.54 20.08 6.93
CA GLN D 1091 31.31 20.87 6.97
C GLN D 1091 30.39 20.44 5.84
N VAL D 1092 29.22 19.92 6.19
CA VAL D 1092 28.19 19.52 5.23
C VAL D 1092 26.86 20.07 5.71
N ASN D 1093 26.10 20.66 4.79
CA ASN D 1093 24.84 21.32 5.14
C ASN D 1093 23.77 20.26 5.38
N ILE D 1094 23.74 19.75 6.60
CA ILE D 1094 22.69 18.84 7.05
C ILE D 1094 21.61 19.64 7.73
N VAL D 1095 20.41 19.62 7.18
CA VAL D 1095 19.29 20.42 7.65
C VAL D 1095 18.11 19.51 7.91
N LYS D 1096 17.51 19.65 9.09
CA LYS D 1096 16.27 18.95 9.42
C LYS D 1096 15.10 19.87 9.10
N LYS D 1097 14.19 19.40 8.25
CA LYS D 1097 13.09 20.23 7.80
C LYS D 1097 12.16 20.53 8.97
N THR D 1098 12.22 21.77 9.47
CA THR D 1098 11.30 22.17 10.53
C THR D 1098 9.87 22.17 10.00
N GLU D 1099 8.98 21.49 10.71
CA GLU D 1099 7.61 21.32 10.25
C GLU D 1099 6.68 21.28 11.44
N VAL D 1100 5.58 22.01 11.36
CA VAL D 1100 4.62 22.03 12.45
C VAL D 1100 3.96 20.67 12.54
N GLN D 1101 4.06 20.03 13.70
CA GLN D 1101 3.47 18.72 13.88
C GLN D 1101 1.95 18.81 13.90
N THR D 1102 1.31 17.80 13.35
CA THR D 1102 -0.15 17.77 13.25
C THR D 1102 -0.62 16.33 13.36
N GLY D 1103 -1.90 16.17 13.68
CA GLY D 1103 -2.50 14.86 13.82
C GLY D 1103 -3.48 14.78 14.96
N GLY D 1104 -3.53 13.63 15.64
CA GLY D 1104 -4.44 13.48 16.74
C GLY D 1104 -4.09 14.42 17.88
N PHE D 1105 -5.11 14.85 18.61
CA PHE D 1105 -4.89 15.80 19.70
C PHE D 1105 -3.98 15.23 20.77
N SER D 1106 -4.10 13.94 21.04
CA SER D 1106 -3.29 13.27 22.07
C SER D 1106 -3.44 11.76 21.86
N LYS D 1107 -2.94 10.99 22.81
CA LYS D 1107 -3.14 9.55 22.76
C LYS D 1107 -4.62 9.22 22.90
N GLU D 1108 -5.10 8.33 22.05
CA GLU D 1108 -6.53 8.04 22.01
C GLU D 1108 -6.99 7.18 23.18
N SER D 1109 -6.07 6.57 23.92
CA SER D 1109 -6.47 5.75 25.06
C SER D 1109 -7.06 6.62 26.15
N ILE D 1110 -8.14 6.16 26.76
CA ILE D 1110 -8.81 6.90 27.83
C ILE D 1110 -8.19 6.49 29.16
N LEU D 1111 -7.81 7.48 29.96
CA LEU D 1111 -7.24 7.08 31.23
C LEU D 1111 -8.28 7.16 32.35
N PRO D 1112 -8.17 6.28 33.34
CA PRO D 1112 -9.08 6.34 34.49
C PRO D 1112 -8.85 7.60 35.31
N LYS D 1113 -9.86 7.96 36.08
CA LYS D 1113 -9.82 9.20 36.84
C LYS D 1113 -8.63 9.22 37.80
N ARG D 1114 -7.91 10.32 37.81
CA ARG D 1114 -6.78 10.54 38.70
C ARG D 1114 -6.77 12.00 39.12
N ASN D 1115 -6.05 12.29 40.20
CA ASN D 1115 -5.89 13.67 40.67
C ASN D 1115 -4.62 14.28 40.11
N SER D 1116 -4.61 14.45 38.79
CA SER D 1116 -3.48 15.02 38.07
C SER D 1116 -3.96 16.04 37.06
N ASP D 1117 -3.17 17.07 36.83
CA ASP D 1117 -3.51 18.13 35.89
C ASP D 1117 -3.13 17.77 34.45
N LYS D 1118 -2.40 16.67 34.25
CA LYS D 1118 -2.01 16.28 32.91
C LYS D 1118 -3.16 15.68 32.10
N LEU D 1119 -4.30 15.39 32.74
CA LEU D 1119 -5.42 14.83 32.03
C LEU D 1119 -6.12 15.89 31.18
N ILE D 1120 -6.70 15.44 30.07
CA ILE D 1120 -7.41 16.31 29.14
C ILE D 1120 -8.85 15.86 29.08
N ALA D 1121 -9.78 16.79 29.27
CA ALA D 1121 -11.19 16.46 29.34
C ALA D 1121 -11.70 15.93 28.00
N ARG D 1122 -12.54 14.89 28.07
CA ARG D 1122 -13.15 14.32 26.88
C ARG D 1122 -14.41 15.06 26.45
N LYS D 1123 -14.85 16.03 27.24
CA LYS D 1123 -16.02 16.84 26.90
C LYS D 1123 -15.88 18.18 27.62
N LYS D 1124 -16.75 19.12 27.26
CA LYS D 1124 -16.64 20.46 27.82
C LYS D 1124 -16.97 20.47 29.31
N ASP D 1125 -17.97 19.69 29.72
CA ASP D 1125 -18.43 19.69 31.10
C ASP D 1125 -17.96 18.48 31.89
N TRP D 1126 -17.10 17.64 31.30
CA TRP D 1126 -16.64 16.43 31.96
C TRP D 1126 -15.26 16.71 32.54
N ASP D 1127 -15.24 17.11 33.81
CA ASP D 1127 -14.00 17.38 34.52
C ASP D 1127 -13.15 16.12 34.57
N PRO D 1128 -11.89 16.16 34.12
CA PRO D 1128 -11.06 14.95 34.20
C PRO D 1128 -10.87 14.43 35.61
N LYS D 1129 -11.02 15.28 36.62
CA LYS D 1129 -10.87 14.82 38.00
C LYS D 1129 -11.93 13.79 38.38
N LYS D 1130 -13.04 13.73 37.65
CA LYS D 1130 -14.09 12.76 37.91
C LYS D 1130 -14.18 11.68 36.86
N TYR D 1131 -14.22 12.05 35.59
CA TYR D 1131 -14.47 11.10 34.50
C TYR D 1131 -13.21 10.69 33.76
N GLY D 1132 -12.05 11.15 34.18
CA GLY D 1132 -10.85 10.83 33.44
C GLY D 1132 -10.81 11.56 32.11
N GLY D 1133 -9.85 11.18 31.28
CA GLY D 1133 -9.71 11.80 29.99
C GLY D 1133 -8.39 11.44 29.34
N PHE D 1134 -8.07 12.17 28.29
CA PHE D 1134 -6.86 11.94 27.53
C PHE D 1134 -5.67 12.60 28.21
N ASP D 1135 -4.47 12.12 27.84
CA ASP D 1135 -3.21 12.71 28.28
C ASP D 1135 -2.24 12.70 27.12
N SER D 1136 -1.03 13.20 27.36
CA SER D 1136 0.03 13.28 26.36
C SER D 1136 -0.42 14.05 25.13
N PRO D 1137 -0.74 15.34 25.25
CA PRO D 1137 -1.07 16.12 24.06
C PRO D 1137 0.15 16.28 23.16
N THR D 1138 -0.10 16.35 21.87
CA THR D 1138 0.95 16.54 20.89
C THR D 1138 1.11 18.03 20.59
N VAL D 1139 2.33 18.53 20.73
CA VAL D 1139 2.60 19.95 20.57
C VAL D 1139 2.88 20.24 19.10
N ALA D 1140 2.10 21.14 18.51
CA ALA D 1140 2.32 21.50 17.10
C ALA D 1140 3.58 22.34 16.95
N TYR D 1141 3.66 23.45 17.69
CA TYR D 1141 4.84 24.30 17.69
C TYR D 1141 4.90 25.07 18.98
N SER D 1142 6.11 25.22 19.53
CA SER D 1142 6.26 26.01 20.74
C SER D 1142 6.31 27.49 20.40
N VAL D 1143 6.14 28.32 21.43
CA VAL D 1143 6.17 29.76 21.27
C VAL D 1143 7.04 30.35 22.37
N LEU D 1144 8.04 31.13 21.98
CA LEU D 1144 8.91 31.81 22.92
C LEU D 1144 8.24 33.11 23.33
N VAL D 1145 7.79 33.17 24.59
CA VAL D 1145 7.03 34.29 25.11
C VAL D 1145 7.89 35.06 26.10
N VAL D 1146 7.91 36.38 25.95
CA VAL D 1146 8.51 37.28 26.92
C VAL D 1146 7.37 38.09 27.53
N ALA D 1147 7.10 37.85 28.81
CA ALA D 1147 5.97 38.48 29.49
C ALA D 1147 6.24 38.46 30.98
N LYS D 1148 5.20 38.72 31.77
CA LYS D 1148 5.30 38.75 33.22
C LYS D 1148 4.21 37.88 33.82
N VAL D 1149 4.51 37.30 34.99
CA VAL D 1149 3.59 36.44 35.70
C VAL D 1149 3.48 36.92 37.13
N GLU D 1150 2.39 36.52 37.79
CA GLU D 1150 2.13 36.89 39.18
C GLU D 1150 2.98 35.99 40.10
N LYS D 1151 4.28 36.28 40.11
CA LYS D 1151 5.22 35.46 40.86
C LYS D 1151 4.99 35.64 42.36
N GLY D 1152 4.98 34.51 43.08
CA GLY D 1152 4.89 34.55 44.52
C GLY D 1152 3.50 34.91 45.01
N LYS D 1153 3.38 34.92 46.34
CA LYS D 1153 2.12 35.32 46.97
C LYS D 1153 1.85 36.81 46.78
N SER D 1154 2.91 37.61 46.71
CA SER D 1154 2.78 39.05 46.49
C SER D 1154 2.37 39.40 45.08
N LYS D 1155 2.29 38.42 44.18
CA LYS D 1155 1.92 38.65 42.77
C LYS D 1155 2.88 39.63 42.11
N LYS D 1156 4.17 39.49 42.39
CA LYS D 1156 5.18 40.33 41.76
C LYS D 1156 5.28 39.99 40.28
N LEU D 1157 5.24 41.03 39.45
CA LEU D 1157 5.29 40.85 38.00
C LEU D 1157 6.75 40.69 37.58
N LYS D 1158 7.26 39.48 37.77
CA LYS D 1158 8.62 39.16 37.35
C LYS D 1158 8.64 38.83 35.87
N SER D 1159 9.58 39.44 35.15
CA SER D 1159 9.72 39.16 33.72
C SER D 1159 10.16 37.73 33.52
N VAL D 1160 9.47 37.01 32.65
CA VAL D 1160 9.75 35.61 32.40
C VAL D 1160 9.96 35.39 30.91
N LYS D 1161 10.84 34.45 30.59
CA LYS D 1161 11.11 34.06 29.21
C LYS D 1161 11.26 32.56 29.18
N GLU D 1162 10.24 31.87 28.68
CA GLU D 1162 10.25 30.41 28.67
C GLU D 1162 9.39 29.91 27.51
N LEU D 1163 9.63 28.66 27.13
CA LEU D 1163 8.90 28.06 26.03
C LEU D 1163 7.53 27.57 26.51
N LEU D 1164 6.49 27.90 25.75
CA LEU D 1164 5.14 27.45 26.04
C LEU D 1164 4.68 26.54 24.92
N GLY D 1165 4.16 25.37 25.29
CA GLY D 1165 3.74 24.39 24.31
C GLY D 1165 2.35 24.64 23.75
N ILE D 1166 2.27 24.95 22.46
CA ILE D 1166 0.98 25.08 21.79
C ILE D 1166 0.56 23.72 21.30
N THR D 1167 -0.48 23.16 21.90
CA THR D 1167 -1.00 21.86 21.50
C THR D 1167 -1.84 22.00 20.24
N ILE D 1168 -2.04 20.87 19.56
CA ILE D 1168 -2.84 20.88 18.34
C ILE D 1168 -4.26 21.32 18.63
N MET D 1169 -4.80 20.87 19.77
CA MET D 1169 -6.16 21.27 20.14
C MET D 1169 -6.26 22.78 20.35
N GLU D 1170 -5.22 23.37 20.93
CA GLU D 1170 -5.21 24.80 21.22
C GLU D 1170 -4.64 25.64 20.08
N ARG D 1171 -4.25 25.02 18.97
CA ARG D 1171 -3.62 25.77 17.88
C ARG D 1171 -4.57 26.81 17.31
N SER D 1172 -5.81 26.43 17.02
CA SER D 1172 -6.75 27.37 16.45
C SER D 1172 -7.05 28.51 17.42
N SER D 1173 -7.21 28.19 18.70
CA SER D 1173 -7.48 29.22 19.70
C SER D 1173 -6.32 30.20 19.80
N PHE D 1174 -5.08 29.69 19.80
CA PHE D 1174 -3.93 30.58 19.90
C PHE D 1174 -3.79 31.44 18.66
N GLU D 1175 -3.99 30.86 17.47
CA GLU D 1175 -3.83 31.65 16.25
C GLU D 1175 -4.95 32.67 16.08
N LYS D 1176 -6.14 32.40 16.61
CA LYS D 1176 -7.23 33.36 16.46
C LYS D 1176 -6.94 34.64 17.23
N ASN D 1177 -6.47 34.52 18.47
CA ASN D 1177 -6.12 35.69 19.27
C ASN D 1177 -5.04 35.28 20.25
N PRO D 1178 -3.77 35.46 19.89
CA PRO D 1178 -2.68 35.03 20.78
C PRO D 1178 -2.67 35.74 22.13
N ILE D 1179 -3.07 37.01 22.18
CA ILE D 1179 -2.95 37.77 23.42
C ILE D 1179 -3.85 37.17 24.50
N ASP D 1180 -5.11 36.93 24.16
CA ASP D 1180 -6.06 36.39 25.14
C ASP D 1180 -5.63 35.00 25.59
N PHE D 1181 -5.20 34.16 24.63
CA PHE D 1181 -4.80 32.81 24.99
C PHE D 1181 -3.60 32.82 25.93
N LEU D 1182 -2.60 33.66 25.65
CA LEU D 1182 -1.44 33.73 26.52
C LEU D 1182 -1.78 34.32 27.88
N GLU D 1183 -2.71 35.27 27.93
CA GLU D 1183 -3.14 35.79 29.22
C GLU D 1183 -3.89 34.75 30.02
N ALA D 1184 -4.66 33.89 29.36
CA ALA D 1184 -5.41 32.85 30.05
C ALA D 1184 -4.51 31.81 30.70
N LYS D 1185 -3.27 31.69 30.24
CA LYS D 1185 -2.33 30.72 30.82
C LYS D 1185 -1.46 31.32 31.90
N GLY D 1186 -1.71 32.56 32.29
CA GLY D 1186 -1.02 33.18 33.41
C GLY D 1186 0.04 34.20 33.04
N TYR D 1187 0.20 34.54 31.76
CA TYR D 1187 1.22 35.47 31.32
C TYR D 1187 0.60 36.85 31.11
N LYS D 1188 1.26 37.87 31.64
CA LYS D 1188 0.77 39.24 31.58
C LYS D 1188 1.81 40.13 30.92
N GLU D 1189 1.32 41.22 30.33
CA GLU D 1189 2.14 42.19 29.61
C GLU D 1189 2.94 41.49 28.52
N VAL D 1190 2.22 40.87 27.59
CA VAL D 1190 2.82 40.09 26.52
C VAL D 1190 3.28 41.01 25.40
N LYS D 1191 4.53 40.86 24.99
CA LYS D 1191 5.06 41.61 23.86
C LYS D 1191 4.61 40.92 22.57
N LYS D 1192 3.70 41.57 21.83
CA LYS D 1192 3.14 40.95 20.63
C LYS D 1192 4.22 40.74 19.57
N ASP D 1193 5.11 41.72 19.39
CA ASP D 1193 6.12 41.62 18.35
C ASP D 1193 7.29 40.74 18.73
N LEU D 1194 7.46 40.42 20.00
CA LEU D 1194 8.55 39.56 20.44
C LEU D 1194 8.16 38.09 20.45
N ILE D 1195 6.93 37.75 20.07
CA ILE D 1195 6.51 36.36 20.01
C ILE D 1195 7.25 35.66 18.88
N ILE D 1196 7.91 34.55 19.20
CA ILE D 1196 8.70 33.80 18.23
C ILE D 1196 8.13 32.39 18.13
N LYS D 1197 7.78 31.98 16.92
CA LYS D 1197 7.20 30.67 16.67
C LYS D 1197 8.30 29.67 16.36
N LEU D 1198 8.38 28.61 17.16
CA LEU D 1198 9.41 27.57 17.00
C LEU D 1198 8.74 26.25 16.69
N PRO D 1199 8.66 25.85 15.42
CA PRO D 1199 8.17 24.51 15.09
C PRO D 1199 9.13 23.46 15.59
N LYS D 1200 8.73 22.20 15.43
CA LYS D 1200 9.60 21.10 15.79
C LYS D 1200 10.87 21.14 14.95
N TYR D 1201 11.97 20.66 15.54
CA TYR D 1201 13.29 20.61 14.92
C TYR D 1201 13.90 21.99 14.71
N SER D 1202 13.40 23.01 15.40
CA SER D 1202 14.04 24.32 15.37
C SER D 1202 15.44 24.20 15.96
N LEU D 1203 16.40 24.91 15.36
CA LEU D 1203 17.80 24.70 15.64
C LEU D 1203 18.32 25.77 16.61
N PHE D 1204 19.01 25.33 17.65
CA PHE D 1204 19.64 26.22 18.62
C PHE D 1204 21.12 25.91 18.70
N GLU D 1205 21.94 26.95 18.76
CA GLU D 1205 23.37 26.84 19.01
C GLU D 1205 23.62 27.43 20.40
N LEU D 1206 23.98 26.56 21.35
CA LEU D 1206 24.16 27.01 22.73
C LEU D 1206 25.53 27.65 22.92
N GLU D 1207 26.59 26.86 22.76
CA GLU D 1207 27.97 27.33 22.91
C GLU D 1207 28.90 26.19 22.52
N ASN D 1208 30.10 26.56 22.07
CA ASN D 1208 31.14 25.60 21.74
C ASN D 1208 30.68 24.62 20.66
N GLY D 1209 29.84 25.07 19.74
CA GLY D 1209 29.39 24.24 18.65
C GLY D 1209 28.34 23.22 19.00
N ARG D 1210 27.76 23.29 20.19
CA ARG D 1210 26.74 22.34 20.62
C ARG D 1210 25.38 22.79 20.11
N LYS D 1211 24.86 22.07 19.11
CA LYS D 1211 23.59 22.42 18.48
C LYS D 1211 22.52 21.40 18.87
N ARG D 1212 21.32 21.91 19.14
CA ARG D 1212 20.21 21.09 19.60
C ARG D 1212 18.95 21.43 18.81
N MET D 1213 18.15 20.41 18.53
CA MET D 1213 16.89 20.60 17.82
C MET D 1213 15.73 20.47 18.80
N LEU D 1214 14.84 21.45 18.79
CA LEU D 1214 13.75 21.53 19.76
C LEU D 1214 12.68 20.50 19.39
N ALA D 1215 12.76 19.32 19.99
CA ALA D 1215 11.84 18.25 19.65
C ALA D 1215 10.42 18.55 20.11
N SER D 1216 10.28 19.28 21.21
CA SER D 1216 8.98 19.61 21.77
C SER D 1216 9.15 20.82 22.68
N ALA D 1217 8.08 21.15 23.41
CA ALA D 1217 8.17 22.26 24.36
C ALA D 1217 9.12 21.95 25.52
N GLY D 1218 9.44 20.68 25.74
CA GLY D 1218 10.26 20.31 26.87
C GLY D 1218 11.28 19.23 26.58
N GLU D 1219 11.72 19.11 25.33
CA GLU D 1219 12.68 18.08 24.99
C GLU D 1219 13.56 18.53 23.83
N LEU D 1220 14.83 18.17 23.90
CA LEU D 1220 15.81 18.51 22.88
C LEU D 1220 16.34 17.23 22.23
N GLN D 1221 16.93 17.41 21.05
CA GLN D 1221 17.54 16.32 20.31
C GLN D 1221 18.93 16.73 19.84
N LYS D 1222 19.81 15.74 19.77
CA LYS D 1222 21.17 15.99 19.28
C LYS D 1222 21.12 16.50 17.85
N GLY D 1223 21.91 17.55 17.58
CA GLY D 1223 21.84 18.20 16.29
C GLY D 1223 23.17 18.34 15.56
N ASN D 1224 24.24 17.80 16.15
CA ASN D 1224 25.55 17.87 15.54
C ASN D 1224 25.94 16.53 14.92
N GLU D 1225 26.69 16.59 13.83
CA GLU D 1225 27.16 15.41 13.13
C GLU D 1225 28.64 15.20 13.40
N LEU D 1226 29.03 13.94 13.48
CA LEU D 1226 30.43 13.56 13.70
C LEU D 1226 31.12 13.44 12.35
N ALA D 1227 32.09 14.30 12.09
CA ALA D 1227 32.82 14.31 10.83
C ALA D 1227 34.01 13.35 10.93
N LEU D 1228 33.70 12.07 10.91
CA LEU D 1228 34.72 11.04 11.08
C LEU D 1228 35.66 11.01 9.88
N PRO D 1229 36.96 10.83 10.10
CA PRO D 1229 37.90 10.72 8.97
C PRO D 1229 37.59 9.51 8.10
N SER D 1230 37.88 9.67 6.81
CA SER D 1230 37.54 8.63 5.84
C SER D 1230 38.27 7.32 6.10
N LYS D 1231 39.48 7.40 6.66
CA LYS D 1231 40.21 6.18 6.97
C LYS D 1231 39.45 5.33 7.98
N TYR D 1232 38.89 5.96 9.00
CA TYR D 1232 38.12 5.23 10.00
C TYR D 1232 36.87 4.63 9.39
N VAL D 1233 36.21 5.35 8.49
CA VAL D 1233 35.02 4.82 7.83
C VAL D 1233 35.38 3.59 7.00
N ASN D 1234 36.49 3.66 6.26
CA ASN D 1234 36.91 2.51 5.45
C ASN D 1234 37.25 1.32 6.33
N PHE D 1235 37.97 1.56 7.43
CA PHE D 1235 38.30 0.47 8.34
C PHE D 1235 37.05 -0.17 8.93
N LEU D 1236 36.08 0.66 9.32
CA LEU D 1236 34.84 0.12 9.87
C LEU D 1236 34.08 -0.69 8.83
N TYR D 1237 34.05 -0.21 7.59
CA TYR D 1237 33.38 -0.97 6.53
C TYR D 1237 34.05 -2.31 6.29
N LEU D 1238 35.38 -2.32 6.25
CA LEU D 1238 36.09 -3.56 5.94
C LEU D 1238 36.03 -4.56 7.08
N ALA D 1239 36.24 -4.09 8.31
CA ALA D 1239 36.33 -5.00 9.44
C ALA D 1239 35.01 -5.70 9.71
N SER D 1240 33.90 -4.97 9.63
CA SER D 1240 32.60 -5.52 9.98
C SER D 1240 31.96 -6.32 8.86
N HIS D 1241 32.59 -6.39 7.69
CA HIS D 1241 32.02 -7.05 6.52
C HIS D 1241 30.61 -6.54 6.26
N TYR D 1242 30.49 -5.21 6.18
CA TYR D 1242 29.16 -4.59 6.09
C TYR D 1242 28.44 -5.01 4.82
N GLU D 1243 29.17 -5.34 3.76
CA GLU D 1243 28.58 -5.83 2.53
C GLU D 1243 29.61 -6.60 1.72
N SER D 1248 38.22 -12.17 -5.49
CA SER D 1248 39.52 -11.53 -5.32
C SER D 1248 40.10 -11.81 -3.95
N PRO D 1249 40.59 -13.04 -3.74
CA PRO D 1249 41.13 -13.40 -2.42
C PRO D 1249 42.31 -12.53 -2.00
N GLU D 1250 43.15 -12.10 -2.93
CA GLU D 1250 44.26 -11.22 -2.59
C GLU D 1250 43.74 -9.88 -2.07
N ASP D 1251 42.70 -9.34 -2.71
CA ASP D 1251 42.10 -8.11 -2.21
C ASP D 1251 41.54 -8.30 -0.81
N ASN D 1252 40.88 -9.43 -0.56
CA ASN D 1252 40.34 -9.70 0.77
C ASN D 1252 41.45 -9.80 1.80
N GLU D 1253 42.56 -10.46 1.45
CA GLU D 1253 43.68 -10.57 2.38
C GLU D 1253 44.30 -9.21 2.67
N GLN D 1254 44.45 -8.38 1.65
CA GLN D 1254 44.99 -7.04 1.87
C GLN D 1254 44.04 -6.20 2.72
N LYS D 1255 42.74 -6.33 2.49
CA LYS D 1255 41.76 -5.63 3.32
C LYS D 1255 41.84 -6.10 4.77
N GLN D 1256 42.01 -7.41 4.97
CA GLN D 1256 42.15 -7.92 6.33
C GLN D 1256 43.42 -7.39 6.99
N LEU D 1257 44.51 -7.28 6.22
CA LEU D 1257 45.73 -6.70 6.74
C LEU D 1257 45.51 -5.25 7.16
N PHE D 1258 44.80 -4.48 6.33
CA PHE D 1258 44.48 -3.11 6.69
C PHE D 1258 43.59 -3.06 7.93
N VAL D 1259 42.68 -4.01 8.06
CA VAL D 1259 41.83 -4.10 9.25
C VAL D 1259 42.67 -4.33 10.49
N GLU D 1260 43.65 -5.22 10.40
CA GLU D 1260 44.53 -5.46 11.54
C GLU D 1260 45.38 -4.23 11.84
N GLN D 1261 45.86 -3.55 10.81
CA GLN D 1261 46.70 -2.36 11.02
C GLN D 1261 45.92 -1.22 11.66
N HIS D 1262 44.67 -1.02 11.26
CA HIS D 1262 43.85 0.02 11.86
C HIS D 1262 43.18 -0.43 13.15
N LYS D 1263 43.22 -1.73 13.43
CA LYS D 1263 42.88 -2.21 14.77
C LYS D 1263 43.86 -1.68 15.80
N HIS D 1264 45.11 -1.49 15.39
CA HIS D 1264 46.04 -0.70 16.20
C HIS D 1264 45.50 0.70 16.43
N TYR D 1265 44.71 1.22 15.50
CA TYR D 1265 44.06 2.52 15.60
C TYR D 1265 42.63 2.44 16.14
N LEU D 1266 42.15 1.25 16.48
CA LEU D 1266 40.80 1.07 17.01
C LEU D 1266 40.49 2.02 18.16
N ASP D 1267 41.43 2.19 19.08
CA ASP D 1267 41.19 3.06 20.23
C ASP D 1267 41.02 4.52 19.82
N GLU D 1268 41.54 4.90 18.65
CA GLU D 1268 41.36 6.27 18.18
C GLU D 1268 39.91 6.58 17.88
N ILE D 1269 39.16 5.60 17.36
CA ILE D 1269 37.74 5.81 17.11
C ILE D 1269 37.01 6.05 18.42
N ILE D 1270 37.32 5.27 19.45
CA ILE D 1270 36.70 5.47 20.75
C ILE D 1270 37.09 6.82 21.34
N GLU D 1271 38.35 7.22 21.13
CA GLU D 1271 38.78 8.53 21.62
C GLU D 1271 38.02 9.65 20.93
N GLN D 1272 37.83 9.54 19.61
CA GLN D 1272 37.06 10.54 18.87
C GLN D 1272 35.62 10.58 19.36
N ILE D 1273 35.03 9.41 19.59
CA ILE D 1273 33.66 9.36 20.09
C ILE D 1273 33.57 10.04 21.45
N SER D 1274 34.52 9.76 22.34
CA SER D 1274 34.51 10.36 23.67
C SER D 1274 34.67 11.86 23.60
N GLU D 1275 35.57 12.34 22.74
CA GLU D 1275 35.77 13.78 22.60
C GLU D 1275 34.50 14.45 22.09
N PHE D 1276 33.86 13.85 21.09
CA PHE D 1276 32.64 14.42 20.56
C PHE D 1276 31.52 14.39 21.59
N SER D 1277 31.46 13.32 22.40
CA SER D 1277 30.44 13.23 23.44
C SER D 1277 30.64 14.31 24.48
N LYS D 1278 31.89 14.53 24.91
CA LYS D 1278 32.16 15.58 25.89
C LYS D 1278 31.88 16.95 25.30
N ARG D 1279 32.16 17.15 24.02
CA ARG D 1279 31.99 18.45 23.42
C ARG D 1279 30.51 18.79 23.22
N VAL D 1280 29.73 17.83 22.72
CA VAL D 1280 28.39 18.16 22.23
C VAL D 1280 27.30 17.33 22.90
N ILE D 1281 27.62 16.10 23.32
CA ILE D 1281 26.57 15.22 23.79
C ILE D 1281 26.29 15.44 25.27
N LEU D 1282 27.34 15.57 26.08
CA LEU D 1282 27.20 15.78 27.52
C LEU D 1282 26.39 14.68 28.18
N ALA D 1283 26.73 13.43 27.85
CA ALA D 1283 26.11 12.25 28.46
C ALA D 1283 27.21 11.51 29.21
N ASP D 1284 27.42 11.91 30.46
CA ASP D 1284 28.56 11.40 31.22
C ASP D 1284 28.40 9.93 31.55
N ALA D 1285 27.25 9.54 32.10
CA ALA D 1285 27.07 8.17 32.56
C ALA D 1285 27.14 7.18 31.40
N ASN D 1286 26.47 7.51 30.29
CA ASN D 1286 26.49 6.61 29.14
C ASN D 1286 27.90 6.50 28.57
N LEU D 1287 28.63 7.61 28.50
CA LEU D 1287 29.99 7.56 27.99
C LEU D 1287 30.89 6.72 28.89
N ASP D 1288 30.75 6.86 30.20
CA ASP D 1288 31.55 6.07 31.13
C ASP D 1288 31.22 4.59 30.99
N LYS D 1289 29.94 4.26 30.86
CA LYS D 1289 29.56 2.86 30.68
C LYS D 1289 30.10 2.31 29.36
N VAL D 1290 30.06 3.12 28.30
CA VAL D 1290 30.61 2.70 27.02
C VAL D 1290 32.09 2.43 27.13
N LEU D 1291 32.83 3.32 27.80
CA LEU D 1291 34.26 3.13 27.97
C LEU D 1291 34.55 1.89 28.80
N SER D 1292 33.80 1.68 29.88
CA SER D 1292 34.02 0.51 30.72
C SER D 1292 33.75 -0.77 29.95
N ALA D 1293 32.66 -0.80 29.19
CA ALA D 1293 32.33 -1.99 28.40
C ALA D 1293 33.38 -2.24 27.32
N TYR D 1294 33.85 -1.16 26.67
CA TYR D 1294 34.91 -1.33 25.67
C TYR D 1294 36.18 -1.88 26.30
N ASN D 1295 36.54 -1.36 27.48
CA ASN D 1295 37.74 -1.85 28.15
C ASN D 1295 37.59 -3.32 28.55
N LYS D 1296 36.39 -3.69 28.98
CA LYS D 1296 36.12 -5.10 29.30
C LYS D 1296 36.22 -5.98 28.08
N HIS D 1297 35.69 -5.53 26.94
CA HIS D 1297 35.61 -6.36 25.74
C HIS D 1297 36.71 -6.02 24.73
N ARG D 1298 37.82 -5.47 25.19
CA ARG D 1298 38.98 -5.30 24.33
C ARG D 1298 39.47 -6.62 23.75
N ASP D 1299 39.27 -7.72 24.47
CA ASP D 1299 39.77 -9.01 24.01
C ASP D 1299 38.89 -9.65 22.94
N LYS D 1300 37.75 -9.04 22.63
CA LYS D 1300 36.84 -9.59 21.64
C LYS D 1300 37.46 -9.53 20.23
N PRO D 1301 37.00 -10.39 19.33
CA PRO D 1301 37.53 -10.37 17.95
C PRO D 1301 37.31 -9.02 17.29
N ILE D 1302 38.17 -8.71 16.31
CA ILE D 1302 38.17 -7.38 15.70
C ILE D 1302 36.82 -7.10 15.03
N ARG D 1303 36.28 -8.08 14.31
CA ARG D 1303 35.03 -7.86 13.59
C ARG D 1303 33.87 -7.57 14.54
N GLU D 1304 33.79 -8.33 15.64
CA GLU D 1304 32.72 -8.09 16.61
C GLU D 1304 32.86 -6.71 17.22
N GLN D 1305 34.09 -6.31 17.55
CA GLN D 1305 34.31 -4.98 18.11
C GLN D 1305 33.93 -3.90 17.12
N ALA D 1306 34.23 -4.10 15.83
CA ALA D 1306 33.85 -3.12 14.82
C ALA D 1306 32.34 -2.99 14.73
N GLU D 1307 31.63 -4.12 14.71
CA GLU D 1307 30.17 -4.07 14.68
C GLU D 1307 29.61 -3.39 15.91
N ASN D 1308 30.20 -3.67 17.07
CA ASN D 1308 29.75 -3.02 18.30
C ASN D 1308 30.02 -1.52 18.29
N ILE D 1309 31.11 -1.09 17.65
CA ILE D 1309 31.36 0.33 17.53
C ILE D 1309 30.36 0.98 16.57
N ILE D 1310 30.03 0.27 15.49
CA ILE D 1310 28.97 0.75 14.60
C ILE D 1310 27.68 0.94 15.38
N HIS D 1311 27.36 0.01 16.26
CA HIS D 1311 26.20 0.18 17.14
C HIS D 1311 26.40 1.37 18.07
N LEU D 1312 27.61 1.53 18.61
CA LEU D 1312 27.90 2.65 19.51
C LEU D 1312 27.69 3.99 18.83
N PHE D 1313 27.80 4.03 17.50
CA PHE D 1313 27.61 5.29 16.79
C PHE D 1313 26.22 5.87 16.99
N THR D 1314 25.25 5.06 17.43
CA THR D 1314 23.91 5.57 17.71
C THR D 1314 23.90 6.61 18.82
N LEU D 1315 24.93 6.61 19.68
CA LEU D 1315 24.98 7.58 20.77
C LEU D 1315 25.07 9.01 20.22
N THR D 1316 25.88 9.22 19.18
CA THR D 1316 26.14 10.55 18.67
C THR D 1316 25.42 10.85 17.38
N ASN D 1317 24.60 9.94 16.87
CA ASN D 1317 23.88 10.19 15.63
C ASN D 1317 22.84 11.27 15.83
N LEU D 1318 22.63 12.07 14.77
CA LEU D 1318 21.68 13.16 14.86
C LEU D 1318 20.25 12.64 15.00
N GLY D 1319 19.42 13.42 15.69
CA GLY D 1319 18.03 13.06 15.87
C GLY D 1319 17.66 12.76 17.31
N ALA D 1320 16.60 12.00 17.51
CA ALA D 1320 16.16 11.67 18.85
C ALA D 1320 17.10 10.67 19.49
N PRO D 1321 17.37 10.79 20.79
CA PRO D 1321 18.23 9.80 21.46
C PRO D 1321 17.59 8.42 21.42
N ALA D 1322 18.44 7.40 21.28
CA ALA D 1322 17.99 6.03 21.20
C ALA D 1322 18.94 5.13 21.97
N ALA D 1323 18.38 4.11 22.61
CA ALA D 1323 19.18 3.14 23.33
C ALA D 1323 19.88 2.20 22.36
N PHE D 1324 20.98 1.59 22.83
CA PHE D 1324 21.72 0.65 22.01
C PHE D 1324 22.28 -0.45 22.91
N LYS D 1325 23.00 -1.39 22.30
CA LYS D 1325 23.59 -2.52 23.03
C LYS D 1325 25.00 -2.75 22.52
N TYR D 1326 25.99 -2.51 23.37
CA TYR D 1326 27.37 -2.86 23.11
C TYR D 1326 27.61 -4.26 23.65
N PHE D 1327 27.70 -5.24 22.75
CA PHE D 1327 27.74 -6.65 23.13
C PHE D 1327 26.53 -7.00 23.98
N ASP D 1328 26.78 -7.31 25.26
CA ASP D 1328 25.72 -7.68 26.18
C ASP D 1328 25.34 -6.55 27.13
N THR D 1329 25.94 -5.37 27.00
CA THR D 1329 25.65 -4.24 27.86
C THR D 1329 24.71 -3.30 27.13
N THR D 1330 23.51 -3.11 27.69
CA THR D 1330 22.51 -2.25 27.08
C THR D 1330 22.59 -0.86 27.71
N ILE D 1331 22.74 0.15 26.86
CA ILE D 1331 22.79 1.55 27.30
C ILE D 1331 21.51 2.23 26.87
N ASP D 1332 20.80 2.79 27.84
CA ASP D 1332 19.53 3.44 27.58
C ASP D 1332 19.74 4.83 27.00
N ARG D 1333 18.68 5.36 26.41
CA ARG D 1333 18.75 6.68 25.79
C ARG D 1333 18.75 7.76 26.84
N LYS D 1334 19.64 8.75 26.67
CA LYS D 1334 19.68 9.92 27.54
C LYS D 1334 18.78 11.01 26.97
N ARG D 1335 17.84 11.48 27.76
CA ARG D 1335 16.85 12.45 27.32
C ARG D 1335 17.19 13.83 27.86
N TYR D 1336 17.13 14.82 26.99
CA TYR D 1336 17.36 16.21 27.38
C TYR D 1336 15.99 16.84 27.65
N THR D 1337 15.45 16.55 28.83
CA THR D 1337 14.09 16.93 29.17
C THR D 1337 13.98 18.34 29.73
N SER D 1338 15.00 19.17 29.55
CA SER D 1338 14.98 20.56 29.99
C SER D 1338 15.30 21.47 28.82
N THR D 1339 14.47 22.50 28.62
CA THR D 1339 14.67 23.47 27.56
C THR D 1339 15.03 24.84 28.12
N LYS D 1340 15.63 24.87 29.31
CA LYS D 1340 16.02 26.14 29.91
C LYS D 1340 17.25 26.74 29.25
N GLU D 1341 18.16 25.90 28.77
CA GLU D 1341 19.42 26.41 28.23
C GLU D 1341 19.22 27.14 26.91
N VAL D 1342 18.34 26.64 26.04
CA VAL D 1342 18.15 27.24 24.73
C VAL D 1342 17.59 28.65 24.83
N LEU D 1343 17.04 29.03 25.98
CA LEU D 1343 16.50 30.37 26.14
C LEU D 1343 17.56 31.46 26.02
N ASP D 1344 18.83 31.11 26.21
CA ASP D 1344 19.94 32.04 26.10
C ASP D 1344 20.89 31.68 24.97
N ALA D 1345 20.44 30.86 24.02
CA ALA D 1345 21.26 30.40 22.92
C ALA D 1345 20.96 31.22 21.67
N THR D 1346 21.53 30.79 20.54
CA THR D 1346 21.30 31.44 19.26
C THR D 1346 20.35 30.59 18.43
N LEU D 1347 19.18 31.14 18.12
CA LEU D 1347 18.23 30.46 17.25
C LEU D 1347 18.67 30.59 15.80
N ILE D 1348 18.56 29.50 15.04
CA ILE D 1348 18.94 29.50 13.64
C ILE D 1348 17.73 29.15 12.79
N HIS D 1349 17.39 30.05 11.88
CA HIS D 1349 16.40 29.79 10.84
C HIS D 1349 17.16 29.39 9.58
N GLN D 1350 17.26 28.09 9.34
CA GLN D 1350 17.93 27.57 8.16
C GLN D 1350 16.97 27.51 6.97
N SER D 1351 17.44 27.97 5.82
CA SER D 1351 16.62 27.93 4.61
C SER D 1351 16.39 26.47 4.19
N ILE D 1352 15.71 26.30 3.06
CA ILE D 1352 15.38 24.96 2.59
C ILE D 1352 16.65 24.15 2.36
N THR D 1353 17.66 24.78 1.76
CA THR D 1353 18.96 24.13 1.60
C THR D 1353 19.92 24.41 2.75
N GLY D 1354 19.60 25.39 3.59
CA GLY D 1354 20.43 25.68 4.75
C GLY D 1354 21.59 26.61 4.49
N LEU D 1355 21.81 27.03 3.25
CA LEU D 1355 22.89 27.97 2.97
C LEU D 1355 22.56 29.36 3.49
N TYR D 1356 21.33 29.82 3.25
CA TYR D 1356 20.87 31.10 3.76
C TYR D 1356 20.36 30.91 5.19
N GLU D 1357 21.10 31.43 6.15
CA GLU D 1357 20.77 31.24 7.55
C GLU D 1357 20.42 32.58 8.20
N THR D 1358 19.52 32.53 9.19
CA THR D 1358 19.11 33.71 9.95
C THR D 1358 19.33 33.43 11.42
N ARG D 1359 20.48 33.88 11.94
CA ARG D 1359 20.79 33.71 13.36
C ARG D 1359 20.20 34.86 14.17
N ILE D 1360 19.44 34.52 15.20
CA ILE D 1360 18.84 35.47 16.12
C ILE D 1360 19.33 35.16 17.53
N ASP D 1361 19.88 36.18 18.20
CA ASP D 1361 20.37 36.01 19.56
C ASP D 1361 19.21 36.14 20.53
N LEU D 1362 18.81 35.03 21.15
CA LEU D 1362 17.69 35.06 22.08
C LEU D 1362 18.05 35.68 23.41
N SER D 1363 19.34 35.74 23.75
CA SER D 1363 19.76 36.35 25.00
C SER D 1363 19.54 37.86 25.03
N GLN D 1364 19.28 38.48 23.87
CA GLN D 1364 19.02 39.90 23.81
C GLN D 1364 17.56 40.24 24.01
N LEU D 1365 16.71 39.25 24.28
CA LEU D 1365 15.29 39.47 24.47
C LEU D 1365 14.96 39.38 25.96
N GLY D 1366 14.24 40.37 26.46
CA GLY D 1366 13.87 40.43 27.86
C GLY D 1366 14.94 41.05 28.72
#